data_4HLB
# 
_entry.id   4HLB 
# 
_audit_conform.dict_name       mmcif_pdbx.dic 
_audit_conform.dict_version    5.398 
_audit_conform.dict_location   http://mmcif.pdb.org/dictionaries/ascii/mmcif_pdbx.dic 
# 
loop_
_database_2.database_id 
_database_2.database_code 
_database_2.pdbx_database_accession 
_database_2.pdbx_DOI 
PDB   4HLB         pdb_00004hlb 10.2210/pdb4hlb/pdb 
RCSB  RCSB075608   ?            ?                   
WWPDB D_1000075608 ?            ?                   
# 
loop_
_pdbx_audit_revision_history.ordinal 
_pdbx_audit_revision_history.data_content_type 
_pdbx_audit_revision_history.major_revision 
_pdbx_audit_revision_history.minor_revision 
_pdbx_audit_revision_history.revision_date 
1 'Structure model' 1 0 2012-12-12 
2 'Structure model' 1 1 2014-12-24 
3 'Structure model' 1 2 2017-11-15 
4 'Structure model' 1 3 2023-02-01 
5 'Structure model' 1 4 2024-11-06 
# 
_pdbx_audit_revision_details.ordinal             1 
_pdbx_audit_revision_details.revision_ordinal    1 
_pdbx_audit_revision_details.data_content_type   'Structure model' 
_pdbx_audit_revision_details.provider            repository 
_pdbx_audit_revision_details.type                'Initial release' 
_pdbx_audit_revision_details.description         ? 
_pdbx_audit_revision_details.details             ? 
# 
loop_
_pdbx_audit_revision_group.ordinal 
_pdbx_audit_revision_group.revision_ordinal 
_pdbx_audit_revision_group.data_content_type 
_pdbx_audit_revision_group.group 
1 2 'Structure model' 'Structure summary'      
2 3 'Structure model' 'Refinement description' 
3 4 'Structure model' 'Database references'    
4 4 'Structure model' 'Derived calculations'   
5 5 'Structure model' 'Data collection'        
6 5 'Structure model' 'Structure summary'      
# 
loop_
_pdbx_audit_revision_category.ordinal 
_pdbx_audit_revision_category.revision_ordinal 
_pdbx_audit_revision_category.data_content_type 
_pdbx_audit_revision_category.category 
1  3 'Structure model' software                  
2  4 'Structure model' database_2                
3  4 'Structure model' pdbx_struct_conn_angle    
4  4 'Structure model' struct_conn               
5  4 'Structure model' struct_ref_seq_dif        
6  4 'Structure model' struct_site               
7  5 'Structure model' chem_comp_atom            
8  5 'Structure model' chem_comp_bond            
9  5 'Structure model' pdbx_entry_details        
10 5 'Structure model' pdbx_modification_feature 
# 
loop_
_pdbx_audit_revision_item.ordinal 
_pdbx_audit_revision_item.revision_ordinal 
_pdbx_audit_revision_item.data_content_type 
_pdbx_audit_revision_item.item 
1  3 'Structure model' '_software.classification'                     
2  3 'Structure model' '_software.name'                               
3  4 'Structure model' '_database_2.pdbx_DOI'                         
4  4 'Structure model' '_database_2.pdbx_database_accession'          
5  4 'Structure model' '_pdbx_struct_conn_angle.ptnr1_auth_comp_id'   
6  4 'Structure model' '_pdbx_struct_conn_angle.ptnr1_auth_seq_id'    
7  4 'Structure model' '_pdbx_struct_conn_angle.ptnr1_label_asym_id'  
8  4 'Structure model' '_pdbx_struct_conn_angle.ptnr1_label_comp_id'  
9  4 'Structure model' '_pdbx_struct_conn_angle.ptnr1_label_seq_id'   
10 4 'Structure model' '_pdbx_struct_conn_angle.ptnr3_auth_comp_id'   
11 4 'Structure model' '_pdbx_struct_conn_angle.ptnr3_auth_seq_id'    
12 4 'Structure model' '_pdbx_struct_conn_angle.ptnr3_label_asym_id'  
13 4 'Structure model' '_pdbx_struct_conn_angle.ptnr3_label_comp_id'  
14 4 'Structure model' '_pdbx_struct_conn_angle.ptnr3_label_seq_id'   
15 4 'Structure model' '_pdbx_struct_conn_angle.value'                
16 4 'Structure model' '_struct_conn.pdbx_dist_value'                 
17 4 'Structure model' '_struct_conn.pdbx_leaving_atom_flag'          
18 4 'Structure model' '_struct_conn.ptnr1_auth_comp_id'              
19 4 'Structure model' '_struct_conn.ptnr1_auth_seq_id'               
20 4 'Structure model' '_struct_conn.ptnr1_label_asym_id'             
21 4 'Structure model' '_struct_conn.ptnr1_label_atom_id'             
22 4 'Structure model' '_struct_conn.ptnr1_label_comp_id'             
23 4 'Structure model' '_struct_conn.ptnr1_label_seq_id'              
24 4 'Structure model' '_struct_conn.ptnr2_auth_comp_id'              
25 4 'Structure model' '_struct_conn.ptnr2_auth_seq_id'               
26 4 'Structure model' '_struct_conn.ptnr2_label_asym_id'             
27 4 'Structure model' '_struct_conn.ptnr2_label_atom_id'             
28 4 'Structure model' '_struct_conn.ptnr2_label_comp_id'             
29 4 'Structure model' '_struct_ref_seq_dif.details'                  
30 4 'Structure model' '_struct_site.pdbx_auth_asym_id'               
31 4 'Structure model' '_struct_site.pdbx_auth_comp_id'               
32 4 'Structure model' '_struct_site.pdbx_auth_seq_id'                
33 5 'Structure model' '_pdbx_entry_details.has_protein_modification' 
# 
_pdbx_database_status.SG_entry                        Y 
_pdbx_database_status.entry_id                        4HLB 
_pdbx_database_status.deposit_site                    RCSB 
_pdbx_database_status.process_site                    RCSB 
_pdbx_database_status.recvd_initial_deposition_date   2012-10-16 
_pdbx_database_status.status_code                     REL 
_pdbx_database_status.status_code_sf                  REL 
_pdbx_database_status.status_code_mr                  ? 
_pdbx_database_status.status_code_cs                  ? 
_pdbx_database_status.methods_development_category    CASP 
_pdbx_database_status.pdb_format_compatible           Y 
_pdbx_database_status.status_code_nmr_data            ? 
# 
_pdbx_database_related.db_name        TargetTrack 
_pdbx_database_related.db_id          JCSG-420603 
_pdbx_database_related.details        . 
_pdbx_database_related.content_type   unspecified 
# 
_audit_author.name           'Joint Center for Structural Genomics (JCSG)' 
_audit_author.pdbx_ordinal   1 
# 
_citation.id                        primary 
_citation.title                     
'Crystal structure of a hypothetical protein (DESPIG_01740) from Desulfovibrio piger ATCC 29098 at 1.80 A resolution' 
_citation.journal_abbrev            'To be published' 
_citation.journal_volume            ? 
_citation.page_first                ? 
_citation.page_last                 ? 
_citation.year                      ? 
_citation.journal_id_ASTM           ? 
_citation.country                   ? 
_citation.journal_id_ISSN           ? 
_citation.journal_id_CSD            0353 
_citation.book_publisher            ? 
_citation.pdbx_database_id_PubMed   ? 
_citation.pdbx_database_id_DOI      ? 
# 
_citation_author.citation_id        primary 
_citation_author.name               'Joint Center for Structural Genomics (JCSG)' 
_citation_author.ordinal            1 
_citation_author.identifier_ORCID   ? 
# 
loop_
_entity.id 
_entity.type 
_entity.src_method 
_entity.pdbx_description 
_entity.formula_weight 
_entity.pdbx_number_of_molecules 
_entity.pdbx_ec 
_entity.pdbx_mutation 
_entity.pdbx_fragment 
_entity.details 
1 polymer     man 'Uncharacterized protein' 12955.291 1  ? ? 'UNP residues 25-138' ? 
2 non-polymer syn 'SODIUM ION'              22.990    1  ? ? ?                     ? 
3 water       nat water                     18.015    72 ? ? ?                     ? 
# 
_entity_poly.entity_id                      1 
_entity_poly.type                           'polypeptide(L)' 
_entity_poly.nstd_linkage                   no 
_entity_poly.nstd_monomer                   yes 
_entity_poly.pdbx_seq_one_letter_code       
;GAEQQADTVTENSDSEVFVDDSDRFTAFEEELLARYADKGIRSVDVAAYAKGIDIVFVAADRK(MSE)TRAEFSAIASRS
IRELKERFGFDKDVPIGAVLDYKKDAATDTRTRFVLKLR
;
_entity_poly.pdbx_seq_one_letter_code_can   
;GAEQQADTVTENSDSEVFVDDSDRFTAFEEELLARYADKGIRSVDVAAYAKGIDIVFVAADRKMTRAEFSAIASRSIREL
KERFGFDKDVPIGAVLDYKKDAATDTRTRFVLKLR
;
_entity_poly.pdbx_strand_id                 A 
_entity_poly.pdbx_target_identifier         JCSG-420603 
# 
loop_
_pdbx_entity_nonpoly.entity_id 
_pdbx_entity_nonpoly.name 
_pdbx_entity_nonpoly.comp_id 
2 'SODIUM ION' NA  
3 water        HOH 
# 
loop_
_entity_poly_seq.entity_id 
_entity_poly_seq.num 
_entity_poly_seq.mon_id 
_entity_poly_seq.hetero 
1 1   GLY n 
1 2   ALA n 
1 3   GLU n 
1 4   GLN n 
1 5   GLN n 
1 6   ALA n 
1 7   ASP n 
1 8   THR n 
1 9   VAL n 
1 10  THR n 
1 11  GLU n 
1 12  ASN n 
1 13  SER n 
1 14  ASP n 
1 15  SER n 
1 16  GLU n 
1 17  VAL n 
1 18  PHE n 
1 19  VAL n 
1 20  ASP n 
1 21  ASP n 
1 22  SER n 
1 23  ASP n 
1 24  ARG n 
1 25  PHE n 
1 26  THR n 
1 27  ALA n 
1 28  PHE n 
1 29  GLU n 
1 30  GLU n 
1 31  GLU n 
1 32  LEU n 
1 33  LEU n 
1 34  ALA n 
1 35  ARG n 
1 36  TYR n 
1 37  ALA n 
1 38  ASP n 
1 39  LYS n 
1 40  GLY n 
1 41  ILE n 
1 42  ARG n 
1 43  SER n 
1 44  VAL n 
1 45  ASP n 
1 46  VAL n 
1 47  ALA n 
1 48  ALA n 
1 49  TYR n 
1 50  ALA n 
1 51  LYS n 
1 52  GLY n 
1 53  ILE n 
1 54  ASP n 
1 55  ILE n 
1 56  VAL n 
1 57  PHE n 
1 58  VAL n 
1 59  ALA n 
1 60  ALA n 
1 61  ASP n 
1 62  ARG n 
1 63  LYS n 
1 64  MSE n 
1 65  THR n 
1 66  ARG n 
1 67  ALA n 
1 68  GLU n 
1 69  PHE n 
1 70  SER n 
1 71  ALA n 
1 72  ILE n 
1 73  ALA n 
1 74  SER n 
1 75  ARG n 
1 76  SER n 
1 77  ILE n 
1 78  ARG n 
1 79  GLU n 
1 80  LEU n 
1 81  LYS n 
1 82  GLU n 
1 83  ARG n 
1 84  PHE n 
1 85  GLY n 
1 86  PHE n 
1 87  ASP n 
1 88  LYS n 
1 89  ASP n 
1 90  VAL n 
1 91  PRO n 
1 92  ILE n 
1 93  GLY n 
1 94  ALA n 
1 95  VAL n 
1 96  LEU n 
1 97  ASP n 
1 98  TYR n 
1 99  LYS n 
1 100 LYS n 
1 101 ASP n 
1 102 ALA n 
1 103 ALA n 
1 104 THR n 
1 105 ASP n 
1 106 THR n 
1 107 ARG n 
1 108 THR n 
1 109 ARG n 
1 110 PHE n 
1 111 VAL n 
1 112 LEU n 
1 113 LYS n 
1 114 LEU n 
1 115 ARG n 
# 
_entity_src_gen.entity_id                          1 
_entity_src_gen.pdbx_src_id                        1 
_entity_src_gen.pdbx_alt_source_flag               sample 
_entity_src_gen.pdbx_seq_type                      ? 
_entity_src_gen.pdbx_beg_seq_num                   ? 
_entity_src_gen.pdbx_end_seq_num                   ? 
_entity_src_gen.gene_src_common_name               ? 
_entity_src_gen.gene_src_genus                     ? 
_entity_src_gen.pdbx_gene_src_gene                 ZP_03311821.1 
_entity_src_gen.gene_src_species                   ? 
_entity_src_gen.gene_src_strain                    ? 
_entity_src_gen.gene_src_tissue                    ? 
_entity_src_gen.gene_src_tissue_fraction           ? 
_entity_src_gen.gene_src_details                   ? 
_entity_src_gen.pdbx_gene_src_fragment             ? 
_entity_src_gen.pdbx_gene_src_scientific_name      'Desulfovibrio piger' 
_entity_src_gen.pdbx_gene_src_ncbi_taxonomy_id     411464 
_entity_src_gen.pdbx_gene_src_variant              ? 
_entity_src_gen.pdbx_gene_src_cell_line            ? 
_entity_src_gen.pdbx_gene_src_atcc                 29098 
_entity_src_gen.pdbx_gene_src_organ                ? 
_entity_src_gen.pdbx_gene_src_organelle            ? 
_entity_src_gen.pdbx_gene_src_cell                 ? 
_entity_src_gen.pdbx_gene_src_cellular_location    ? 
_entity_src_gen.host_org_common_name               ? 
_entity_src_gen.pdbx_host_org_scientific_name      'Escherichia coli' 
_entity_src_gen.pdbx_host_org_ncbi_taxonomy_id     562 
_entity_src_gen.host_org_genus                     ? 
_entity_src_gen.pdbx_host_org_gene                 ? 
_entity_src_gen.pdbx_host_org_organ                ? 
_entity_src_gen.host_org_species                   ? 
_entity_src_gen.pdbx_host_org_tissue               ? 
_entity_src_gen.pdbx_host_org_tissue_fraction      ? 
_entity_src_gen.pdbx_host_org_strain               PB1 
_entity_src_gen.pdbx_host_org_variant              ? 
_entity_src_gen.pdbx_host_org_cell_line            ? 
_entity_src_gen.pdbx_host_org_atcc                 ? 
_entity_src_gen.pdbx_host_org_culture_collection   ? 
_entity_src_gen.pdbx_host_org_cell                 ? 
_entity_src_gen.pdbx_host_org_organelle            ? 
_entity_src_gen.pdbx_host_org_cellular_location    ? 
_entity_src_gen.pdbx_host_org_vector_type          Plasmid 
_entity_src_gen.pdbx_host_org_vector               ? 
_entity_src_gen.host_org_details                   ? 
_entity_src_gen.expression_system_id               ? 
_entity_src_gen.plasmid_name                       SpeedET 
_entity_src_gen.plasmid_details                    ? 
_entity_src_gen.pdbx_description                   ? 
# 
loop_
_chem_comp.id 
_chem_comp.type 
_chem_comp.mon_nstd_flag 
_chem_comp.name 
_chem_comp.pdbx_synonyms 
_chem_comp.formula 
_chem_comp.formula_weight 
ALA 'L-peptide linking' y ALANINE          ? 'C3 H7 N O2'     89.093  
ARG 'L-peptide linking' y ARGININE         ? 'C6 H15 N4 O2 1' 175.209 
ASN 'L-peptide linking' y ASPARAGINE       ? 'C4 H8 N2 O3'    132.118 
ASP 'L-peptide linking' y 'ASPARTIC ACID'  ? 'C4 H7 N O4'     133.103 
GLN 'L-peptide linking' y GLUTAMINE        ? 'C5 H10 N2 O3'   146.144 
GLU 'L-peptide linking' y 'GLUTAMIC ACID'  ? 'C5 H9 N O4'     147.129 
GLY 'peptide linking'   y GLYCINE          ? 'C2 H5 N O2'     75.067  
HOH non-polymer         . WATER            ? 'H2 O'           18.015  
ILE 'L-peptide linking' y ISOLEUCINE       ? 'C6 H13 N O2'    131.173 
LEU 'L-peptide linking' y LEUCINE          ? 'C6 H13 N O2'    131.173 
LYS 'L-peptide linking' y LYSINE           ? 'C6 H15 N2 O2 1' 147.195 
MSE 'L-peptide linking' n SELENOMETHIONINE ? 'C5 H11 N O2 Se' 196.106 
NA  non-polymer         . 'SODIUM ION'     ? 'Na 1'           22.990  
PHE 'L-peptide linking' y PHENYLALANINE    ? 'C9 H11 N O2'    165.189 
PRO 'L-peptide linking' y PROLINE          ? 'C5 H9 N O2'     115.130 
SER 'L-peptide linking' y SERINE           ? 'C3 H7 N O3'     105.093 
THR 'L-peptide linking' y THREONINE        ? 'C4 H9 N O3'     119.119 
TYR 'L-peptide linking' y TYROSINE         ? 'C9 H11 N O3'    181.189 
VAL 'L-peptide linking' y VALINE           ? 'C5 H11 N O2'    117.146 
# 
loop_
_pdbx_poly_seq_scheme.asym_id 
_pdbx_poly_seq_scheme.entity_id 
_pdbx_poly_seq_scheme.seq_id 
_pdbx_poly_seq_scheme.mon_id 
_pdbx_poly_seq_scheme.ndb_seq_num 
_pdbx_poly_seq_scheme.pdb_seq_num 
_pdbx_poly_seq_scheme.auth_seq_num 
_pdbx_poly_seq_scheme.pdb_mon_id 
_pdbx_poly_seq_scheme.auth_mon_id 
_pdbx_poly_seq_scheme.pdb_strand_id 
_pdbx_poly_seq_scheme.pdb_ins_code 
_pdbx_poly_seq_scheme.hetero 
A 1 1   GLY 1   0   ?   ?   ?   A . n 
A 1 2   ALA 2   25  ?   ?   ?   A . n 
A 1 3   GLU 3   26  ?   ?   ?   A . n 
A 1 4   GLN 4   27  ?   ?   ?   A . n 
A 1 5   GLN 5   28  ?   ?   ?   A . n 
A 1 6   ALA 6   29  ?   ?   ?   A . n 
A 1 7   ASP 7   30  ?   ?   ?   A . n 
A 1 8   THR 8   31  ?   ?   ?   A . n 
A 1 9   VAL 9   32  ?   ?   ?   A . n 
A 1 10  THR 10  33  ?   ?   ?   A . n 
A 1 11  GLU 11  34  ?   ?   ?   A . n 
A 1 12  ASN 12  35  ?   ?   ?   A . n 
A 1 13  SER 13  36  ?   ?   ?   A . n 
A 1 14  ASP 14  37  ?   ?   ?   A . n 
A 1 15  SER 15  38  ?   ?   ?   A . n 
A 1 16  GLU 16  39  ?   ?   ?   A . n 
A 1 17  VAL 17  40  ?   ?   ?   A . n 
A 1 18  PHE 18  41  ?   ?   ?   A . n 
A 1 19  VAL 19  42  ?   ?   ?   A . n 
A 1 20  ASP 20  43  ?   ?   ?   A . n 
A 1 21  ASP 21  44  44  ASP ASP A . n 
A 1 22  SER 22  45  45  SER SER A . n 
A 1 23  ASP 23  46  46  ASP ASP A . n 
A 1 24  ARG 24  47  47  ARG ARG A . n 
A 1 25  PHE 25  48  48  PHE PHE A . n 
A 1 26  THR 26  49  49  THR THR A . n 
A 1 27  ALA 27  50  50  ALA ALA A . n 
A 1 28  PHE 28  51  51  PHE PHE A . n 
A 1 29  GLU 29  52  52  GLU GLU A . n 
A 1 30  GLU 30  53  53  GLU GLU A . n 
A 1 31  GLU 31  54  54  GLU GLU A . n 
A 1 32  LEU 32  55  55  LEU LEU A . n 
A 1 33  LEU 33  56  56  LEU LEU A . n 
A 1 34  ALA 34  57  57  ALA ALA A . n 
A 1 35  ARG 35  58  58  ARG ARG A . n 
A 1 36  TYR 36  59  59  TYR TYR A . n 
A 1 37  ALA 37  60  60  ALA ALA A . n 
A 1 38  ASP 38  61  61  ASP ASP A . n 
A 1 39  LYS 39  62  62  LYS LYS A . n 
A 1 40  GLY 40  63  63  GLY GLY A . n 
A 1 41  ILE 41  64  64  ILE ILE A . n 
A 1 42  ARG 42  65  65  ARG ARG A . n 
A 1 43  SER 43  66  66  SER SER A . n 
A 1 44  VAL 44  67  67  VAL VAL A . n 
A 1 45  ASP 45  68  68  ASP ASP A . n 
A 1 46  VAL 46  69  69  VAL VAL A . n 
A 1 47  ALA 47  70  70  ALA ALA A . n 
A 1 48  ALA 48  71  71  ALA ALA A . n 
A 1 49  TYR 49  72  72  TYR TYR A . n 
A 1 50  ALA 50  73  73  ALA ALA A . n 
A 1 51  LYS 51  74  74  LYS LYS A . n 
A 1 52  GLY 52  75  75  GLY GLY A . n 
A 1 53  ILE 53  76  76  ILE ILE A . n 
A 1 54  ASP 54  77  77  ASP ASP A . n 
A 1 55  ILE 55  78  78  ILE ILE A . n 
A 1 56  VAL 56  79  79  VAL VAL A . n 
A 1 57  PHE 57  80  80  PHE PHE A . n 
A 1 58  VAL 58  81  81  VAL VAL A . n 
A 1 59  ALA 59  82  82  ALA ALA A . n 
A 1 60  ALA 60  83  83  ALA ALA A . n 
A 1 61  ASP 61  84  84  ASP ASP A . n 
A 1 62  ARG 62  85  85  ARG ARG A . n 
A 1 63  LYS 63  86  86  LYS LYS A . n 
A 1 64  MSE 64  87  87  MSE MSE A . n 
A 1 65  THR 65  88  88  THR THR A . n 
A 1 66  ARG 66  89  89  ARG ARG A . n 
A 1 67  ALA 67  90  90  ALA ALA A . n 
A 1 68  GLU 68  91  91  GLU GLU A . n 
A 1 69  PHE 69  92  92  PHE PHE A . n 
A 1 70  SER 70  93  93  SER SER A . n 
A 1 71  ALA 71  94  94  ALA ALA A . n 
A 1 72  ILE 72  95  95  ILE ILE A . n 
A 1 73  ALA 73  96  96  ALA ALA A . n 
A 1 74  SER 74  97  97  SER SER A . n 
A 1 75  ARG 75  98  98  ARG ARG A . n 
A 1 76  SER 76  99  99  SER SER A . n 
A 1 77  ILE 77  100 100 ILE ILE A . n 
A 1 78  ARG 78  101 101 ARG ARG A . n 
A 1 79  GLU 79  102 102 GLU GLU A . n 
A 1 80  LEU 80  103 103 LEU LEU A . n 
A 1 81  LYS 81  104 104 LYS LYS A . n 
A 1 82  GLU 82  105 105 GLU GLU A . n 
A 1 83  ARG 83  106 106 ARG ARG A . n 
A 1 84  PHE 84  107 107 PHE PHE A . n 
A 1 85  GLY 85  108 108 GLY GLY A . n 
A 1 86  PHE 86  109 109 PHE PHE A . n 
A 1 87  ASP 87  110 110 ASP ASP A . n 
A 1 88  LYS 88  111 111 LYS LYS A . n 
A 1 89  ASP 89  112 112 ASP ASP A . n 
A 1 90  VAL 90  113 113 VAL VAL A . n 
A 1 91  PRO 91  114 114 PRO PRO A . n 
A 1 92  ILE 92  115 115 ILE ILE A . n 
A 1 93  GLY 93  116 116 GLY GLY A . n 
A 1 94  ALA 94  117 117 ALA ALA A . n 
A 1 95  VAL 95  118 118 VAL VAL A . n 
A 1 96  LEU 96  119 119 LEU LEU A . n 
A 1 97  ASP 97  120 120 ASP ASP A . n 
A 1 98  TYR 98  121 121 TYR TYR A . n 
A 1 99  LYS 99  122 122 LYS LYS A . n 
A 1 100 LYS 100 123 123 LYS LYS A . n 
A 1 101 ASP 101 124 124 ASP ASP A . n 
A 1 102 ALA 102 125 125 ALA ALA A . n 
A 1 103 ALA 103 126 126 ALA ALA A . n 
A 1 104 THR 104 127 127 THR THR A . n 
A 1 105 ASP 105 128 128 ASP ASP A . n 
A 1 106 THR 106 129 129 THR THR A . n 
A 1 107 ARG 107 130 130 ARG ARG A . n 
A 1 108 THR 108 131 131 THR THR A . n 
A 1 109 ARG 109 132 132 ARG ARG A . n 
A 1 110 PHE 110 133 133 PHE PHE A . n 
A 1 111 VAL 111 134 134 VAL VAL A . n 
A 1 112 LEU 112 135 135 LEU LEU A . n 
A 1 113 LYS 113 136 136 LYS LYS A . n 
A 1 114 LEU 114 137 137 LEU LEU A . n 
A 1 115 ARG 115 138 138 ARG ARG A . n 
# 
loop_
_pdbx_nonpoly_scheme.asym_id 
_pdbx_nonpoly_scheme.entity_id 
_pdbx_nonpoly_scheme.mon_id 
_pdbx_nonpoly_scheme.ndb_seq_num 
_pdbx_nonpoly_scheme.pdb_seq_num 
_pdbx_nonpoly_scheme.auth_seq_num 
_pdbx_nonpoly_scheme.pdb_mon_id 
_pdbx_nonpoly_scheme.auth_mon_id 
_pdbx_nonpoly_scheme.pdb_strand_id 
_pdbx_nonpoly_scheme.pdb_ins_code 
B 2 NA  1  201 139 NA  NA  A . 
C 3 HOH 1  301 140 HOH HOH A . 
C 3 HOH 2  302 141 HOH HOH A . 
C 3 HOH 3  303 142 HOH HOH A . 
C 3 HOH 4  304 143 HOH HOH A . 
C 3 HOH 5  305 144 HOH HOH A . 
C 3 HOH 6  306 145 HOH HOH A . 
C 3 HOH 7  307 146 HOH HOH A . 
C 3 HOH 8  308 147 HOH HOH A . 
C 3 HOH 9  309 148 HOH HOH A . 
C 3 HOH 10 310 149 HOH HOH A . 
C 3 HOH 11 311 150 HOH HOH A . 
C 3 HOH 12 312 151 HOH HOH A . 
C 3 HOH 13 313 152 HOH HOH A . 
C 3 HOH 14 314 153 HOH HOH A . 
C 3 HOH 15 315 154 HOH HOH A . 
C 3 HOH 16 316 155 HOH HOH A . 
C 3 HOH 17 317 156 HOH HOH A . 
C 3 HOH 18 318 157 HOH HOH A . 
C 3 HOH 19 319 158 HOH HOH A . 
C 3 HOH 20 320 159 HOH HOH A . 
C 3 HOH 21 321 160 HOH HOH A . 
C 3 HOH 22 322 161 HOH HOH A . 
C 3 HOH 23 323 162 HOH HOH A . 
C 3 HOH 24 324 163 HOH HOH A . 
C 3 HOH 25 325 164 HOH HOH A . 
C 3 HOH 26 326 165 HOH HOH A . 
C 3 HOH 27 327 166 HOH HOH A . 
C 3 HOH 28 328 167 HOH HOH A . 
C 3 HOH 29 329 168 HOH HOH A . 
C 3 HOH 30 330 169 HOH HOH A . 
C 3 HOH 31 331 170 HOH HOH A . 
C 3 HOH 32 332 171 HOH HOH A . 
C 3 HOH 33 333 172 HOH HOH A . 
C 3 HOH 34 334 173 HOH HOH A . 
C 3 HOH 35 335 174 HOH HOH A . 
C 3 HOH 36 336 175 HOH HOH A . 
C 3 HOH 37 337 176 HOH HOH A . 
C 3 HOH 38 338 177 HOH HOH A . 
C 3 HOH 39 339 178 HOH HOH A . 
C 3 HOH 40 340 179 HOH HOH A . 
C 3 HOH 41 341 180 HOH HOH A . 
C 3 HOH 42 342 181 HOH HOH A . 
C 3 HOH 43 343 182 HOH HOH A . 
C 3 HOH 44 344 183 HOH HOH A . 
C 3 HOH 45 345 184 HOH HOH A . 
C 3 HOH 46 346 185 HOH HOH A . 
C 3 HOH 47 347 186 HOH HOH A . 
C 3 HOH 48 348 187 HOH HOH A . 
C 3 HOH 49 349 188 HOH HOH A . 
C 3 HOH 50 350 189 HOH HOH A . 
C 3 HOH 51 351 190 HOH HOH A . 
C 3 HOH 52 352 191 HOH HOH A . 
C 3 HOH 53 353 192 HOH HOH A . 
C 3 HOH 54 354 193 HOH HOH A . 
C 3 HOH 55 355 194 HOH HOH A . 
C 3 HOH 56 356 195 HOH HOH A . 
C 3 HOH 57 357 196 HOH HOH A . 
C 3 HOH 58 358 197 HOH HOH A . 
C 3 HOH 59 359 198 HOH HOH A . 
C 3 HOH 60 360 199 HOH HOH A . 
C 3 HOH 61 361 200 HOH HOH A . 
C 3 HOH 62 362 201 HOH HOH A . 
C 3 HOH 63 363 202 HOH HOH A . 
C 3 HOH 64 364 203 HOH HOH A . 
C 3 HOH 65 365 204 HOH HOH A . 
C 3 HOH 66 366 205 HOH HOH A . 
C 3 HOH 67 367 206 HOH HOH A . 
C 3 HOH 68 368 207 HOH HOH A . 
C 3 HOH 69 369 208 HOH HOH A . 
C 3 HOH 70 370 209 HOH HOH A . 
C 3 HOH 71 371 210 HOH HOH A . 
C 3 HOH 72 372 211 HOH HOH A . 
# 
loop_
_pdbx_unobs_or_zero_occ_atoms.id 
_pdbx_unobs_or_zero_occ_atoms.PDB_model_num 
_pdbx_unobs_or_zero_occ_atoms.polymer_flag 
_pdbx_unobs_or_zero_occ_atoms.occupancy_flag 
_pdbx_unobs_or_zero_occ_atoms.auth_asym_id 
_pdbx_unobs_or_zero_occ_atoms.auth_comp_id 
_pdbx_unobs_or_zero_occ_atoms.auth_seq_id 
_pdbx_unobs_or_zero_occ_atoms.PDB_ins_code 
_pdbx_unobs_or_zero_occ_atoms.auth_atom_id 
_pdbx_unobs_or_zero_occ_atoms.label_alt_id 
_pdbx_unobs_or_zero_occ_atoms.label_asym_id 
_pdbx_unobs_or_zero_occ_atoms.label_comp_id 
_pdbx_unobs_or_zero_occ_atoms.label_seq_id 
_pdbx_unobs_or_zero_occ_atoms.label_atom_id 
1 1 Y 1 A SER 45  ? OG ? A SER 22  OG 
2 1 Y 1 A LYS 74  ? CG ? A LYS 51  CG 
3 1 Y 1 A LYS 74  ? CD ? A LYS 51  CD 
4 1 Y 1 A LYS 74  ? CE ? A LYS 51  CE 
5 1 Y 1 A LYS 74  ? NZ ? A LYS 51  NZ 
6 1 Y 1 A LYS 136 ? CG ? A LYS 113 CG 
7 1 Y 1 A LYS 136 ? CD ? A LYS 113 CD 
8 1 Y 1 A LYS 136 ? CE ? A LYS 113 CE 
9 1 Y 1 A LYS 136 ? NZ ? A LYS 113 NZ 
# 
loop_
_software.pdbx_ordinal 
_software.name 
_software.version 
_software.date 
_software.type 
_software.contact_author 
_software.contact_author_email 
_software.classification 
_software.location 
_software.language 
_software.citation_id 
1 MolProbity  3beta29  ?               package 'D.C. & J.S. Richardson lab' molprobity@kinemage.biochem.duke.edu 'model building'  
http://kinemage.biochem.duke.edu/molprobity/ ?          ? 
2 PDB_EXTRACT 3.10     'June 10, 2010' package PDB                          deposit@deposit.rcsb.org             'data extraction' 
http://sw-tools.pdb.org/apps/PDB_EXTRACT/    C++        ? 
3 SOLVE       .        ?               program 'Tom Terwilliger'            terwilliger@LANL.gov                 phasing           
http://www.solve.lanl.gov/                   ?          ? 
4 SCALA       3.3.20   ?               package 'Phil Evans'                 pre@mrc-lmb.cam.ac.uk                'data scaling'    
?                                            ?          ? 
5 REFMAC      5.7.0029 ?               program 'Garib N. Murshudov'         garib@ysbl.york.ac.uk                refinement        
http://www.ccp4.ac.uk/dist/html/refmac5.html Fortran_77 ? 
6 MOSFLM      .        ?               ?       ?                            ?                                    'data reduction'  
?                                            ?          ? 
# 
_cell.entry_id           4HLB 
_cell.length_a           57.821 
_cell.length_b           57.821 
_cell.length_c           63.890 
_cell.angle_alpha        90.000 
_cell.angle_beta         90.000 
_cell.angle_gamma        120.000 
_cell.pdbx_unique_axis   ? 
_cell.Z_PDB              6 
_cell.length_a_esd       ? 
_cell.length_b_esd       ? 
_cell.length_c_esd       ? 
_cell.angle_alpha_esd    ? 
_cell.angle_beta_esd     ? 
_cell.angle_gamma_esd    ? 
# 
_symmetry.entry_id                         4HLB 
_symmetry.Int_Tables_number                154 
_symmetry.space_group_name_H-M             'P 32 2 1' 
_symmetry.pdbx_full_space_group_name_H-M   ? 
_symmetry.cell_setting                     ? 
_symmetry.space_group_name_Hall            ? 
# 
_exptl.crystals_number   1 
_exptl.method            'X-RAY DIFFRACTION' 
_exptl.entry_id          4HLB 
# 
_exptl_crystal.id                    1 
_exptl_crystal.density_Matthews      2.38 
_exptl_crystal.density_meas          ? 
_exptl_crystal.density_percent_sol   48.31 
_exptl_crystal.description           ? 
_exptl_crystal.F_000                 ? 
_exptl_crystal.preparation           ? 
# 
_exptl_crystal_grow.pdbx_details    
;0.20M sodium acetate, 30.00% polyethylene glycol 4000, 0.1M tris hydrochloride pH 8.5, NANODROP, VAPOR DIFFUSION, SITTING DROP, temperature 293K
;
_exptl_crystal_grow.pdbx_pH_range   ? 
_exptl_crystal_grow.temp_details    ? 
_exptl_crystal_grow.temp            293 
_exptl_crystal_grow.method          'VAPOR DIFFUSION, SITTING DROP' 
_exptl_crystal_grow.crystal_id      1 
_exptl_crystal_grow.pH              8.5 
# 
_diffrn.id                     1 
_diffrn.ambient_temp           100 
_diffrn.ambient_temp_details   ? 
_diffrn.crystal_id             1 
# 
_diffrn_detector.diffrn_id              1 
_diffrn_detector.detector               CCD 
_diffrn_detector.details                'KOHZU: Double Crystal Si(111)' 
_diffrn_detector.type                   'ADSC QUANTUM 315' 
_diffrn_detector.pdbx_collection_date   2012-09-19 
# 
_diffrn_radiation.diffrn_id                        1 
_diffrn_radiation.pdbx_monochromatic_or_laue_m_l   M 
_diffrn_radiation.monochromator                    'Double Crystal Si(111)' 
_diffrn_radiation.pdbx_diffrn_protocol             MAD 
_diffrn_radiation.wavelength_id                    1 
_diffrn_radiation.pdbx_scattering_type             x-ray 
# 
loop_
_diffrn_radiation_wavelength.id 
_diffrn_radiation_wavelength.wavelength 
_diffrn_radiation_wavelength.wt 
1 0.979095 1.0 
2 0.979338 1.0 
3 0.953725 1.0 
# 
_diffrn_source.diffrn_id                   1 
_diffrn_source.source                      SYNCHROTRON 
_diffrn_source.pdbx_synchrotron_beamline   8.2.2 
_diffrn_source.type                        'ALS BEAMLINE 8.2.2' 
_diffrn_source.pdbx_wavelength_list        0.979095,0.979338,0.953725 
_diffrn_source.pdbx_wavelength             ? 
_diffrn_source.pdbx_synchrotron_site       ALS 
# 
_reflns.entry_id                     4HLB 
_reflns.d_resolution_high            1.80 
_reflns.d_resolution_low             28.910 
_reflns.number_all                   11856 
_reflns.number_obs                   11856 
_reflns.pdbx_netI_over_sigmaI        16.300 
_reflns.pdbx_Rsym_value              0.103 
_reflns.pdbx_redundancy              13.300 
_reflns.percent_possible_obs         100.000 
_reflns.observed_criterion_sigma_F   ? 
_reflns.observed_criterion_sigma_I   ? 
_reflns.pdbx_Rmerge_I_obs            ? 
_reflns.B_iso_Wilson_estimate        26.120 
_reflns.R_free_details               ? 
_reflns.limit_h_max                  ? 
_reflns.limit_h_min                  ? 
_reflns.limit_k_max                  ? 
_reflns.limit_k_min                  ? 
_reflns.limit_l_max                  ? 
_reflns.limit_l_min                  ? 
_reflns.observed_criterion_F_max     ? 
_reflns.observed_criterion_F_min     ? 
_reflns.pdbx_chi_squared             ? 
_reflns.pdbx_scaling_rejects         ? 
_reflns.pdbx_ordinal                 1 
_reflns.pdbx_diffrn_id               1 
# 
loop_
_reflns_shell.d_res_high 
_reflns_shell.d_res_low 
_reflns_shell.number_measured_obs 
_reflns_shell.number_measured_all 
_reflns_shell.number_unique_obs 
_reflns_shell.Rmerge_I_obs 
_reflns_shell.meanI_over_sigI_obs 
_reflns_shell.pdbx_Rsym_value 
_reflns_shell.pdbx_chi_squared 
_reflns_shell.pdbx_redundancy 
_reflns_shell.percent_possible_obs 
_reflns_shell.number_unique_all 
_reflns_shell.percent_possible_all 
_reflns_shell.pdbx_ordinal 
_reflns_shell.pdbx_diffrn_id 
1.800 1.850  ? 6715  ? 0.014 0.6  1.374 ? 8.000  ? 843 100.000 1  1 
1.850 1.900  ? 11915 ? 0.014 0.7  1.152 ? 14.100 ? 846 100.000 2  1 
1.900 1.950  ? 11514 ? 0.014 0.8  0.910 ? 14.100 ? 815 100.000 3  1 
1.950 2.010  ? 11138 ? 0.014 1.2  0.649 ? 14.100 ? 791 100.000 4  1 
2.010 2.080  ? 10834 ? 0.014 1.7  0.444 ? 14.000 ? 775 100.000 5  1 
2.080 2.150  ? 10552 ? 0.014 2.4  0.315 ? 14.000 ? 755 100.000 6  1 
2.150 2.230  ? 9844  ? 0.014 2.7  0.284 ? 14.000 ? 701 100.000 7  1 
2.230 2.320  ? 9949  ? 0.014 3.0  0.253 ? 13.900 ? 714 100.000 8  1 
2.320 2.430  ? 9227  ? 0.014 4.1  0.189 ? 13.900 ? 663 100.000 9  1 
2.430 2.550  ? 8909  ? 0.014 4.8  0.153 ? 13.700 ? 648 100.000 10 1 
2.550 2.680  ? 8395  ? 0.014 5.7  0.130 ? 13.900 ? 605 100.000 11 1 
2.680 2.850  ? 7807  ? 0.014 6.8  0.102 ? 13.600 ? 576 100.000 12 1 
2.850 3.040  ? 7533  ? 0.014 8.8  0.082 ? 13.500 ? 558 100.000 13 1 
3.040 3.290  ? 6659  ? 0.014 10.4 0.064 ? 13.100 ? 509 100.000 14 1 
3.290 3.600  ? 6127  ? 0.014 12.0 0.053 ? 12.600 ? 485 100.000 15 1 
3.600 4.020  ? 5124  ? 0.014 12.2 0.054 ? 12.100 ? 422 100.000 16 1 
4.020 4.650  ? 5359  ? 0.014 10.3 0.058 ? 13.800 ? 387 100.000 17 1 
4.650 5.690  ? 4672  ? 0.014 10.3 0.057 ? 13.800 ? 339 100.000 18 1 
5.690 8.050  ? 3509  ? 0.014 14.8 0.044 ? 13.300 ? 264 100.000 19 1 
8.050 28.911 ? 1903  ? 0.014 17.4 0.035 ? 11.900 ? 160 98.300  20 1 
# 
_refine.ls_percent_reflns_R_free                 4.7000 
_refine.overall_SU_B                             5.8030 
_refine.pdbx_solvent_vdw_probe_radii             1.2000 
_refine.pdbx_R_Free_selection_details            RANDOM 
_refine.overall_FOM_free_R_set                   ? 
_refine.pdbx_data_cutoff_low_absF                ? 
_refine.entry_id                                 4HLB 
_refine.aniso_B[2][3]                            0.0000 
_refine.overall_SU_R_Cruickshank_DPI             ? 
_refine.overall_SU_ML                            0.0900 
_refine.pdbx_ls_sigma_I                          ? 
_refine.aniso_B[1][3]                            0.0000 
_refine.pdbx_stereochemistry_target_values       'MAXIMUM LIKELIHOOD WITH PHASES' 
_refine.aniso_B[3][3]                            -1.6100 
_refine.occupancy_max                            1.000 
_refine.ls_number_restraints                     ? 
_refine.aniso_B[1][1]                            0.4900 
_refine.pdbx_overall_ESU_R                       0.1170 
_refine.ls_R_factor_obs                          0.1966 
_refine.pdbx_ls_cross_valid_method               THROUGHOUT 
_refine.pdbx_solvent_ion_probe_radii             0.8000 
_refine.pdbx_starting_model                      ? 
_refine.ls_wR_factor_R_free                      ? 
_refine.ls_wR_factor_R_work                      ? 
_refine.pdbx_isotropic_thermal_model             ? 
_refine.pdbx_method_to_determine_struct          MAD 
_refine.solvent_model_param_ksol                 ? 
_refine.pdbx_solvent_shrinkage_radii             0.8000 
_refine.correlation_coeff_Fo_to_Fc               0.9580 
_refine.ls_number_reflns_R_free                  562 
_refine.correlation_coeff_Fo_to_Fc_free          0.9490 
_refine.pdbx_ls_sigma_F                          0.000 
_refine.ls_percent_reflns_obs                    99.9700 
_refine.ls_R_factor_R_work                       0.1953 
_refine.overall_SU_R_free                        ? 
_refine.ls_d_res_high                            1.8000 
_refine.pdbx_overall_ESU_R_Free                  0.1120 
_refine.B_iso_min                                16.980 
_refine.occupancy_min                            0.500 
_refine.B_iso_mean                               33.7023 
_refine.pdbx_stereochem_target_val_spec_case     ? 
_refine.ls_R_factor_all                          ? 
_refine.aniso_B[2][2]                            0.4900 
_refine.B_iso_max                                118.950 
_refine.ls_d_res_low                             28.910 
_refine.pdbx_overall_phase_error                 ? 
_refine.solvent_model_details                    'BABINET MODEL WITH MASK' 
_refine.aniso_B[1][2]                            0.4900 
_refine.ls_R_factor_R_free                       0.2228 
_refine.ls_R_factor_R_free_error                 ? 
_refine.ls_number_reflns_obs                     11834 
_refine.overall_FOM_work_R_set                   ? 
_refine.ls_number_parameters                     ? 
_refine.details                                  
;1. HYDROGENS HAVE BEEN ADDED IN THE RIDING POSITIONS. 2. A MET-INHIBITION PROTOCOL WAS USED FOR SELENOMETHIONINE INCORPORATION DURING PROTEIN EXPRESSION. THE OCCUPANCY OF THE SE ATOMS IN THE MSE RESIDUES WAS REDUCED TO 0.75 FOR THE REDUCED SCATTERING POWER DUE TO PARTIAL S-MET INCORPORATION. 3. ATOM RECORD CONTAINS SUM OF TLS AND RESIDUAL B FACTORS. ANISOU RECORD CONTAINS SUM OF TLS AND RESIDUAL U FACTORS. 4. WATERS WERE EXCLUDED FROM AUTOMATIC TLS ASSIGNMENT. 5.SODIUM (NA) FROM THE CRYSTALLIZATION SOLUTION HAS BEEN MODELED INTO THE STRUCTURE
;
_refine.ls_number_reflns_all                     ? 
_refine.ls_redundancy_reflns_obs                 ? 
_refine.pdbx_data_cutoff_high_absF               ? 
_refine.solvent_model_param_bsol                 ? 
_refine.ls_R_factor_R_free_error_details         ? 
_refine.pdbx_data_cutoff_high_rms_absF           ? 
_refine.pdbx_diffrn_id                           1 
_refine.pdbx_refine_id                           'X-RAY DIFFRACTION' 
_refine.pdbx_TLS_residual_ADP_flag               ? 
_refine.pdbx_overall_SU_R_free_Cruickshank_DPI   ? 
_refine.pdbx_overall_SU_R_Blow_DPI               ? 
_refine.pdbx_overall_SU_R_free_Blow_DPI          ? 
# 
_refine_hist.pdbx_refine_id                   'X-RAY DIFFRACTION' 
_refine_hist.cycle_id                         LAST 
_refine_hist.pdbx_number_atoms_protein        751 
_refine_hist.pdbx_number_atoms_nucleic_acid   0 
_refine_hist.pdbx_number_atoms_ligand         1 
_refine_hist.number_atoms_solvent             72 
_refine_hist.number_atoms_total               824 
_refine_hist.d_res_high                       1.8000 
_refine_hist.d_res_low                        28.910 
# 
loop_
_refine_ls_restr.type 
_refine_ls_restr.number 
_refine_ls_restr.dev_ideal 
_refine_ls_restr.dev_ideal_target 
_refine_ls_restr.weight 
_refine_ls_restr.pdbx_restraint_function 
_refine_ls_restr.pdbx_refine_id 
r_bond_refined_d       785  0.010  0.019  ? ? 'X-RAY DIFFRACTION' 
r_bond_other_d         760  0.001  0.020  ? ? 'X-RAY DIFFRACTION' 
r_angle_refined_deg    1059 1.361  1.973  ? ? 'X-RAY DIFFRACTION' 
r_angle_other_deg      1736 0.732  3.000  ? ? 'X-RAY DIFFRACTION' 
r_dihedral_angle_1_deg 98   5.462  5.000  ? ? 'X-RAY DIFFRACTION' 
r_dihedral_angle_2_deg 41   30.821 21.707 ? ? 'X-RAY DIFFRACTION' 
r_dihedral_angle_3_deg 137  13.990 15.000 ? ? 'X-RAY DIFFRACTION' 
r_dihedral_angle_4_deg 12   18.443 15.000 ? ? 'X-RAY DIFFRACTION' 
r_chiral_restr         118  0.078  0.200  ? ? 'X-RAY DIFFRACTION' 
r_gen_planes_refined   893  0.005  0.020  ? ? 'X-RAY DIFFRACTION' 
r_gen_planes_other     191  0.001  0.020  ? ? 'X-RAY DIFFRACTION' 
# 
_refine_ls_shell.d_res_high                       1.8000 
_refine_ls_shell.d_res_low                        1.8470 
_refine_ls_shell.pdbx_total_number_of_bins_used   20 
_refine_ls_shell.percent_reflns_obs               100.0000 
_refine_ls_shell.number_reflns_R_work             814 
_refine_ls_shell.R_factor_all                     ? 
_refine_ls_shell.R_factor_R_work                  0.3110 
_refine_ls_shell.R_factor_R_free                  0.3570 
_refine_ls_shell.percent_reflns_R_free            ? 
_refine_ls_shell.number_reflns_R_free             32 
_refine_ls_shell.R_factor_R_free_error            ? 
_refine_ls_shell.number_reflns_all                846 
_refine_ls_shell.number_reflns_obs                ? 
_refine_ls_shell.redundancy_reflns_obs            ? 
_refine_ls_shell.pdbx_refine_id                   'X-RAY DIFFRACTION' 
# 
_struct.title                     
;Crystal structure of an alpha-lytic protease prodomain-like protein (DESPIG_01740) from Desulfovibrio piger ATCC 29098 at 1.80 A resolution
;
_struct.entry_id                  4HLB 
_struct.pdbx_model_type_details   ? 
_struct.pdbx_model_details        ? 
_struct.pdbx_CASP_flag            Y 
# 
_struct_keywords.pdbx_keywords   'STRUCTURAL GENOMICS, UNKNOWN FUNCTION' 
_struct_keywords.text            
;Alpha-lytic protease prodomain-like fold, Structural Genomics, Joint Center for Structural Genomics, JCSG, Protein Structure Initiative, PSI-BIOLOGY, UNKNOWN FUNCTION
;
_struct_keywords.entry_id        4HLB 
# 
loop_
_struct_asym.id 
_struct_asym.pdbx_blank_PDB_chainid_flag 
_struct_asym.pdbx_modified 
_struct_asym.entity_id 
_struct_asym.details 
A N N 1 ? 
B N N 2 ? 
C N N 3 ? 
# 
_struct_ref.id                         1 
_struct_ref.db_name                    UNP 
_struct_ref.db_code                    B6WUJ7_9DELT 
_struct_ref.pdbx_db_accession          B6WUJ7 
_struct_ref.entity_id                  1 
_struct_ref.pdbx_seq_one_letter_code   
;AEQQADTVTENSDSEVFVDDSDRFTAFEEELLARYADKGIRSVDVAAYAKGIDIVFVAADRKMTRAEFSAIASRSIRELK
ERFGFDKDVPIGAVLDYKKDAATDTRTRFVLKLR
;
_struct_ref.pdbx_align_begin           25 
_struct_ref.pdbx_db_isoform            ? 
# 
_struct_ref_seq.align_id                      1 
_struct_ref_seq.ref_id                        1 
_struct_ref_seq.pdbx_PDB_id_code              4HLB 
_struct_ref_seq.pdbx_strand_id                A 
_struct_ref_seq.seq_align_beg                 2 
_struct_ref_seq.pdbx_seq_align_beg_ins_code   ? 
_struct_ref_seq.seq_align_end                 115 
_struct_ref_seq.pdbx_seq_align_end_ins_code   ? 
_struct_ref_seq.pdbx_db_accession             B6WUJ7 
_struct_ref_seq.db_align_beg                  25 
_struct_ref_seq.pdbx_db_align_beg_ins_code    ? 
_struct_ref_seq.db_align_end                  138 
_struct_ref_seq.pdbx_db_align_end_ins_code    ? 
_struct_ref_seq.pdbx_auth_seq_align_beg       25 
_struct_ref_seq.pdbx_auth_seq_align_end       138 
# 
_struct_ref_seq_dif.align_id                     1 
_struct_ref_seq_dif.pdbx_pdb_id_code             4HLB 
_struct_ref_seq_dif.mon_id                       GLY 
_struct_ref_seq_dif.pdbx_pdb_strand_id           A 
_struct_ref_seq_dif.seq_num                      1 
_struct_ref_seq_dif.pdbx_pdb_ins_code            ? 
_struct_ref_seq_dif.pdbx_seq_db_name             UNP 
_struct_ref_seq_dif.pdbx_seq_db_accession_code   B6WUJ7 
_struct_ref_seq_dif.db_mon_id                    ? 
_struct_ref_seq_dif.pdbx_seq_db_seq_num          ? 
_struct_ref_seq_dif.details                      'expression tag' 
_struct_ref_seq_dif.pdbx_auth_seq_num            0 
_struct_ref_seq_dif.pdbx_ordinal                 1 
# 
_pdbx_struct_assembly.id                   1 
_pdbx_struct_assembly.details              author_and_software_defined_assembly 
_pdbx_struct_assembly.method_details       PISA 
_pdbx_struct_assembly.oligomeric_details   monomeric 
_pdbx_struct_assembly.oligomeric_count     1 
# 
_pdbx_struct_assembly_gen.assembly_id       1 
_pdbx_struct_assembly_gen.oper_expression   1 
_pdbx_struct_assembly_gen.asym_id_list      A,B,C 
# 
_pdbx_struct_oper_list.id                   1 
_pdbx_struct_oper_list.type                 'identity operation' 
_pdbx_struct_oper_list.name                 1_555 
_pdbx_struct_oper_list.symmetry_operation   x,y,z 
_pdbx_struct_oper_list.matrix[1][1]         1.0000000000 
_pdbx_struct_oper_list.matrix[1][2]         0.0000000000 
_pdbx_struct_oper_list.matrix[1][3]         0.0000000000 
_pdbx_struct_oper_list.vector[1]            0.0000000000 
_pdbx_struct_oper_list.matrix[2][1]         0.0000000000 
_pdbx_struct_oper_list.matrix[2][2]         1.0000000000 
_pdbx_struct_oper_list.matrix[2][3]         0.0000000000 
_pdbx_struct_oper_list.vector[2]            0.0000000000 
_pdbx_struct_oper_list.matrix[3][1]         0.0000000000 
_pdbx_struct_oper_list.matrix[3][2]         0.0000000000 
_pdbx_struct_oper_list.matrix[3][3]         1.0000000000 
_pdbx_struct_oper_list.vector[3]            0.0000000000 
# 
_struct_biol.id        1 
_struct_biol.details   ? 
# 
loop_
_struct_conf.conf_type_id 
_struct_conf.id 
_struct_conf.pdbx_PDB_helix_id 
_struct_conf.beg_label_comp_id 
_struct_conf.beg_label_asym_id 
_struct_conf.beg_label_seq_id 
_struct_conf.pdbx_beg_PDB_ins_code 
_struct_conf.end_label_comp_id 
_struct_conf.end_label_asym_id 
_struct_conf.end_label_seq_id 
_struct_conf.pdbx_end_PDB_ins_code 
_struct_conf.beg_auth_comp_id 
_struct_conf.beg_auth_asym_id 
_struct_conf.beg_auth_seq_id 
_struct_conf.end_auth_comp_id 
_struct_conf.end_auth_asym_id 
_struct_conf.end_auth_seq_id 
_struct_conf.pdbx_PDB_helix_class 
_struct_conf.details 
_struct_conf.pdbx_PDB_helix_length 
HELX_P HELX_P1 1 PHE A 25 ? ALA A 37 ? PHE A 48 ALA A 60  1 ? 13 
HELX_P HELX_P2 2 THR A 65 ? GLY A 85 ? THR A 88 GLY A 108 1 ? 21 
# 
_struct_conf_type.id          HELX_P 
_struct_conf_type.criteria    ? 
_struct_conf_type.reference   ? 
# 
loop_
_struct_conn.id 
_struct_conn.conn_type_id 
_struct_conn.pdbx_leaving_atom_flag 
_struct_conn.pdbx_PDB_id 
_struct_conn.ptnr1_label_asym_id 
_struct_conn.ptnr1_label_comp_id 
_struct_conn.ptnr1_label_seq_id 
_struct_conn.ptnr1_label_atom_id 
_struct_conn.pdbx_ptnr1_label_alt_id 
_struct_conn.pdbx_ptnr1_PDB_ins_code 
_struct_conn.pdbx_ptnr1_standard_comp_id 
_struct_conn.ptnr1_symmetry 
_struct_conn.ptnr2_label_asym_id 
_struct_conn.ptnr2_label_comp_id 
_struct_conn.ptnr2_label_seq_id 
_struct_conn.ptnr2_label_atom_id 
_struct_conn.pdbx_ptnr2_label_alt_id 
_struct_conn.pdbx_ptnr2_PDB_ins_code 
_struct_conn.ptnr1_auth_asym_id 
_struct_conn.ptnr1_auth_comp_id 
_struct_conn.ptnr1_auth_seq_id 
_struct_conn.ptnr2_auth_asym_id 
_struct_conn.ptnr2_auth_comp_id 
_struct_conn.ptnr2_auth_seq_id 
_struct_conn.ptnr2_symmetry 
_struct_conn.pdbx_ptnr3_label_atom_id 
_struct_conn.pdbx_ptnr3_label_seq_id 
_struct_conn.pdbx_ptnr3_label_comp_id 
_struct_conn.pdbx_ptnr3_label_asym_id 
_struct_conn.pdbx_ptnr3_label_alt_id 
_struct_conn.pdbx_ptnr3_PDB_ins_code 
_struct_conn.details 
_struct_conn.pdbx_dist_value 
_struct_conn.pdbx_value_order 
_struct_conn.pdbx_role 
covale1 covale both ? A LYS 63 C  ? ? ? 1_555 A MSE 64 N  ? ? A LYS 86  A MSE 87  1_555 ? ? ? ? ? ? ? 1.325 ? ? 
covale2 covale both ? A MSE 64 C  ? ? ? 1_555 A THR 65 N  ? ? A MSE 87  A THR 88  1_555 ? ? ? ? ? ? ? 1.337 ? ? 
metalc1 metalc ?    ? A VAL 44 O  ? ? ? 1_555 B NA  .  NA ? ? A VAL 67  A NA  201 1_555 ? ? ? ? ? ? ? 2.428 ? ? 
metalc2 metalc ?    ? B NA  .  NA ? ? ? 1_555 C HOH .  O  ? ? A NA  201 A HOH 304 1_555 ? ? ? ? ? ? ? 2.568 ? ? 
metalc3 metalc ?    ? B NA  .  NA ? ? ? 1_555 C HOH .  O  ? ? A NA  201 A HOH 311 1_555 ? ? ? ? ? ? ? 2.664 ? ? 
metalc4 metalc ?    ? B NA  .  NA ? ? ? 1_555 C HOH .  O  ? ? A NA  201 A HOH 313 1_555 ? ? ? ? ? ? ? 2.314 ? ? 
metalc5 metalc ?    ? B NA  .  NA ? ? ? 1_555 C HOH .  O  ? ? A NA  201 A HOH 346 1_555 ? ? ? ? ? ? ? 2.386 ? ? 
metalc6 metalc ?    ? B NA  .  NA ? ? ? 1_555 C HOH .  O  ? ? A NA  201 A HOH 365 1_555 ? ? ? ? ? ? ? 2.548 ? ? 
# 
loop_
_struct_conn_type.id 
_struct_conn_type.criteria 
_struct_conn_type.reference 
covale ? ? 
metalc ? ? 
# 
loop_
_pdbx_struct_conn_angle.id 
_pdbx_struct_conn_angle.ptnr1_label_atom_id 
_pdbx_struct_conn_angle.ptnr1_label_alt_id 
_pdbx_struct_conn_angle.ptnr1_label_asym_id 
_pdbx_struct_conn_angle.ptnr1_label_comp_id 
_pdbx_struct_conn_angle.ptnr1_label_seq_id 
_pdbx_struct_conn_angle.ptnr1_auth_atom_id 
_pdbx_struct_conn_angle.ptnr1_auth_asym_id 
_pdbx_struct_conn_angle.ptnr1_auth_comp_id 
_pdbx_struct_conn_angle.ptnr1_auth_seq_id 
_pdbx_struct_conn_angle.ptnr1_PDB_ins_code 
_pdbx_struct_conn_angle.ptnr1_symmetry 
_pdbx_struct_conn_angle.ptnr2_label_atom_id 
_pdbx_struct_conn_angle.ptnr2_label_alt_id 
_pdbx_struct_conn_angle.ptnr2_label_asym_id 
_pdbx_struct_conn_angle.ptnr2_label_comp_id 
_pdbx_struct_conn_angle.ptnr2_label_seq_id 
_pdbx_struct_conn_angle.ptnr2_auth_atom_id 
_pdbx_struct_conn_angle.ptnr2_auth_asym_id 
_pdbx_struct_conn_angle.ptnr2_auth_comp_id 
_pdbx_struct_conn_angle.ptnr2_auth_seq_id 
_pdbx_struct_conn_angle.ptnr2_PDB_ins_code 
_pdbx_struct_conn_angle.ptnr2_symmetry 
_pdbx_struct_conn_angle.ptnr3_label_atom_id 
_pdbx_struct_conn_angle.ptnr3_label_alt_id 
_pdbx_struct_conn_angle.ptnr3_label_asym_id 
_pdbx_struct_conn_angle.ptnr3_label_comp_id 
_pdbx_struct_conn_angle.ptnr3_label_seq_id 
_pdbx_struct_conn_angle.ptnr3_auth_atom_id 
_pdbx_struct_conn_angle.ptnr3_auth_asym_id 
_pdbx_struct_conn_angle.ptnr3_auth_comp_id 
_pdbx_struct_conn_angle.ptnr3_auth_seq_id 
_pdbx_struct_conn_angle.ptnr3_PDB_ins_code 
_pdbx_struct_conn_angle.ptnr3_symmetry 
_pdbx_struct_conn_angle.value 
_pdbx_struct_conn_angle.value_esd 
1  O ? A VAL 44 ? A VAL 67  ? 1_555 NA ? B NA . ? A NA 201 ? 1_555 O ? C HOH . ? A HOH 304 ? 1_555 92.8  ? 
2  O ? A VAL 44 ? A VAL 67  ? 1_555 NA ? B NA . ? A NA 201 ? 1_555 O ? C HOH . ? A HOH 311 ? 1_555 79.3  ? 
3  O ? C HOH .  ? A HOH 304 ? 1_555 NA ? B NA . ? A NA 201 ? 1_555 O ? C HOH . ? A HOH 311 ? 1_555 87.9  ? 
4  O ? A VAL 44 ? A VAL 67  ? 1_555 NA ? B NA . ? A NA 201 ? 1_555 O ? C HOH . ? A HOH 313 ? 1_555 81.9  ? 
5  O ? C HOH .  ? A HOH 304 ? 1_555 NA ? B NA . ? A NA 201 ? 1_555 O ? C HOH . ? A HOH 313 ? 1_555 169.9 ? 
6  O ? C HOH .  ? A HOH 311 ? 1_555 NA ? B NA . ? A NA 201 ? 1_555 O ? C HOH . ? A HOH 313 ? 1_555 99.5  ? 
7  O ? A VAL 44 ? A VAL 67  ? 1_555 NA ? B NA . ? A NA 201 ? 1_555 O ? C HOH . ? A HOH 346 ? 1_555 95.2  ? 
8  O ? C HOH .  ? A HOH 304 ? 1_555 NA ? B NA . ? A NA 201 ? 1_555 O ? C HOH . ? A HOH 346 ? 1_555 81.6  ? 
9  O ? C HOH .  ? A HOH 311 ? 1_555 NA ? B NA . ? A NA 201 ? 1_555 O ? C HOH . ? A HOH 346 ? 1_555 167.9 ? 
10 O ? C HOH .  ? A HOH 313 ? 1_555 NA ? B NA . ? A NA 201 ? 1_555 O ? C HOH . ? A HOH 346 ? 1_555 90.3  ? 
11 O ? A VAL 44 ? A VAL 67  ? 1_555 NA ? B NA . ? A NA 201 ? 1_555 O ? C HOH . ? A HOH 365 ? 1_555 171.1 ? 
12 O ? C HOH .  ? A HOH 304 ? 1_555 NA ? B NA . ? A NA 201 ? 1_555 O ? C HOH . ? A HOH 365 ? 1_555 92.5  ? 
13 O ? C HOH .  ? A HOH 311 ? 1_555 NA ? B NA . ? A NA 201 ? 1_555 O ? C HOH . ? A HOH 365 ? 1_555 93.8  ? 
14 O ? C HOH .  ? A HOH 313 ? 1_555 NA ? B NA . ? A NA 201 ? 1_555 O ? C HOH . ? A HOH 365 ? 1_555 93.8  ? 
15 O ? C HOH .  ? A HOH 346 ? 1_555 NA ? B NA . ? A NA 201 ? 1_555 O ? C HOH . ? A HOH 365 ? 1_555 92.6  ? 
# 
_pdbx_modification_feature.ordinal                            1 
_pdbx_modification_feature.label_comp_id                      MSE 
_pdbx_modification_feature.label_asym_id                      A 
_pdbx_modification_feature.label_seq_id                       64 
_pdbx_modification_feature.label_alt_id                       ? 
_pdbx_modification_feature.modified_residue_label_comp_id     . 
_pdbx_modification_feature.modified_residue_label_asym_id     . 
_pdbx_modification_feature.modified_residue_label_seq_id      . 
_pdbx_modification_feature.modified_residue_label_alt_id      . 
_pdbx_modification_feature.auth_comp_id                       MSE 
_pdbx_modification_feature.auth_asym_id                       A 
_pdbx_modification_feature.auth_seq_id                        87 
_pdbx_modification_feature.PDB_ins_code                       ? 
_pdbx_modification_feature.symmetry                           1_555 
_pdbx_modification_feature.modified_residue_auth_comp_id      . 
_pdbx_modification_feature.modified_residue_auth_asym_id      . 
_pdbx_modification_feature.modified_residue_auth_seq_id       . 
_pdbx_modification_feature.modified_residue_PDB_ins_code      . 
_pdbx_modification_feature.modified_residue_symmetry          . 
_pdbx_modification_feature.comp_id_linking_atom               . 
_pdbx_modification_feature.modified_residue_id_linking_atom   . 
_pdbx_modification_feature.modified_residue_id                MET 
_pdbx_modification_feature.ref_pcm_id                         1 
_pdbx_modification_feature.ref_comp_id                        MSE 
_pdbx_modification_feature.type                               Selenomethionine 
_pdbx_modification_feature.category                           'Named protein modification' 
# 
_struct_sheet.id               A 
_struct_sheet.type             ? 
_struct_sheet.number_strands   4 
_struct_sheet.details          ? 
# 
loop_
_struct_sheet_order.sheet_id 
_struct_sheet_order.range_id_1 
_struct_sheet_order.range_id_2 
_struct_sheet_order.offset 
_struct_sheet_order.sense 
A 1 2 ? anti-parallel 
A 2 3 ? parallel      
A 3 4 ? anti-parallel 
# 
loop_
_struct_sheet_range.sheet_id 
_struct_sheet_range.id 
_struct_sheet_range.beg_label_comp_id 
_struct_sheet_range.beg_label_asym_id 
_struct_sheet_range.beg_label_seq_id 
_struct_sheet_range.pdbx_beg_PDB_ins_code 
_struct_sheet_range.end_label_comp_id 
_struct_sheet_range.end_label_asym_id 
_struct_sheet_range.end_label_seq_id 
_struct_sheet_range.pdbx_end_PDB_ins_code 
_struct_sheet_range.beg_auth_comp_id 
_struct_sheet_range.beg_auth_asym_id 
_struct_sheet_range.beg_auth_seq_id 
_struct_sheet_range.end_auth_comp_id 
_struct_sheet_range.end_auth_asym_id 
_struct_sheet_range.end_auth_seq_id 
A 1 ILE A 41  ? ALA A 48  ? ILE A 64  ALA A 71  
A 2 ILE A 53  ? ALA A 59  ? ILE A 76  ALA A 82  
A 3 ILE A 92  ? TYR A 98  ? ILE A 115 TYR A 121 
A 4 ARG A 107 ? ARG A 115 ? ARG A 130 ARG A 138 
# 
loop_
_pdbx_struct_sheet_hbond.sheet_id 
_pdbx_struct_sheet_hbond.range_id_1 
_pdbx_struct_sheet_hbond.range_id_2 
_pdbx_struct_sheet_hbond.range_1_label_atom_id 
_pdbx_struct_sheet_hbond.range_1_label_comp_id 
_pdbx_struct_sheet_hbond.range_1_label_asym_id 
_pdbx_struct_sheet_hbond.range_1_label_seq_id 
_pdbx_struct_sheet_hbond.range_1_PDB_ins_code 
_pdbx_struct_sheet_hbond.range_1_auth_atom_id 
_pdbx_struct_sheet_hbond.range_1_auth_comp_id 
_pdbx_struct_sheet_hbond.range_1_auth_asym_id 
_pdbx_struct_sheet_hbond.range_1_auth_seq_id 
_pdbx_struct_sheet_hbond.range_2_label_atom_id 
_pdbx_struct_sheet_hbond.range_2_label_comp_id 
_pdbx_struct_sheet_hbond.range_2_label_asym_id 
_pdbx_struct_sheet_hbond.range_2_label_seq_id 
_pdbx_struct_sheet_hbond.range_2_PDB_ins_code 
_pdbx_struct_sheet_hbond.range_2_auth_atom_id 
_pdbx_struct_sheet_hbond.range_2_auth_comp_id 
_pdbx_struct_sheet_hbond.range_2_auth_asym_id 
_pdbx_struct_sheet_hbond.range_2_auth_seq_id 
A 1 2 N ARG A 42 ? N ARG A 65  O VAL A 58  ? O VAL A 81  
A 2 3 N PHE A 57 ? N PHE A 80  O VAL A 95  ? O VAL A 118 
A 3 4 N TYR A 98 ? N TYR A 121 O ARG A 107 ? O ARG A 130 
# 
_struct_site.id                   AC1 
_struct_site.pdbx_evidence_code   Software 
_struct_site.pdbx_auth_asym_id    A 
_struct_site.pdbx_auth_comp_id    NA 
_struct_site.pdbx_auth_seq_id     201 
_struct_site.pdbx_auth_ins_code   ? 
_struct_site.pdbx_num_residues    6 
_struct_site.details              'BINDING SITE FOR RESIDUE NA A 201' 
# 
loop_
_struct_site_gen.id 
_struct_site_gen.site_id 
_struct_site_gen.pdbx_num_res 
_struct_site_gen.label_comp_id 
_struct_site_gen.label_asym_id 
_struct_site_gen.label_seq_id 
_struct_site_gen.pdbx_auth_ins_code 
_struct_site_gen.auth_comp_id 
_struct_site_gen.auth_asym_id 
_struct_site_gen.auth_seq_id 
_struct_site_gen.label_atom_id 
_struct_site_gen.label_alt_id 
_struct_site_gen.symmetry 
_struct_site_gen.details 
1 AC1 6 VAL A 44 ? VAL A 67  . ? 1_555 ? 
2 AC1 6 HOH C .  ? HOH A 304 . ? 1_555 ? 
3 AC1 6 HOH C .  ? HOH A 311 . ? 1_555 ? 
4 AC1 6 HOH C .  ? HOH A 313 . ? 1_555 ? 
5 AC1 6 HOH C .  ? HOH A 346 . ? 1_555 ? 
6 AC1 6 HOH C .  ? HOH A 365 . ? 1_555 ? 
# 
_pdbx_entry_details.compound_details           ? 
_pdbx_entry_details.sequence_details           
;THE CONSTRUCT WAS EXPRESSED WITH AN N-TERMINAL PURIFICATION TAG MGSDKIHHHHHHENLYFQG. THE TAG WAS REMOVED WITH TEV PROTEASE LEAVING ONLY A GLYCINE (0) FOLLOWED BY RESIDUES 25-138 OF THE TARGET SEQUENCE.
;
_pdbx_entry_details.entry_id                   4HLB 
_pdbx_entry_details.nonpolymer_details         ? 
_pdbx_entry_details.source_details             ? 
_pdbx_entry_details.has_ligand_of_interest     ? 
_pdbx_entry_details.has_protein_modification   Y 
# 
_pdbx_validate_torsion.id              1 
_pdbx_validate_torsion.PDB_model_num   1 
_pdbx_validate_torsion.auth_comp_id    ASP 
_pdbx_validate_torsion.auth_asym_id    A 
_pdbx_validate_torsion.auth_seq_id     124 
_pdbx_validate_torsion.PDB_ins_code    ? 
_pdbx_validate_torsion.label_alt_id    ? 
_pdbx_validate_torsion.phi             -173.51 
_pdbx_validate_torsion.psi             -178.34 
# 
_pdbx_SG_project.project_name          PSI:Biology 
_pdbx_SG_project.full_name_of_center   'Joint Center for Structural Genomics' 
_pdbx_SG_project.initial_of_center     JCSG 
_pdbx_SG_project.id                    1 
# 
_pdbx_struct_mod_residue.id               1 
_pdbx_struct_mod_residue.label_asym_id    A 
_pdbx_struct_mod_residue.label_comp_id    MSE 
_pdbx_struct_mod_residue.label_seq_id     64 
_pdbx_struct_mod_residue.auth_asym_id     A 
_pdbx_struct_mod_residue.auth_comp_id     MSE 
_pdbx_struct_mod_residue.auth_seq_id      87 
_pdbx_struct_mod_residue.PDB_ins_code     ? 
_pdbx_struct_mod_residue.parent_comp_id   MET 
_pdbx_struct_mod_residue.details          SELENOMETHIONINE 
# 
_pdbx_refine_tls.pdbx_refine_id   'X-RAY DIFFRACTION' 
_pdbx_refine_tls.id               1 
_pdbx_refine_tls.details          ? 
_pdbx_refine_tls.method           refined 
_pdbx_refine_tls.origin_x         -0.1056 
_pdbx_refine_tls.origin_y         0.0281 
_pdbx_refine_tls.origin_z         0.3394 
_pdbx_refine_tls.T[1][1]          0.1038 
_pdbx_refine_tls.T[2][2]          0.0856 
_pdbx_refine_tls.T[3][3]          0.0608 
_pdbx_refine_tls.T[1][2]          -0.0050 
_pdbx_refine_tls.T[1][3]          0.0179 
_pdbx_refine_tls.T[2][3]          -0.0342 
_pdbx_refine_tls.L[1][1]          2.1835 
_pdbx_refine_tls.L[2][2]          2.9396 
_pdbx_refine_tls.L[3][3]          1.9940 
_pdbx_refine_tls.L[1][2]          -0.3974 
_pdbx_refine_tls.L[1][3]          0.0516 
_pdbx_refine_tls.L[2][3]          0.4146 
_pdbx_refine_tls.S[1][1]          -0.0266 
_pdbx_refine_tls.S[2][2]          0.1119 
_pdbx_refine_tls.S[3][3]          -0.0853 
_pdbx_refine_tls.S[1][2]          0.0157 
_pdbx_refine_tls.S[1][3]          0.0380 
_pdbx_refine_tls.S[2][3]          0.0972 
_pdbx_refine_tls.S[2][1]          -0.0413 
_pdbx_refine_tls.S[3][1]          -0.0750 
_pdbx_refine_tls.S[3][2]          0.0117 
# 
_pdbx_refine_tls_group.pdbx_refine_id      'X-RAY DIFFRACTION' 
_pdbx_refine_tls_group.id                  1 
_pdbx_refine_tls_group.refine_tls_id       1 
_pdbx_refine_tls_group.beg_auth_asym_id    A 
_pdbx_refine_tls_group.beg_auth_seq_id     44 
_pdbx_refine_tls_group.end_auth_asym_id    A 
_pdbx_refine_tls_group.end_auth_seq_id     138 
_pdbx_refine_tls_group.selection_details   ? 
_pdbx_refine_tls_group.beg_label_asym_id   . 
_pdbx_refine_tls_group.beg_label_seq_id    . 
_pdbx_refine_tls_group.end_label_asym_id   . 
_pdbx_refine_tls_group.end_label_seq_id    . 
_pdbx_refine_tls_group.selection           ? 
# 
_phasing.method   MAD 
# 
loop_
_pdbx_unobs_or_zero_occ_residues.id 
_pdbx_unobs_or_zero_occ_residues.PDB_model_num 
_pdbx_unobs_or_zero_occ_residues.polymer_flag 
_pdbx_unobs_or_zero_occ_residues.occupancy_flag 
_pdbx_unobs_or_zero_occ_residues.auth_asym_id 
_pdbx_unobs_or_zero_occ_residues.auth_comp_id 
_pdbx_unobs_or_zero_occ_residues.auth_seq_id 
_pdbx_unobs_or_zero_occ_residues.PDB_ins_code 
_pdbx_unobs_or_zero_occ_residues.label_asym_id 
_pdbx_unobs_or_zero_occ_residues.label_comp_id 
_pdbx_unobs_or_zero_occ_residues.label_seq_id 
1  1 Y 1 A GLY 0  ? A GLY 1  
2  1 Y 1 A ALA 25 ? A ALA 2  
3  1 Y 1 A GLU 26 ? A GLU 3  
4  1 Y 1 A GLN 27 ? A GLN 4  
5  1 Y 1 A GLN 28 ? A GLN 5  
6  1 Y 1 A ALA 29 ? A ALA 6  
7  1 Y 1 A ASP 30 ? A ASP 7  
8  1 Y 1 A THR 31 ? A THR 8  
9  1 Y 1 A VAL 32 ? A VAL 9  
10 1 Y 1 A THR 33 ? A THR 10 
11 1 Y 1 A GLU 34 ? A GLU 11 
12 1 Y 1 A ASN 35 ? A ASN 12 
13 1 Y 1 A SER 36 ? A SER 13 
14 1 Y 1 A ASP 37 ? A ASP 14 
15 1 Y 1 A SER 38 ? A SER 15 
16 1 Y 1 A GLU 39 ? A GLU 16 
17 1 Y 1 A VAL 40 ? A VAL 17 
18 1 Y 1 A PHE 41 ? A PHE 18 
19 1 Y 1 A VAL 42 ? A VAL 19 
20 1 Y 1 A ASP 43 ? A ASP 20 
# 
loop_
_chem_comp_atom.comp_id 
_chem_comp_atom.atom_id 
_chem_comp_atom.type_symbol 
_chem_comp_atom.pdbx_aromatic_flag 
_chem_comp_atom.pdbx_stereo_config 
_chem_comp_atom.pdbx_ordinal 
ALA N    N  N N 1   
ALA CA   C  N S 2   
ALA C    C  N N 3   
ALA O    O  N N 4   
ALA CB   C  N N 5   
ALA OXT  O  N N 6   
ALA H    H  N N 7   
ALA H2   H  N N 8   
ALA HA   H  N N 9   
ALA HB1  H  N N 10  
ALA HB2  H  N N 11  
ALA HB3  H  N N 12  
ALA HXT  H  N N 13  
ARG N    N  N N 14  
ARG CA   C  N S 15  
ARG C    C  N N 16  
ARG O    O  N N 17  
ARG CB   C  N N 18  
ARG CG   C  N N 19  
ARG CD   C  N N 20  
ARG NE   N  N N 21  
ARG CZ   C  N N 22  
ARG NH1  N  N N 23  
ARG NH2  N  N N 24  
ARG OXT  O  N N 25  
ARG H    H  N N 26  
ARG H2   H  N N 27  
ARG HA   H  N N 28  
ARG HB2  H  N N 29  
ARG HB3  H  N N 30  
ARG HG2  H  N N 31  
ARG HG3  H  N N 32  
ARG HD2  H  N N 33  
ARG HD3  H  N N 34  
ARG HE   H  N N 35  
ARG HH11 H  N N 36  
ARG HH12 H  N N 37  
ARG HH21 H  N N 38  
ARG HH22 H  N N 39  
ARG HXT  H  N N 40  
ASN N    N  N N 41  
ASN CA   C  N S 42  
ASN C    C  N N 43  
ASN O    O  N N 44  
ASN CB   C  N N 45  
ASN CG   C  N N 46  
ASN OD1  O  N N 47  
ASN ND2  N  N N 48  
ASN OXT  O  N N 49  
ASN H    H  N N 50  
ASN H2   H  N N 51  
ASN HA   H  N N 52  
ASN HB2  H  N N 53  
ASN HB3  H  N N 54  
ASN HD21 H  N N 55  
ASN HD22 H  N N 56  
ASN HXT  H  N N 57  
ASP N    N  N N 58  
ASP CA   C  N S 59  
ASP C    C  N N 60  
ASP O    O  N N 61  
ASP CB   C  N N 62  
ASP CG   C  N N 63  
ASP OD1  O  N N 64  
ASP OD2  O  N N 65  
ASP OXT  O  N N 66  
ASP H    H  N N 67  
ASP H2   H  N N 68  
ASP HA   H  N N 69  
ASP HB2  H  N N 70  
ASP HB3  H  N N 71  
ASP HD2  H  N N 72  
ASP HXT  H  N N 73  
GLN N    N  N N 74  
GLN CA   C  N S 75  
GLN C    C  N N 76  
GLN O    O  N N 77  
GLN CB   C  N N 78  
GLN CG   C  N N 79  
GLN CD   C  N N 80  
GLN OE1  O  N N 81  
GLN NE2  N  N N 82  
GLN OXT  O  N N 83  
GLN H    H  N N 84  
GLN H2   H  N N 85  
GLN HA   H  N N 86  
GLN HB2  H  N N 87  
GLN HB3  H  N N 88  
GLN HG2  H  N N 89  
GLN HG3  H  N N 90  
GLN HE21 H  N N 91  
GLN HE22 H  N N 92  
GLN HXT  H  N N 93  
GLU N    N  N N 94  
GLU CA   C  N S 95  
GLU C    C  N N 96  
GLU O    O  N N 97  
GLU CB   C  N N 98  
GLU CG   C  N N 99  
GLU CD   C  N N 100 
GLU OE1  O  N N 101 
GLU OE2  O  N N 102 
GLU OXT  O  N N 103 
GLU H    H  N N 104 
GLU H2   H  N N 105 
GLU HA   H  N N 106 
GLU HB2  H  N N 107 
GLU HB3  H  N N 108 
GLU HG2  H  N N 109 
GLU HG3  H  N N 110 
GLU HE2  H  N N 111 
GLU HXT  H  N N 112 
GLY N    N  N N 113 
GLY CA   C  N N 114 
GLY C    C  N N 115 
GLY O    O  N N 116 
GLY OXT  O  N N 117 
GLY H    H  N N 118 
GLY H2   H  N N 119 
GLY HA2  H  N N 120 
GLY HA3  H  N N 121 
GLY HXT  H  N N 122 
HOH O    O  N N 123 
HOH H1   H  N N 124 
HOH H2   H  N N 125 
ILE N    N  N N 126 
ILE CA   C  N S 127 
ILE C    C  N N 128 
ILE O    O  N N 129 
ILE CB   C  N S 130 
ILE CG1  C  N N 131 
ILE CG2  C  N N 132 
ILE CD1  C  N N 133 
ILE OXT  O  N N 134 
ILE H    H  N N 135 
ILE H2   H  N N 136 
ILE HA   H  N N 137 
ILE HB   H  N N 138 
ILE HG12 H  N N 139 
ILE HG13 H  N N 140 
ILE HG21 H  N N 141 
ILE HG22 H  N N 142 
ILE HG23 H  N N 143 
ILE HD11 H  N N 144 
ILE HD12 H  N N 145 
ILE HD13 H  N N 146 
ILE HXT  H  N N 147 
LEU N    N  N N 148 
LEU CA   C  N S 149 
LEU C    C  N N 150 
LEU O    O  N N 151 
LEU CB   C  N N 152 
LEU CG   C  N N 153 
LEU CD1  C  N N 154 
LEU CD2  C  N N 155 
LEU OXT  O  N N 156 
LEU H    H  N N 157 
LEU H2   H  N N 158 
LEU HA   H  N N 159 
LEU HB2  H  N N 160 
LEU HB3  H  N N 161 
LEU HG   H  N N 162 
LEU HD11 H  N N 163 
LEU HD12 H  N N 164 
LEU HD13 H  N N 165 
LEU HD21 H  N N 166 
LEU HD22 H  N N 167 
LEU HD23 H  N N 168 
LEU HXT  H  N N 169 
LYS N    N  N N 170 
LYS CA   C  N S 171 
LYS C    C  N N 172 
LYS O    O  N N 173 
LYS CB   C  N N 174 
LYS CG   C  N N 175 
LYS CD   C  N N 176 
LYS CE   C  N N 177 
LYS NZ   N  N N 178 
LYS OXT  O  N N 179 
LYS H    H  N N 180 
LYS H2   H  N N 181 
LYS HA   H  N N 182 
LYS HB2  H  N N 183 
LYS HB3  H  N N 184 
LYS HG2  H  N N 185 
LYS HG3  H  N N 186 
LYS HD2  H  N N 187 
LYS HD3  H  N N 188 
LYS HE2  H  N N 189 
LYS HE3  H  N N 190 
LYS HZ1  H  N N 191 
LYS HZ2  H  N N 192 
LYS HZ3  H  N N 193 
LYS HXT  H  N N 194 
MSE N    N  N N 195 
MSE CA   C  N S 196 
MSE C    C  N N 197 
MSE O    O  N N 198 
MSE OXT  O  N N 199 
MSE CB   C  N N 200 
MSE CG   C  N N 201 
MSE SE   SE N N 202 
MSE CE   C  N N 203 
MSE H    H  N N 204 
MSE H2   H  N N 205 
MSE HA   H  N N 206 
MSE HXT  H  N N 207 
MSE HB2  H  N N 208 
MSE HB3  H  N N 209 
MSE HG2  H  N N 210 
MSE HG3  H  N N 211 
MSE HE1  H  N N 212 
MSE HE2  H  N N 213 
MSE HE3  H  N N 214 
NA  NA   NA N N 215 
PHE N    N  N N 216 
PHE CA   C  N S 217 
PHE C    C  N N 218 
PHE O    O  N N 219 
PHE CB   C  N N 220 
PHE CG   C  Y N 221 
PHE CD1  C  Y N 222 
PHE CD2  C  Y N 223 
PHE CE1  C  Y N 224 
PHE CE2  C  Y N 225 
PHE CZ   C  Y N 226 
PHE OXT  O  N N 227 
PHE H    H  N N 228 
PHE H2   H  N N 229 
PHE HA   H  N N 230 
PHE HB2  H  N N 231 
PHE HB3  H  N N 232 
PHE HD1  H  N N 233 
PHE HD2  H  N N 234 
PHE HE1  H  N N 235 
PHE HE2  H  N N 236 
PHE HZ   H  N N 237 
PHE HXT  H  N N 238 
PRO N    N  N N 239 
PRO CA   C  N S 240 
PRO C    C  N N 241 
PRO O    O  N N 242 
PRO CB   C  N N 243 
PRO CG   C  N N 244 
PRO CD   C  N N 245 
PRO OXT  O  N N 246 
PRO H    H  N N 247 
PRO HA   H  N N 248 
PRO HB2  H  N N 249 
PRO HB3  H  N N 250 
PRO HG2  H  N N 251 
PRO HG3  H  N N 252 
PRO HD2  H  N N 253 
PRO HD3  H  N N 254 
PRO HXT  H  N N 255 
SER N    N  N N 256 
SER CA   C  N S 257 
SER C    C  N N 258 
SER O    O  N N 259 
SER CB   C  N N 260 
SER OG   O  N N 261 
SER OXT  O  N N 262 
SER H    H  N N 263 
SER H2   H  N N 264 
SER HA   H  N N 265 
SER HB2  H  N N 266 
SER HB3  H  N N 267 
SER HG   H  N N 268 
SER HXT  H  N N 269 
THR N    N  N N 270 
THR CA   C  N S 271 
THR C    C  N N 272 
THR O    O  N N 273 
THR CB   C  N R 274 
THR OG1  O  N N 275 
THR CG2  C  N N 276 
THR OXT  O  N N 277 
THR H    H  N N 278 
THR H2   H  N N 279 
THR HA   H  N N 280 
THR HB   H  N N 281 
THR HG1  H  N N 282 
THR HG21 H  N N 283 
THR HG22 H  N N 284 
THR HG23 H  N N 285 
THR HXT  H  N N 286 
TYR N    N  N N 287 
TYR CA   C  N S 288 
TYR C    C  N N 289 
TYR O    O  N N 290 
TYR CB   C  N N 291 
TYR CG   C  Y N 292 
TYR CD1  C  Y N 293 
TYR CD2  C  Y N 294 
TYR CE1  C  Y N 295 
TYR CE2  C  Y N 296 
TYR CZ   C  Y N 297 
TYR OH   O  N N 298 
TYR OXT  O  N N 299 
TYR H    H  N N 300 
TYR H2   H  N N 301 
TYR HA   H  N N 302 
TYR HB2  H  N N 303 
TYR HB3  H  N N 304 
TYR HD1  H  N N 305 
TYR HD2  H  N N 306 
TYR HE1  H  N N 307 
TYR HE2  H  N N 308 
TYR HH   H  N N 309 
TYR HXT  H  N N 310 
VAL N    N  N N 311 
VAL CA   C  N S 312 
VAL C    C  N N 313 
VAL O    O  N N 314 
VAL CB   C  N N 315 
VAL CG1  C  N N 316 
VAL CG2  C  N N 317 
VAL OXT  O  N N 318 
VAL H    H  N N 319 
VAL H2   H  N N 320 
VAL HA   H  N N 321 
VAL HB   H  N N 322 
VAL HG11 H  N N 323 
VAL HG12 H  N N 324 
VAL HG13 H  N N 325 
VAL HG21 H  N N 326 
VAL HG22 H  N N 327 
VAL HG23 H  N N 328 
VAL HXT  H  N N 329 
# 
loop_
_chem_comp_bond.comp_id 
_chem_comp_bond.atom_id_1 
_chem_comp_bond.atom_id_2 
_chem_comp_bond.value_order 
_chem_comp_bond.pdbx_aromatic_flag 
_chem_comp_bond.pdbx_stereo_config 
_chem_comp_bond.pdbx_ordinal 
ALA N   CA   sing N N 1   
ALA N   H    sing N N 2   
ALA N   H2   sing N N 3   
ALA CA  C    sing N N 4   
ALA CA  CB   sing N N 5   
ALA CA  HA   sing N N 6   
ALA C   O    doub N N 7   
ALA C   OXT  sing N N 8   
ALA CB  HB1  sing N N 9   
ALA CB  HB2  sing N N 10  
ALA CB  HB3  sing N N 11  
ALA OXT HXT  sing N N 12  
ARG N   CA   sing N N 13  
ARG N   H    sing N N 14  
ARG N   H2   sing N N 15  
ARG CA  C    sing N N 16  
ARG CA  CB   sing N N 17  
ARG CA  HA   sing N N 18  
ARG C   O    doub N N 19  
ARG C   OXT  sing N N 20  
ARG CB  CG   sing N N 21  
ARG CB  HB2  sing N N 22  
ARG CB  HB3  sing N N 23  
ARG CG  CD   sing N N 24  
ARG CG  HG2  sing N N 25  
ARG CG  HG3  sing N N 26  
ARG CD  NE   sing N N 27  
ARG CD  HD2  sing N N 28  
ARG CD  HD3  sing N N 29  
ARG NE  CZ   sing N N 30  
ARG NE  HE   sing N N 31  
ARG CZ  NH1  sing N N 32  
ARG CZ  NH2  doub N N 33  
ARG NH1 HH11 sing N N 34  
ARG NH1 HH12 sing N N 35  
ARG NH2 HH21 sing N N 36  
ARG NH2 HH22 sing N N 37  
ARG OXT HXT  sing N N 38  
ASN N   CA   sing N N 39  
ASN N   H    sing N N 40  
ASN N   H2   sing N N 41  
ASN CA  C    sing N N 42  
ASN CA  CB   sing N N 43  
ASN CA  HA   sing N N 44  
ASN C   O    doub N N 45  
ASN C   OXT  sing N N 46  
ASN CB  CG   sing N N 47  
ASN CB  HB2  sing N N 48  
ASN CB  HB3  sing N N 49  
ASN CG  OD1  doub N N 50  
ASN CG  ND2  sing N N 51  
ASN ND2 HD21 sing N N 52  
ASN ND2 HD22 sing N N 53  
ASN OXT HXT  sing N N 54  
ASP N   CA   sing N N 55  
ASP N   H    sing N N 56  
ASP N   H2   sing N N 57  
ASP CA  C    sing N N 58  
ASP CA  CB   sing N N 59  
ASP CA  HA   sing N N 60  
ASP C   O    doub N N 61  
ASP C   OXT  sing N N 62  
ASP CB  CG   sing N N 63  
ASP CB  HB2  sing N N 64  
ASP CB  HB3  sing N N 65  
ASP CG  OD1  doub N N 66  
ASP CG  OD2  sing N N 67  
ASP OD2 HD2  sing N N 68  
ASP OXT HXT  sing N N 69  
GLN N   CA   sing N N 70  
GLN N   H    sing N N 71  
GLN N   H2   sing N N 72  
GLN CA  C    sing N N 73  
GLN CA  CB   sing N N 74  
GLN CA  HA   sing N N 75  
GLN C   O    doub N N 76  
GLN C   OXT  sing N N 77  
GLN CB  CG   sing N N 78  
GLN CB  HB2  sing N N 79  
GLN CB  HB3  sing N N 80  
GLN CG  CD   sing N N 81  
GLN CG  HG2  sing N N 82  
GLN CG  HG3  sing N N 83  
GLN CD  OE1  doub N N 84  
GLN CD  NE2  sing N N 85  
GLN NE2 HE21 sing N N 86  
GLN NE2 HE22 sing N N 87  
GLN OXT HXT  sing N N 88  
GLU N   CA   sing N N 89  
GLU N   H    sing N N 90  
GLU N   H2   sing N N 91  
GLU CA  C    sing N N 92  
GLU CA  CB   sing N N 93  
GLU CA  HA   sing N N 94  
GLU C   O    doub N N 95  
GLU C   OXT  sing N N 96  
GLU CB  CG   sing N N 97  
GLU CB  HB2  sing N N 98  
GLU CB  HB3  sing N N 99  
GLU CG  CD   sing N N 100 
GLU CG  HG2  sing N N 101 
GLU CG  HG3  sing N N 102 
GLU CD  OE1  doub N N 103 
GLU CD  OE2  sing N N 104 
GLU OE2 HE2  sing N N 105 
GLU OXT HXT  sing N N 106 
GLY N   CA   sing N N 107 
GLY N   H    sing N N 108 
GLY N   H2   sing N N 109 
GLY CA  C    sing N N 110 
GLY CA  HA2  sing N N 111 
GLY CA  HA3  sing N N 112 
GLY C   O    doub N N 113 
GLY C   OXT  sing N N 114 
GLY OXT HXT  sing N N 115 
HOH O   H1   sing N N 116 
HOH O   H2   sing N N 117 
ILE N   CA   sing N N 118 
ILE N   H    sing N N 119 
ILE N   H2   sing N N 120 
ILE CA  C    sing N N 121 
ILE CA  CB   sing N N 122 
ILE CA  HA   sing N N 123 
ILE C   O    doub N N 124 
ILE C   OXT  sing N N 125 
ILE CB  CG1  sing N N 126 
ILE CB  CG2  sing N N 127 
ILE CB  HB   sing N N 128 
ILE CG1 CD1  sing N N 129 
ILE CG1 HG12 sing N N 130 
ILE CG1 HG13 sing N N 131 
ILE CG2 HG21 sing N N 132 
ILE CG2 HG22 sing N N 133 
ILE CG2 HG23 sing N N 134 
ILE CD1 HD11 sing N N 135 
ILE CD1 HD12 sing N N 136 
ILE CD1 HD13 sing N N 137 
ILE OXT HXT  sing N N 138 
LEU N   CA   sing N N 139 
LEU N   H    sing N N 140 
LEU N   H2   sing N N 141 
LEU CA  C    sing N N 142 
LEU CA  CB   sing N N 143 
LEU CA  HA   sing N N 144 
LEU C   O    doub N N 145 
LEU C   OXT  sing N N 146 
LEU CB  CG   sing N N 147 
LEU CB  HB2  sing N N 148 
LEU CB  HB3  sing N N 149 
LEU CG  CD1  sing N N 150 
LEU CG  CD2  sing N N 151 
LEU CG  HG   sing N N 152 
LEU CD1 HD11 sing N N 153 
LEU CD1 HD12 sing N N 154 
LEU CD1 HD13 sing N N 155 
LEU CD2 HD21 sing N N 156 
LEU CD2 HD22 sing N N 157 
LEU CD2 HD23 sing N N 158 
LEU OXT HXT  sing N N 159 
LYS N   CA   sing N N 160 
LYS N   H    sing N N 161 
LYS N   H2   sing N N 162 
LYS CA  C    sing N N 163 
LYS CA  CB   sing N N 164 
LYS CA  HA   sing N N 165 
LYS C   O    doub N N 166 
LYS C   OXT  sing N N 167 
LYS CB  CG   sing N N 168 
LYS CB  HB2  sing N N 169 
LYS CB  HB3  sing N N 170 
LYS CG  CD   sing N N 171 
LYS CG  HG2  sing N N 172 
LYS CG  HG3  sing N N 173 
LYS CD  CE   sing N N 174 
LYS CD  HD2  sing N N 175 
LYS CD  HD3  sing N N 176 
LYS CE  NZ   sing N N 177 
LYS CE  HE2  sing N N 178 
LYS CE  HE3  sing N N 179 
LYS NZ  HZ1  sing N N 180 
LYS NZ  HZ2  sing N N 181 
LYS NZ  HZ3  sing N N 182 
LYS OXT HXT  sing N N 183 
MSE N   CA   sing N N 184 
MSE N   H    sing N N 185 
MSE N   H2   sing N N 186 
MSE CA  C    sing N N 187 
MSE CA  CB   sing N N 188 
MSE CA  HA   sing N N 189 
MSE C   O    doub N N 190 
MSE C   OXT  sing N N 191 
MSE OXT HXT  sing N N 192 
MSE CB  CG   sing N N 193 
MSE CB  HB2  sing N N 194 
MSE CB  HB3  sing N N 195 
MSE CG  SE   sing N N 196 
MSE CG  HG2  sing N N 197 
MSE CG  HG3  sing N N 198 
MSE SE  CE   sing N N 199 
MSE CE  HE1  sing N N 200 
MSE CE  HE2  sing N N 201 
MSE CE  HE3  sing N N 202 
PHE N   CA   sing N N 203 
PHE N   H    sing N N 204 
PHE N   H2   sing N N 205 
PHE CA  C    sing N N 206 
PHE CA  CB   sing N N 207 
PHE CA  HA   sing N N 208 
PHE C   O    doub N N 209 
PHE C   OXT  sing N N 210 
PHE CB  CG   sing N N 211 
PHE CB  HB2  sing N N 212 
PHE CB  HB3  sing N N 213 
PHE CG  CD1  doub Y N 214 
PHE CG  CD2  sing Y N 215 
PHE CD1 CE1  sing Y N 216 
PHE CD1 HD1  sing N N 217 
PHE CD2 CE2  doub Y N 218 
PHE CD2 HD2  sing N N 219 
PHE CE1 CZ   doub Y N 220 
PHE CE1 HE1  sing N N 221 
PHE CE2 CZ   sing Y N 222 
PHE CE2 HE2  sing N N 223 
PHE CZ  HZ   sing N N 224 
PHE OXT HXT  sing N N 225 
PRO N   CA   sing N N 226 
PRO N   CD   sing N N 227 
PRO N   H    sing N N 228 
PRO CA  C    sing N N 229 
PRO CA  CB   sing N N 230 
PRO CA  HA   sing N N 231 
PRO C   O    doub N N 232 
PRO C   OXT  sing N N 233 
PRO CB  CG   sing N N 234 
PRO CB  HB2  sing N N 235 
PRO CB  HB3  sing N N 236 
PRO CG  CD   sing N N 237 
PRO CG  HG2  sing N N 238 
PRO CG  HG3  sing N N 239 
PRO CD  HD2  sing N N 240 
PRO CD  HD3  sing N N 241 
PRO OXT HXT  sing N N 242 
SER N   CA   sing N N 243 
SER N   H    sing N N 244 
SER N   H2   sing N N 245 
SER CA  C    sing N N 246 
SER CA  CB   sing N N 247 
SER CA  HA   sing N N 248 
SER C   O    doub N N 249 
SER C   OXT  sing N N 250 
SER CB  OG   sing N N 251 
SER CB  HB2  sing N N 252 
SER CB  HB3  sing N N 253 
SER OG  HG   sing N N 254 
SER OXT HXT  sing N N 255 
THR N   CA   sing N N 256 
THR N   H    sing N N 257 
THR N   H2   sing N N 258 
THR CA  C    sing N N 259 
THR CA  CB   sing N N 260 
THR CA  HA   sing N N 261 
THR C   O    doub N N 262 
THR C   OXT  sing N N 263 
THR CB  OG1  sing N N 264 
THR CB  CG2  sing N N 265 
THR CB  HB   sing N N 266 
THR OG1 HG1  sing N N 267 
THR CG2 HG21 sing N N 268 
THR CG2 HG22 sing N N 269 
THR CG2 HG23 sing N N 270 
THR OXT HXT  sing N N 271 
TYR N   CA   sing N N 272 
TYR N   H    sing N N 273 
TYR N   H2   sing N N 274 
TYR CA  C    sing N N 275 
TYR CA  CB   sing N N 276 
TYR CA  HA   sing N N 277 
TYR C   O    doub N N 278 
TYR C   OXT  sing N N 279 
TYR CB  CG   sing N N 280 
TYR CB  HB2  sing N N 281 
TYR CB  HB3  sing N N 282 
TYR CG  CD1  doub Y N 283 
TYR CG  CD2  sing Y N 284 
TYR CD1 CE1  sing Y N 285 
TYR CD1 HD1  sing N N 286 
TYR CD2 CE2  doub Y N 287 
TYR CD2 HD2  sing N N 288 
TYR CE1 CZ   doub Y N 289 
TYR CE1 HE1  sing N N 290 
TYR CE2 CZ   sing Y N 291 
TYR CE2 HE2  sing N N 292 
TYR CZ  OH   sing N N 293 
TYR OH  HH   sing N N 294 
TYR OXT HXT  sing N N 295 
VAL N   CA   sing N N 296 
VAL N   H    sing N N 297 
VAL N   H2   sing N N 298 
VAL CA  C    sing N N 299 
VAL CA  CB   sing N N 300 
VAL CA  HA   sing N N 301 
VAL C   O    doub N N 302 
VAL C   OXT  sing N N 303 
VAL CB  CG1  sing N N 304 
VAL CB  CG2  sing N N 305 
VAL CB  HB   sing N N 306 
VAL CG1 HG11 sing N N 307 
VAL CG1 HG12 sing N N 308 
VAL CG1 HG13 sing N N 309 
VAL CG2 HG21 sing N N 310 
VAL CG2 HG22 sing N N 311 
VAL CG2 HG23 sing N N 312 
VAL OXT HXT  sing N N 313 
# 
_atom_sites.entry_id                    4HLB 
_atom_sites.fract_transf_matrix[1][1]   -0.01232203 
_atom_sites.fract_transf_matrix[1][2]   0.00948696 
_atom_sites.fract_transf_matrix[1][3]   -0.01252926 
_atom_sites.fract_transf_matrix[2][1]   0.00660845 
_atom_sites.fract_transf_matrix[2][2]   0.01555822 
_atom_sites.fract_transf_matrix[2][3]   -0.01063348 
_atom_sites.fract_transf_matrix[3][1]   0.00426232 
_atom_sites.fract_transf_matrix[3][2]   -0.00969014 
_atom_sites.fract_transf_matrix[3][3]   -0.01152905 
_atom_sites.fract_transf_vector[1]      0.690328 
_atom_sites.fract_transf_vector[2]      0.410342 
_atom_sites.fract_transf_vector[3]      0.037786 
# 
loop_
_atom_type.symbol 
C  
N  
NA 
O  
SE 
# 
loop_
_atom_site.group_PDB 
_atom_site.id 
_atom_site.type_symbol 
_atom_site.label_atom_id 
_atom_site.label_alt_id 
_atom_site.label_comp_id 
_atom_site.label_asym_id 
_atom_site.label_entity_id 
_atom_site.label_seq_id 
_atom_site.pdbx_PDB_ins_code 
_atom_site.Cartn_x 
_atom_site.Cartn_y 
_atom_site.Cartn_z 
_atom_site.occupancy 
_atom_site.B_iso_or_equiv 
_atom_site.pdbx_formal_charge 
_atom_site.auth_seq_id 
_atom_site.auth_comp_id 
_atom_site.auth_asym_id 
_atom_site.auth_atom_id 
_atom_site.pdbx_PDB_model_num 
ATOM   1   N  N   . ASP A 1 21  ? 0.858   14.437  -14.000 1.00 110.16 ? 44  ASP A N   1 
ATOM   2   C  CA  . ASP A 1 21  ? -0.052  13.262  -14.140 1.00 106.36 ? 44  ASP A CA  1 
ATOM   3   C  C   . ASP A 1 21  ? 0.613   11.976  -13.643 1.00 90.35  ? 44  ASP A C   1 
ATOM   4   O  O   . ASP A 1 21  ? 0.036   11.237  -12.828 1.00 65.67  ? 44  ASP A O   1 
ATOM   5   C  CB  . ASP A 1 21  ? -0.479  13.100  -15.601 1.00 116.10 ? 44  ASP A CB  1 
ATOM   6   C  CG  . ASP A 1 21  ? -1.365  11.881  -15.821 1.00 117.62 ? 44  ASP A CG  1 
ATOM   7   O  OD1 . ASP A 1 21  ? -2.060  11.447  -14.872 1.00 92.85  ? 44  ASP A OD1 1 
ATOM   8   O  OD2 . ASP A 1 21  ? -1.362  11.358  -16.956 1.00 118.95 ? 44  ASP A OD2 1 
ATOM   9   N  N   . SER A 1 22  ? 1.820   11.714  -14.148 1.00 80.59  ? 45  SER A N   1 
ATOM   10  C  CA  . SER A 1 22  ? 2.630   10.572  -13.709 1.00 66.25  ? 45  SER A CA  1 
ATOM   11  C  C   . SER A 1 22  ? 2.938   10.621  -12.192 1.00 59.27  ? 45  SER A C   1 
ATOM   12  O  O   . SER A 1 22  ? 3.106   9.588   -11.559 1.00 55.63  ? 45  SER A O   1 
ATOM   13  C  CB  . SER A 1 22  ? 3.938   10.506  -14.518 1.00 67.46  ? 45  SER A CB  1 
ATOM   14  N  N   . ASP A 1 23  ? 3.001   11.825  -11.624 1.00 55.11  ? 46  ASP A N   1 
ATOM   15  C  CA  . ASP A 1 23  ? 3.358   12.015  -10.220 1.00 52.26  ? 46  ASP A CA  1 
ATOM   16  C  C   . ASP A 1 23  ? 2.158   12.292  -9.314  1.00 42.76  ? 46  ASP A C   1 
ATOM   17  O  O   . ASP A 1 23  ? 2.322   12.781  -8.195  1.00 41.53  ? 46  ASP A O   1 
ATOM   18  C  CB  . ASP A 1 23  ? 4.391   13.140  -10.106 1.00 56.68  ? 46  ASP A CB  1 
ATOM   19  C  CG  . ASP A 1 23  ? 5.760   12.702  -10.600 1.00 68.80  ? 46  ASP A CG  1 
ATOM   20  O  OD1 . ASP A 1 23  ? 6.338   11.759  -9.999  1.00 62.17  ? 46  ASP A OD1 1 
ATOM   21  O  OD2 . ASP A 1 23  ? 6.242   13.282  -11.599 1.00 77.01  ? 46  ASP A OD2 1 
ATOM   22  N  N   . ARG A 1 24  ? 0.961   11.956  -9.787  1.00 39.14  ? 47  ARG A N   1 
ATOM   23  C  CA  . ARG A 1 24  ? -0.261  12.245  -9.050  1.00 38.58  ? 47  ARG A CA  1 
ATOM   24  C  C   . ARG A 1 24  ? -0.211  11.737  -7.606  1.00 34.32  ? 47  ARG A C   1 
ATOM   25  O  O   . ARG A 1 24  ? -0.614  12.442  -6.678  1.00 32.53  ? 47  ARG A O   1 
ATOM   26  C  CB  . ARG A 1 24  ? -1.461  11.627  -9.753  1.00 37.56  ? 47  ARG A CB  1 
ATOM   27  C  CG  . ARG A 1 24  ? -2.771  12.058  -9.136  1.00 37.25  ? 47  ARG A CG  1 
ATOM   28  C  CD  . ARG A 1 24  ? -3.951  11.347  -9.763  1.00 39.42  ? 47  ARG A CD  1 
ATOM   29  N  NE  . ARG A 1 24  ? -5.177  11.804  -9.117  1.00 42.10  ? 47  ARG A NE  1 
ATOM   30  C  CZ  . ARG A 1 24  ? -6.387  11.295  -9.321  1.00 42.39  ? 47  ARG A CZ  1 
ATOM   31  N  NH1 . ARG A 1 24  ? -6.553  10.286  -10.155 1.00 40.42  ? 47  ARG A NH1 1 
ATOM   32  N  NH2 . ARG A 1 24  ? -7.436  11.797  -8.676  1.00 41.96  ? 47  ARG A NH2 1 
ATOM   33  N  N   . PHE A 1 25  ? 0.269   10.508  -7.418  1.00 29.40  ? 48  PHE A N   1 
ATOM   34  C  CA  . PHE A 1 25  ? 0.230   9.903   -6.086  1.00 28.84  ? 48  PHE A CA  1 
ATOM   35  C  C   . PHE A 1 25  ? 1.576   9.936   -5.367  1.00 27.83  ? 48  PHE A C   1 
ATOM   36  O  O   . PHE A 1 25  ? 1.697   9.390   -4.282  1.00 26.74  ? 48  PHE A O   1 
ATOM   37  C  CB  . PHE A 1 25  ? -0.250  8.445   -6.190  1.00 27.22  ? 48  PHE A CB  1 
ATOM   38  C  CG  . PHE A 1 25  ? -1.601  8.295   -6.803  1.00 27.92  ? 48  PHE A CG  1 
ATOM   39  C  CD1 . PHE A 1 25  ? -2.733  8.776   -6.153  1.00 28.25  ? 48  PHE A CD1 1 
ATOM   40  C  CD2 . PHE A 1 25  ? -1.754  7.661   -8.034  1.00 30.24  ? 48  PHE A CD2 1 
ATOM   41  C  CE1 . PHE A 1 25  ? -3.990  8.653   -6.718  1.00 29.02  ? 48  PHE A CE1 1 
ATOM   42  C  CE2 . PHE A 1 25  ? -3.003  7.531   -8.603  1.00 29.05  ? 48  PHE A CE2 1 
ATOM   43  C  CZ  . PHE A 1 25  ? -4.126  8.021   -7.941  1.00 32.35  ? 48  PHE A CZ  1 
ATOM   44  N  N   . THR A 1 26  ? 2.604   10.528  -5.982  1.00 31.38  ? 49  THR A N   1 
ATOM   45  C  CA  . THR A 1 26  ? 3.971   10.394  -5.480  1.00 30.33  ? 49  THR A CA  1 
ATOM   46  C  C   . THR A 1 26  ? 4.128   10.976  -4.062  1.00 29.70  ? 49  THR A C   1 
ATOM   47  O  O   . THR A 1 26  ? 4.690   10.331  -3.183  1.00 28.43  ? 49  THR A O   1 
ATOM   48  C  CB  . THR A 1 26  ? 5.003   11.026  -6.456  1.00 35.77  ? 49  THR A CB  1 
ATOM   49  O  OG1 . THR A 1 26  ? 4.853   10.437  -7.758  1.00 34.82  ? 49  THR A OG1 1 
ATOM   50  C  CG2 . THR A 1 26  ? 6.415   10.778  -5.982  1.00 37.50  ? 49  THR A CG2 1 
ATOM   51  N  N   . ALA A 1 27  ? 3.611   12.178  -3.842  1.00 32.26  ? 50  ALA A N   1 
ATOM   52  C  CA  . ALA A 1 27  ? 3.735   12.823  -2.535  1.00 33.80  ? 50  ALA A CA  1 
ATOM   53  C  C   . ALA A 1 27  ? 3.072   11.962  -1.467  1.00 29.66  ? 50  ALA A C   1 
ATOM   54  O  O   . ALA A 1 27  ? 3.674   11.694  -0.428  1.00 27.87  ? 50  ALA A O   1 
ATOM   55  C  CB  . ALA A 1 27  ? 3.141   14.227  -2.566  1.00 38.25  ? 50  ALA A CB  1 
ATOM   56  N  N   . PHE A 1 28  ? 1.866   11.467  -1.762  1.00 31.06  ? 51  PHE A N   1 
ATOM   57  C  CA  . PHE A 1 28  ? 1.125   10.557  -0.866  1.00 27.36  ? 51  PHE A CA  1 
ATOM   58  C  C   . PHE A 1 28  ? 1.912   9.297   -0.557  1.00 23.02  ? 51  PHE A C   1 
ATOM   59  O  O   . PHE A 1 28  ? 2.030   8.899   0.598   1.00 22.63  ? 51  PHE A O   1 
ATOM   60  C  CB  . PHE A 1 28  ? -0.234  10.226  -1.479  1.00 27.19  ? 51  PHE A CB  1 
ATOM   61  C  CG  . PHE A 1 28  ? -1.058  9.251   -0.684  1.00 26.17  ? 51  PHE A CG  1 
ATOM   62  C  CD1 . PHE A 1 28  ? -1.692  9.641   0.485   1.00 31.10  ? 51  PHE A CD1 1 
ATOM   63  C  CD2 . PHE A 1 28  ? -1.205  7.937   -1.116  1.00 29.50  ? 51  PHE A CD2 1 
ATOM   64  C  CE1 . PHE A 1 28  ? -2.456  8.743   1.224   1.00 26.56  ? 51  PHE A CE1 1 
ATOM   65  C  CE2 . PHE A 1 28  ? -1.974  7.038   -0.383  1.00 27.42  ? 51  PHE A CE2 1 
ATOM   66  C  CZ  . PHE A 1 28  ? -2.613  7.460   0.771   1.00 25.63  ? 51  PHE A CZ  1 
ATOM   67  N  N   . GLU A 1 29  ? 2.454   8.663   -1.595  1.00 23.29  ? 52  GLU A N   1 
ATOM   68  C  CA  . GLU A 1 29  ? 3.268   7.456   -1.431  1.00 22.00  ? 52  GLU A CA  1 
ATOM   69  C  C   . GLU A 1 29  ? 4.470   7.673   -0.511  1.00 21.25  ? 52  GLU A C   1 
ATOM   70  O  O   . GLU A 1 29  ? 4.728   6.850   0.372   1.00 21.33  ? 52  GLU A O   1 
ATOM   71  C  CB  . GLU A 1 29  ? 3.733   6.929   -2.795  1.00 23.30  ? 52  GLU A CB  1 
ATOM   72  C  CG  . GLU A 1 29  ? 2.602   6.400   -3.671  1.00 22.66  ? 52  GLU A CG  1 
ATOM   73  C  CD  . GLU A 1 29  ? 2.956   6.301   -5.133  1.00 26.24  ? 52  GLU A CD  1 
ATOM   74  O  OE1 . GLU A 1 29  ? 4.027   6.810   -5.531  1.00 25.83  ? 52  GLU A OE1 1 
ATOM   75  O  OE2 . GLU A 1 29  ? 2.142   5.726   -5.882  1.00 25.20  ? 52  GLU A OE2 1 
ATOM   76  N  N   . GLU A 1 30  ? 5.195   8.770   -0.723  1.00 25.63  ? 53  GLU A N   1 
ATOM   77  C  CA  A GLU A 1 30  ? 6.379   9.187   0.063   0.50 26.04  ? 53  GLU A CA  1 
ATOM   78  C  CA  B GLU A 1 30  ? 6.382   8.989   0.081   0.50 26.76  ? 53  GLU A CA  1 
ATOM   79  C  C   . GLU A 1 30  ? 6.034   9.398   1.538   1.00 25.04  ? 53  GLU A C   1 
ATOM   80  O  O   . GLU A 1 30  ? 6.791   9.033   2.458   1.00 25.07  ? 53  GLU A O   1 
ATOM   81  C  CB  A GLU A 1 30  ? 6.958   10.512  -0.496  0.50 28.17  ? 53  GLU A CB  1 
ATOM   82  C  CB  B GLU A 1 30  ? 7.372   9.908   -0.635  0.50 30.50  ? 53  GLU A CB  1 
ATOM   83  C  CG  A GLU A 1 30  ? 7.725   10.396  -1.808  0.50 31.80  ? 53  GLU A CG  1 
ATOM   84  C  CG  B GLU A 1 30  ? 7.863   9.327   -1.983  0.50 32.15  ? 53  GLU A CG  1 
ATOM   85  C  CD  A GLU A 1 30  ? 8.178   11.741  -2.345  0.50 35.32  ? 53  GLU A CD  1 
ATOM   86  C  CD  B GLU A 1 30  ? 8.296   7.843   -1.961  0.50 34.95  ? 53  GLU A CD  1 
ATOM   87  O  OE1 A GLU A 1 30  ? 7.912   12.769  -1.692  0.50 39.53  ? 53  GLU A OE1 1 
ATOM   88  O  OE1 B GLU A 1 30  ? 7.431   6.902   -1.924  0.50 28.66  ? 53  GLU A OE1 1 
ATOM   89  O  OE2 A GLU A 1 30  ? 8.794   11.773  -3.429  0.50 36.61  ? 53  GLU A OE2 1 
ATOM   90  O  OE2 B GLU A 1 30  ? 9.527   7.608   -2.053  0.50 33.60  ? 53  GLU A OE2 1 
ATOM   91  N  N   . GLU A 1 31  ? 4.873   10.017  1.765   1.00 25.62  ? 54  GLU A N   1 
ATOM   92  C  CA  A GLU A 1 31  ? 4.348   10.231  3.134   0.50 26.59  ? 54  GLU A CA  1 
ATOM   93  C  CA  B GLU A 1 31  ? 4.372   10.233  3.131   0.50 25.83  ? 54  GLU A CA  1 
ATOM   94  C  C   . GLU A 1 31  ? 4.105   8.902   3.848   1.00 24.16  ? 54  GLU A C   1 
ATOM   95  O  O   . GLU A 1 31  ? 4.490   8.726   5.011   1.00 23.86  ? 54  GLU A O   1 
ATOM   96  C  CB  A GLU A 1 31  ? 3.042   11.061  3.117   0.50 29.18  ? 54  GLU A CB  1 
ATOM   97  C  CB  B GLU A 1 31  ? 3.114   11.124  3.117   0.50 27.07  ? 54  GLU A CB  1 
ATOM   98  C  CG  A GLU A 1 31  ? 2.467   11.371  4.498   0.50 31.54  ? 54  GLU A CG  1 
ATOM   99  C  CG  B GLU A 1 31  ? 3.410   12.555  2.696   0.50 28.99  ? 54  GLU A CG  1 
ATOM   100 C  CD  A GLU A 1 31  ? 1.002   11.809  4.450   0.50 38.83  ? 54  GLU A CD  1 
ATOM   101 C  CD  B GLU A 1 31  ? 2.167   13.372  2.426   0.50 31.27  ? 54  GLU A CD  1 
ATOM   102 O  OE1 A GLU A 1 31  ? 0.572   12.355  3.408   0.50 39.26  ? 54  GLU A OE1 1 
ATOM   103 O  OE1 B GLU A 1 31  ? 1.182   13.203  3.163   0.50 33.18  ? 54  GLU A OE1 1 
ATOM   104 O  OE2 A GLU A 1 31  ? 0.271   11.577  5.440   0.50 35.79  ? 54  GLU A OE2 1 
ATOM   105 O  OE2 B GLU A 1 31  ? 2.175   14.201  1.489   0.50 31.32  ? 54  GLU A OE2 1 
ATOM   106 N  N   . LEU A 1 32  ? 3.466   7.955   3.154   1.00 22.70  ? 55  LEU A N   1 
ATOM   107 C  CA  . LEU A 1 32  ? 3.183   6.646   3.726   1.00 20.79  ? 55  LEU A CA  1 
ATOM   108 C  C   . LEU A 1 32  ? 4.492   5.869   3.979   1.00 22.03  ? 55  LEU A C   1 
ATOM   109 O  O   . LEU A 1 32  ? 4.682   5.246   5.028   1.00 20.84  ? 55  LEU A O   1 
ATOM   110 C  CB  . LEU A 1 32  ? 2.258   5.811   2.812   1.00 21.36  ? 55  LEU A CB  1 
ATOM   111 C  CG  . LEU A 1 32  ? 0.797   6.248   2.646   1.00 24.44  ? 55  LEU A CG  1 
ATOM   112 C  CD1 . LEU A 1 32  ? -0.002  5.201   1.885   1.00 24.23  ? 55  LEU A CD1 1 
ATOM   113 C  CD2 . LEU A 1 32  ? 0.169   6.526   3.983   1.00 26.55  ? 55  LEU A CD2 1 
ATOM   114 N  N   . LEU A 1 33  ? 5.402   5.920   3.017   1.00 22.17  ? 56  LEU A N   1 
ATOM   115 C  CA  . LEU A 1 33  ? 6.700   5.281   3.187   1.00 22.91  ? 56  LEU A CA  1 
ATOM   116 C  C   . LEU A 1 33  ? 7.403   5.785   4.451   1.00 24.14  ? 56  LEU A C   1 
ATOM   117 O  O   . LEU A 1 33  ? 7.876   4.996   5.286   1.00 23.84  ? 56  LEU A O   1 
ATOM   118 C  CB  . LEU A 1 33  ? 7.585   5.514   1.958   1.00 25.42  ? 56  LEU A CB  1 
ATOM   119 C  CG  . LEU A 1 33  ? 9.004   4.922   2.096   1.00 27.70  ? 56  LEU A CG  1 
ATOM   120 C  CD1 . LEU A 1 33  ? 8.936   3.435   2.399   1.00 27.66  ? 56  LEU A CD1 1 
ATOM   121 C  CD2 . LEU A 1 33  ? 9.789   5.186   0.810   1.00 29.84  ? 56  LEU A CD2 1 
ATOM   122 N  N   . ALA A 1 34  ? 7.479   7.101   4.580   1.00 25.85  ? 57  ALA A N   1 
ATOM   123 C  CA  . ALA A 1 34  ? 8.122   7.698   5.742   1.00 27.35  ? 57  ALA A CA  1 
ATOM   124 C  C   . ALA A 1 34  ? 7.417   7.341   7.057   1.00 25.07  ? 57  ALA A C   1 
ATOM   125 O  O   . ALA A 1 34  ? 8.079   7.165   8.069   1.00 28.70  ? 57  ALA A O   1 
ATOM   126 C  CB  . ALA A 1 34  ? 8.256   9.215   5.587   1.00 29.18  ? 57  ALA A CB  1 
ATOM   127 N  N   . ARG A 1 35  ? 6.097   7.216   7.032   1.00 24.00  ? 58  ARG A N   1 
ATOM   128 C  CA  . ARG A 1 35  ? 5.342   6.852   8.217   1.00 25.06  ? 58  ARG A CA  1 
ATOM   129 C  C   . ARG A 1 35  ? 5.616   5.412   8.667   1.00 24.58  ? 58  ARG A C   1 
ATOM   130 O  O   . ARG A 1 35  ? 5.657   5.131   9.843   1.00 25.02  ? 58  ARG A O   1 
ATOM   131 C  CB  . ARG A 1 35  ? 3.843   7.012   7.950   1.00 23.72  ? 58  ARG A CB  1 
ATOM   132 C  CG  . ARG A 1 35  ? 2.997   6.855   9.199   1.00 28.19  ? 58  ARG A CG  1 
ATOM   133 C  CD  . ARG A 1 35  ? 1.719   7.656   9.085   1.00 31.92  ? 58  ARG A CD  1 
ATOM   134 N  NE  . ARG A 1 35  ? 0.724   6.880   8.381   1.00 37.49  ? 58  ARG A NE  1 
ATOM   135 C  CZ  . ARG A 1 35  ? -0.197  7.383   7.558   1.00 37.99  ? 58  ARG A CZ  1 
ATOM   136 N  NH1 . ARG A 1 35  ? -0.254  8.691   7.306   1.00 42.99  ? 58  ARG A NH1 1 
ATOM   137 N  NH2 . ARG A 1 35  ? -1.066  6.547   6.990   1.00 39.78  ? 58  ARG A NH2 1 
ATOM   138 N  N   . TYR A 1 36  ? 5.829   4.510   7.709   1.00 23.89  ? 59  TYR A N   1 
ATOM   139 C  CA  . TYR A 1 36  ? 5.939   3.091   8.027   1.00 24.52  ? 59  TYR A CA  1 
ATOM   140 C  C   . TYR A 1 36  ? 7.324   2.483   7.820   1.00 24.61  ? 59  TYR A C   1 
ATOM   141 O  O   . TYR A 1 36  ? 7.481   1.281   7.990   1.00 26.66  ? 59  TYR A O   1 
ATOM   142 C  CB  . TYR A 1 36  ? 4.915   2.317   7.203   1.00 24.58  ? 59  TYR A CB  1 
ATOM   143 C  CG  . TYR A 1 36  ? 3.493   2.721   7.524   1.00 24.01  ? 59  TYR A CG  1 
ATOM   144 C  CD1 . TYR A 1 36  ? 3.009   2.628   8.832   1.00 26.95  ? 59  TYR A CD1 1 
ATOM   145 C  CD2 . TYR A 1 36  ? 2.648   3.230   6.531   1.00 22.47  ? 59  TYR A CD2 1 
ATOM   146 C  CE1 . TYR A 1 36  ? 1.713   3.002   9.145   1.00 28.12  ? 59  TYR A CE1 1 
ATOM   147 C  CE2 . TYR A 1 36  ? 1.347   3.637   6.846   1.00 25.05  ? 59  TYR A CE2 1 
ATOM   148 C  CZ  . TYR A 1 36  ? 0.886   3.506   8.146   1.00 24.16  ? 59  TYR A CZ  1 
ATOM   149 O  OH  . TYR A 1 36  ? -0.409  3.879   8.478   1.00 24.43  ? 59  TYR A OH  1 
ATOM   150 N  N   . ALA A 1 37  ? 8.327   3.301   7.511   1.00 27.28  ? 60  ALA A N   1 
ATOM   151 C  CA  . ALA A 1 37  ? 9.699   2.793   7.360   1.00 27.73  ? 60  ALA A CA  1 
ATOM   152 C  C   . ALA A 1 37  ? 10.198  1.987   8.578   1.00 30.56  ? 60  ALA A C   1 
ATOM   153 O  O   . ALA A 1 37  ? 10.927  0.996   8.407   1.00 29.03  ? 60  ALA A O   1 
ATOM   154 C  CB  . ALA A 1 37  ? 10.662  3.916   7.026   1.00 30.76  ? 60  ALA A CB  1 
ATOM   155 N  N   . ASP A 1 38  ? 9.770   2.359   9.788   1.00 27.22  ? 61  ASP A N   1 
ATOM   156 C  CA  . ASP A 1 38  ? 10.206  1.654   10.989  1.00 30.29  ? 61  ASP A CA  1 
ATOM   157 C  C   . ASP A 1 38  ? 9.612   0.260   11.096  1.00 32.02  ? 61  ASP A C   1 
ATOM   158 O  O   . ASP A 1 38  ? 10.081  -0.554  11.888  1.00 34.58  ? 61  ASP A O   1 
ATOM   159 C  CB  . ASP A 1 38  ? 9.830   2.430   12.261  1.00 36.75  ? 61  ASP A CB  1 
ATOM   160 C  CG  . ASP A 1 38  ? 10.619  3.734   12.424  1.00 50.14  ? 61  ASP A CG  1 
ATOM   161 O  OD1 . ASP A 1 38  ? 11.705  3.866   11.800  1.00 48.53  ? 61  ASP A OD1 1 
ATOM   162 O  OD2 . ASP A 1 38  ? 10.155  4.608   13.201  1.00 60.79  ? 61  ASP A OD2 1 
ATOM   163 N  N   . LYS A 1 39  ? 8.576   0.003   10.313  1.00 27.35  ? 62  LYS A N   1 
ATOM   164 C  CA  . LYS A 1 39  ? 7.906   -1.295  10.268  1.00 29.26  ? 62  LYS A CA  1 
ATOM   165 C  C   . LYS A 1 39  ? 8.349   -2.137  9.087   1.00 26.85  ? 62  LYS A C   1 
ATOM   166 O  O   . LYS A 1 39  ? 7.659   -3.087  8.716   1.00 31.24  ? 62  LYS A O   1 
ATOM   167 C  CB  . LYS A 1 39  ? 6.400   -1.088  10.235  1.00 31.82  ? 62  LYS A CB  1 
ATOM   168 C  CG  . LYS A 1 39  ? 5.929   -0.286  11.449  1.00 38.33  ? 62  LYS A CG  1 
ATOM   169 C  CD  . LYS A 1 39  ? 4.442   -0.407  11.703  1.00 53.29  ? 62  LYS A CD  1 
ATOM   170 C  CE  . LYS A 1 39  ? 4.095   0.245   13.048  1.00 64.73  ? 62  LYS A CE  1 
ATOM   171 N  NZ  . LYS A 1 39  ? 2.656   0.603   13.154  1.00 73.80  ? 62  LYS A NZ  1 
ATOM   172 N  N   . GLY A 1 40  ? 9.485   -1.782  8.498   1.00 27.09  ? 63  GLY A N   1 
ATOM   173 C  CA  . GLY A 1 40  ? 10.095  -2.595  7.448   1.00 26.47  ? 63  GLY A CA  1 
ATOM   174 C  C   . GLY A 1 40  ? 9.598   -2.288  6.043   1.00 25.13  ? 63  GLY A C   1 
ATOM   175 O  O   . GLY A 1 40  ? 10.073  -2.888  5.078   1.00 24.45  ? 63  GLY A O   1 
ATOM   176 N  N   . ILE A 1 41  ? 8.697   -1.314  5.903   1.00 25.76  ? 64  ILE A N   1 
ATOM   177 C  CA  . ILE A 1 41  ? 8.234   -0.857  4.589   1.00 24.28  ? 64  ILE A CA  1 
ATOM   178 C  C   . ILE A 1 41  ? 9.301   -0.062  3.830   1.00 24.42  ? 64  ILE A C   1 
ATOM   179 O  O   . ILE A 1 41  ? 9.852   0.909   4.348   1.00 27.13  ? 64  ILE A O   1 
ATOM   180 C  CB  . ILE A 1 41  ? 6.938   -0.021  4.705   1.00 23.40  ? 64  ILE A CB  1 
ATOM   181 C  CG1 . ILE A 1 41  ? 5.841   -0.817  5.442   1.00 24.47  ? 64  ILE A CG1 1 
ATOM   182 C  CG2 . ILE A 1 41  ? 6.515   0.488   3.333   1.00 22.10  ? 64  ILE A CG2 1 
ATOM   183 C  CD1 . ILE A 1 41  ? 5.567   -2.213  4.888   1.00 22.13  ? 64  ILE A CD1 1 
ATOM   184 N  N   . ARG A 1 42  ? 9.598   -0.503  2.604   1.00 21.65  ? 65  ARG A N   1 
ATOM   185 C  CA  . ARG A 1 42  ? 10.625  0.092   1.737   1.00 23.28  ? 65  ARG A CA  1 
ATOM   186 C  C   . ARG A 1 42  ? 10.069  0.768   0.475   1.00 24.37  ? 65  ARG A C   1 
ATOM   187 O  O   . ARG A 1 42  ? 10.747  1.607   -0.144  1.00 28.49  ? 65  ARG A O   1 
ATOM   188 C  CB  . ARG A 1 42  ? 11.644  -0.979  1.314   1.00 26.11  ? 65  ARG A CB  1 
ATOM   189 C  CG  . ARG A 1 42  ? 12.399  -1.589  2.490   1.00 29.57  ? 65  ARG A CG  1 
ATOM   190 C  CD  . ARG A 1 42  ? 13.222  -0.581  3.290   1.00 29.60  ? 65  ARG A CD  1 
ATOM   191 N  NE  . ARG A 1 42  ? 13.727  -1.214  4.521   1.00 32.06  ? 65  ARG A NE  1 
ATOM   192 C  CZ  . ARG A 1 42  ? 13.346  -0.942  5.771   1.00 29.52  ? 65  ARG A CZ  1 
ATOM   193 N  NH1 . ARG A 1 42  ? 12.477  0.035   6.054   1.00 30.70  ? 65  ARG A NH1 1 
ATOM   194 N  NH2 . ARG A 1 42  ? 13.863  -1.641  6.770   1.00 30.22  ? 65  ARG A NH2 1 
ATOM   195 N  N   . SER A 1 43  ? 8.856   0.395   0.061   1.00 24.49  ? 66  SER A N   1 
ATOM   196 C  CA  . SER A 1 43  ? 8.196   1.110   -1.003  1.00 22.43  ? 66  SER A CA  1 
ATOM   197 C  C   . SER A 1 43  ? 6.695   1.064   -0.844  1.00 20.54  ? 66  SER A C   1 
ATOM   198 O  O   . SER A 1 43  ? 6.128   0.119   -0.268  1.00 21.59  ? 66  SER A O   1 
ATOM   199 C  CB  . SER A 1 43  ? 8.587   0.574   -2.396  1.00 23.23  ? 66  SER A CB  1 
ATOM   200 O  OG  . SER A 1 43  ? 7.945   -0.667  -2.630  1.00 22.80  ? 66  SER A OG  1 
ATOM   201 N  N   . VAL A 1 44  ? 6.059   2.098   -1.390  1.00 22.39  ? 67  VAL A N   1 
ATOM   202 C  CA  . VAL A 1 44  ? 4.592   2.197   -1.430  1.00 20.81  ? 67  VAL A CA  1 
ATOM   203 C  C   . VAL A 1 44  ? 4.227   2.685   -2.816  1.00 22.12  ? 67  VAL A C   1 
ATOM   204 O  O   . VAL A 1 44  ? 4.793   3.673   -3.297  1.00 23.34  ? 67  VAL A O   1 
ATOM   205 C  CB  . VAL A 1 44  ? 4.068   3.179   -0.351  1.00 19.52  ? 67  VAL A CB  1 
ATOM   206 C  CG1 . VAL A 1 44  ? 2.561   3.364   -0.463  1.00 22.09  ? 67  VAL A CG1 1 
ATOM   207 C  CG2 . VAL A 1 44  ? 4.494   2.708   1.024   1.00 22.14  ? 67  VAL A CG2 1 
ATOM   208 N  N   . ASP A 1 45  ? 3.236   2.048   -3.437  1.00 20.98  ? 68  ASP A N   1 
ATOM   209 C  CA  . ASP A 1 45  ? 2.779   2.415   -4.774  1.00 22.73  ? 68  ASP A CA  1 
ATOM   210 C  C   . ASP A 1 45  ? 1.271   2.362   -4.848  1.00 22.07  ? 68  ASP A C   1 
ATOM   211 O  O   . ASP A 1 45  ? 0.671   1.355   -4.437  1.00 23.20  ? 68  ASP A O   1 
ATOM   212 C  CB  . ASP A 1 45  ? 3.370   1.447   -5.811  1.00 23.54  ? 68  ASP A CB  1 
ATOM   213 C  CG  . ASP A 1 45  ? 2.973   1.785   -7.235  1.00 31.97  ? 68  ASP A CG  1 
ATOM   214 O  OD1 . ASP A 1 45  ? 3.353   2.851   -7.732  1.00 34.11  ? 68  ASP A OD1 1 
ATOM   215 O  OD2 . ASP A 1 45  ? 2.287   0.963   -7.874  1.00 42.86  ? 68  ASP A OD2 1 
ATOM   216 N  N   . VAL A 1 46  ? 0.665   3.433   -5.357  1.00 22.18  ? 69  VAL A N   1 
ATOM   217 C  CA  . VAL A 1 46  ? -0.767  3.445   -5.681  1.00 22.81  ? 69  VAL A CA  1 
ATOM   218 C  C   . VAL A 1 46  ? -0.938  2.914   -7.121  1.00 24.49  ? 69  VAL A C   1 
ATOM   219 O  O   . VAL A 1 46  ? -0.617  3.596   -8.112  1.00 26.72  ? 69  VAL A O   1 
ATOM   220 C  CB  . VAL A 1 46  ? -1.427  4.831   -5.549  1.00 23.70  ? 69  VAL A CB  1 
ATOM   221 C  CG1 . VAL A 1 46  ? -2.915  4.759   -5.921  1.00 23.68  ? 69  VAL A CG1 1 
ATOM   222 C  CG2 . VAL A 1 46  ? -1.292  5.380   -4.138  1.00 23.33  ? 69  VAL A CG2 1 
ATOM   223 N  N   . ALA A 1 47  ? -1.445  1.696   -7.207  1.00 21.01  ? 70  ALA A N   1 
ATOM   224 C  CA  . ALA A 1 47  ? -1.585  0.944   -8.467  1.00 22.17  ? 70  ALA A CA  1 
ATOM   225 C  C   . ALA A 1 47  ? -3.028  0.911   -8.916  1.00 23.19  ? 70  ALA A C   1 
ATOM   226 O  O   . ALA A 1 47  ? -3.825  0.103   -8.423  1.00 27.05  ? 70  ALA A O   1 
ATOM   227 C  CB  . ALA A 1 47  ? -1.084  -0.489  -8.265  1.00 24.22  ? 70  ALA A CB  1 
ATOM   228 N  N   . ALA A 1 48  ? -3.374  1.760   -9.864  1.00 24.81  ? 71  ALA A N   1 
ATOM   229 C  CA  . ALA A 1 48  ? -4.742  1.798   -10.381 1.00 26.40  ? 71  ALA A CA  1 
ATOM   230 C  C   . ALA A 1 48  ? -4.871  0.918   -11.628 1.00 30.13  ? 71  ALA A C   1 
ATOM   231 O  O   . ALA A 1 48  ? -3.990  0.945   -12.495 1.00 31.11  ? 71  ALA A O   1 
ATOM   232 C  CB  . ALA A 1 48  ? -5.107  3.232   -10.749 1.00 26.02  ? 71  ALA A CB  1 
ATOM   233 N  N   . TYR A 1 49  ? -5.990  0.199   -11.733 1.00 29.92  ? 72  TYR A N   1 
ATOM   234 C  CA  . TYR A 1 49  ? -6.346  -0.510  -12.975 1.00 35.09  ? 72  TYR A CA  1 
ATOM   235 C  C   . TYR A 1 49  ? -7.824  -0.286  -13.264 1.00 37.04  ? 72  TYR A C   1 
ATOM   236 O  O   . TYR A 1 49  ? -8.463  0.534   -12.587 1.00 36.22  ? 72  TYR A O   1 
ATOM   237 C  CB  . TYR A 1 49  ? -5.986  -1.991  -12.863 1.00 35.62  ? 72  TYR A CB  1 
ATOM   238 C  CG  . TYR A 1 49  ? -6.302  -2.639  -11.538 1.00 34.31  ? 72  TYR A CG  1 
ATOM   239 C  CD1 . TYR A 1 49  ? -5.405  -2.538  -10.483 1.00 35.52  ? 72  TYR A CD1 1 
ATOM   240 C  CD2 . TYR A 1 49  ? -7.484  -3.399  -11.348 1.00 38.99  ? 72  TYR A CD2 1 
ATOM   241 C  CE1 . TYR A 1 49  ? -5.661  -3.136  -9.256  1.00 38.83  ? 72  TYR A CE1 1 
ATOM   242 C  CE2 . TYR A 1 49  ? -7.757  -4.017  -10.106 1.00 39.17  ? 72  TYR A CE2 1 
ATOM   243 C  CZ  . TYR A 1 49  ? -6.836  -3.875  -9.062  1.00 43.94  ? 72  TYR A CZ  1 
ATOM   244 O  OH  . TYR A 1 49  ? -7.023  -4.467  -7.814  1.00 45.38  ? 72  TYR A OH  1 
ATOM   245 N  N   . ALA A 1 50  ? -8.375  -0.977  -14.263 1.00 35.67  ? 73  ALA A N   1 
ATOM   246 C  CA  . ALA A 1 50  ? -9.738  -0.705  -14.693 1.00 37.32  ? 73  ALA A CA  1 
ATOM   247 C  C   . ALA A 1 50  ? -10.771 -0.917  -13.566 1.00 39.57  ? 73  ALA A C   1 
ATOM   248 O  O   . ALA A 1 50  ? -11.653 -0.095  -13.384 1.00 40.47  ? 73  ALA A O   1 
ATOM   249 C  CB  . ALA A 1 50  ? -10.101 -1.537  -15.922 1.00 41.17  ? 73  ALA A CB  1 
ATOM   250 N  N   . LYS A 1 51  ? -10.662 -2.003  -12.809 1.00 40.19  ? 74  LYS A N   1 
ATOM   251 C  CA  . LYS A 1 51  ? -11.709 -2.381  -11.859 1.00 43.45  ? 74  LYS A CA  1 
ATOM   252 C  C   . LYS A 1 51  ? -11.468 -1.854  -10.450 1.00 41.78  ? 74  LYS A C   1 
ATOM   253 O  O   . LYS A 1 51  ? -12.386 -1.835  -9.627  1.00 48.21  ? 74  LYS A O   1 
ATOM   254 C  CB  . LYS A 1 51  ? -11.871 -3.910  -11.810 1.00 43.94  ? 74  LYS A CB  1 
ATOM   255 N  N   . GLY A 1 52  ? -10.244 -1.450  -10.149 1.00 33.52  ? 75  GLY A N   1 
ATOM   256 C  CA  . GLY A 1 52  ? -9.960  -0.942  -8.834  1.00 32.46  ? 75  GLY A CA  1 
ATOM   257 C  C   . GLY A 1 52  ? -8.591  -0.325  -8.693  1.00 28.28  ? 75  GLY A C   1 
ATOM   258 O  O   . GLY A 1 52  ? -7.895  -0.084  -9.672  1.00 27.29  ? 75  GLY A O   1 
ATOM   259 N  N   . ILE A 1 53  ? -8.247  -0.061  -7.444  1.00 28.68  ? 76  ILE A N   1 
ATOM   260 C  CA  . ILE A 1 53  ? -6.998  0.559   -7.064  1.00 26.74  ? 76  ILE A CA  1 
ATOM   261 C  C   . ILE A 1 53  ? -6.460  -0.223  -5.898  1.00 27.34  ? 76  ILE A C   1 
ATOM   262 O  O   . ILE A 1 53  ? -7.193  -0.520  -4.948  1.00 27.25  ? 76  ILE A O   1 
ATOM   263 C  CB  . ILE A 1 53  ? -7.205  2.018   -6.592  1.00 27.49  ? 76  ILE A CB  1 
ATOM   264 C  CG1 . ILE A 1 53  ? -7.906  2.852   -7.669  1.00 30.39  ? 76  ILE A CG1 1 
ATOM   265 C  CG2 . ILE A 1 53  ? -5.868  2.652   -6.182  1.00 27.54  ? 76  ILE A CG2 1 
ATOM   266 C  CD1 . ILE A 1 53  ? -8.345  4.232   -7.183  1.00 30.48  ? 76  ILE A CD1 1 
ATOM   267 N  N   . ASP A 1 54  ? -5.173  -0.521  -5.928  1.00 24.10  ? 77  ASP A N   1 
ATOM   268 C  CA  . ASP A 1 54  ? -4.539  -1.115  -4.782  1.00 23.61  ? 77  ASP A CA  1 
ATOM   269 C  C   . ASP A 1 54  ? -3.389  -0.237  -4.303  1.00 22.60  ? 77  ASP A C   1 
ATOM   270 O  O   . ASP A 1 54  ? -2.675  0.352   -5.116  1.00 25.32  ? 77  ASP A O   1 
ATOM   271 C  CB  . ASP A 1 54  ? -3.978  -2.489  -5.136  1.00 23.99  ? 77  ASP A CB  1 
ATOM   272 C  CG  . ASP A 1 54  ? -5.044  -3.569  -5.262  1.00 27.44  ? 77  ASP A CG  1 
ATOM   273 O  OD1 . ASP A 1 54  ? -5.921  -3.715  -4.368  1.00 33.44  ? 77  ASP A OD1 1 
ATOM   274 O  OD2 . ASP A 1 54  ? -4.957  -4.309  -6.261  1.00 28.46  ? 77  ASP A OD2 1 
ATOM   275 N  N   . ILE A 1 55  ? -3.209  -0.170  -2.982  1.00 21.67  ? 78  ILE A N   1 
ATOM   276 C  CA  . ILE A 1 55  ? -2.008  0.401   -2.416  1.00 20.56  ? 78  ILE A CA  1 
ATOM   277 C  C   . ILE A 1 55  ? -1.074  -0.788  -2.143  1.00 19.07  ? 78  ILE A C   1 
ATOM   278 O  O   . ILE A 1 55  ? -1.407  -1.686  -1.362  1.00 19.72  ? 78  ILE A O   1 
ATOM   279 C  CB  . ILE A 1 55  ? -2.250  1.214   -1.135  1.00 21.75  ? 78  ILE A CB  1 
ATOM   280 C  CG1 . ILE A 1 55  ? -3.402  2.207   -1.302  1.00 23.61  ? 78  ILE A CG1 1 
ATOM   281 C  CG2 . ILE A 1 55  ? -0.969  1.940   -0.733  1.00 22.74  ? 78  ILE A CG2 1 
ATOM   282 C  CD1 . ILE A 1 55  ? -3.659  3.052   -0.069  1.00 23.21  ? 78  ILE A CD1 1 
ATOM   283 N  N   . VAL A 1 56  ? 0.074   -0.795  -2.819  1.00 17.54  ? 79  VAL A N   1 
ATOM   284 C  CA  . VAL A 1 56  ? 1.023   -1.885  -2.763  1.00 18.53  ? 79  VAL A CA  1 
ATOM   285 C  C   . VAL A 1 56  ? 2.210   -1.501  -1.904  1.00 17.83  ? 79  VAL A C   1 
ATOM   286 O  O   . VAL A 1 56  ? 2.925   -0.536  -2.205  1.00 20.12  ? 79  VAL A O   1 
ATOM   287 C  CB  . VAL A 1 56  ? 1.492   -2.289  -4.167  1.00 21.16  ? 79  VAL A CB  1 
ATOM   288 C  CG1 . VAL A 1 56  ? 2.491   -3.433  -4.059  1.00 22.14  ? 79  VAL A CG1 1 
ATOM   289 C  CG2 . VAL A 1 56  ? 0.302   -2.651  -5.047  1.00 23.69  ? 79  VAL A CG2 1 
ATOM   290 N  N   . PHE A 1 57  ? 2.362   -2.228  -0.802  1.00 18.48  ? 80  PHE A N   1 
ATOM   291 C  CA  . PHE A 1 57  ? 3.420   -2.040  0.169   1.00 18.80  ? 80  PHE A CA  1 
ATOM   292 C  C   . PHE A 1 57  ? 4.443   -3.168  -0.015  1.00 20.55  ? 80  PHE A C   1 
ATOM   293 O  O   . PHE A 1 57  ? 4.088   -4.353  -0.110  1.00 20.15  ? 80  PHE A O   1 
ATOM   294 C  CB  . PHE A 1 57  ? 2.877   -2.130  1.601   1.00 19.32  ? 80  PHE A CB  1 
ATOM   295 C  CG  . PHE A 1 57  ? 1.897   -1.054  1.991   1.00 18.05  ? 80  PHE A CG  1 
ATOM   296 C  CD1 . PHE A 1 57  ? 0.553   -1.115  1.589   1.00 19.13  ? 80  PHE A CD1 1 
ATOM   297 C  CD2 . PHE A 1 57  ? 2.296   -0.009  2.813   1.00 19.76  ? 80  PHE A CD2 1 
ATOM   298 C  CE1 . PHE A 1 57  ? -0.373  -0.159  1.999   1.00 21.67  ? 80  PHE A CE1 1 
ATOM   299 C  CE2 . PHE A 1 57  ? 1.377   0.969   3.195   1.00 20.08  ? 80  PHE A CE2 1 
ATOM   300 C  CZ  . PHE A 1 57  ? 0.057   0.897   2.782   1.00 19.30  ? 80  PHE A CZ  1 
ATOM   301 N  N   . VAL A 1 58  ? 5.717   -2.798  -0.056  1.00 20.44  ? 81  VAL A N   1 
ATOM   302 C  CA  . VAL A 1 58  ? 6.809   -3.766  -0.081  1.00 21.09  ? 81  VAL A CA  1 
ATOM   303 C  C   . VAL A 1 58  ? 7.661   -3.611  1.188   1.00 21.46  ? 81  VAL A C   1 
ATOM   304 O  O   . VAL A 1 58  ? 8.117   -2.520  1.500   1.00 22.08  ? 81  VAL A O   1 
ATOM   305 C  CB  . VAL A 1 58  ? 7.642   -3.607  -1.361  1.00 22.63  ? 81  VAL A CB  1 
ATOM   306 C  CG1 . VAL A 1 58  ? 8.825   -4.574  -1.356  1.00 25.82  ? 81  VAL A CG1 1 
ATOM   307 C  CG2 . VAL A 1 58  ? 6.770   -3.849  -2.592  1.00 22.77  ? 81  VAL A CG2 1 
ATOM   308 N  N   . ALA A 1 59  ? 7.791   -4.715  1.918   1.00 20.24  ? 82  ALA A N   1 
ATOM   309 C  CA  . ALA A 1 59  ? 8.596   -4.812  3.122   1.00 21.81  ? 82  ALA A CA  1 
ATOM   310 C  C   . ALA A 1 59  ? 9.865   -5.622  2.908   1.00 25.70  ? 82  ALA A C   1 
ATOM   311 O  O   . ALA A 1 59  ? 9.921   -6.541  2.062   1.00 24.41  ? 82  ALA A O   1 
ATOM   312 C  CB  . ALA A 1 59  ? 7.801   -5.438  4.224   1.00 20.88  ? 82  ALA A CB  1 
ATOM   313 N  N   . ALA A 1 60  ? 10.879  -5.273  3.679   1.00 26.87  ? 83  ALA A N   1 
ATOM   314 C  CA  . ALA A 1 60  ? 12.158  -5.974  3.646   1.00 27.80  ? 83  ALA A CA  1 
ATOM   315 C  C   . ALA A 1 60  ? 12.233  -7.132  4.617   1.00 28.44  ? 83  ALA A C   1 
ATOM   316 O  O   . ALA A 1 60  ? 13.295  -7.744  4.727   1.00 33.75  ? 83  ALA A O   1 
ATOM   317 C  CB  . ALA A 1 60  ? 13.298  -5.004  3.898   1.00 32.71  ? 83  ALA A CB  1 
ATOM   318 N  N   . ASP A 1 61  ? 11.126  -7.452  5.289   1.00 26.07  ? 84  ASP A N   1 
ATOM   319 C  CA  . ASP A 1 61  ? 11.039  -8.555  6.252   1.00 29.47  ? 84  ASP A CA  1 
ATOM   320 C  C   . ASP A 1 61  ? 9.621   -9.090  6.333   1.00 27.55  ? 84  ASP A C   1 
ATOM   321 O  O   . ASP A 1 61  ? 8.703   -8.569  5.675   1.00 26.83  ? 84  ASP A O   1 
ATOM   322 C  CB  . ASP A 1 61  ? 11.508  -8.085  7.655   1.00 33.82  ? 84  ASP A CB  1 
ATOM   323 C  CG  . ASP A 1 61  ? 10.567  -7.045  8.280   1.00 36.44  ? 84  ASP A CG  1 
ATOM   324 O  OD1 . ASP A 1 61  ? 9.361   -7.345  8.470   1.00 37.18  ? 84  ASP A OD1 1 
ATOM   325 O  OD2 . ASP A 1 61  ? 11.041  -5.935  8.598   1.00 37.55  ? 84  ASP A OD2 1 
ATOM   326 N  N   . ARG A 1 62  ? 9.436   -10.102 7.168   1.00 27.55  ? 85  ARG A N   1 
ATOM   327 C  CA  . ARG A 1 62  ? 8.160   -10.784 7.350   1.00 29.35  ? 85  ARG A CA  1 
ATOM   328 C  C   . ARG A 1 62  ? 7.584   -10.640 8.756   1.00 29.19  ? 85  ARG A C   1 
ATOM   329 O  O   . ARG A 1 62  ? 6.797   -11.468 9.183   1.00 34.15  ? 85  ARG A O   1 
ATOM   330 C  CB  . ARG A 1 62  ? 8.346   -12.277 7.055   1.00 33.93  ? 85  ARG A CB  1 
ATOM   331 C  CG  . ARG A 1 62  ? 8.319   -12.658 5.586   1.00 40.13  ? 85  ARG A CG  1 
ATOM   332 C  CD  . ARG A 1 62  ? 8.453   -14.172 5.395   1.00 50.67  ? 85  ARG A CD  1 
ATOM   333 N  NE  . ARG A 1 62  ? 9.812   -14.561 5.006   1.00 70.83  ? 85  ARG A NE  1 
ATOM   334 C  CZ  . ARG A 1 62  ? 10.792  -14.923 5.843   1.00 85.88  ? 85  ARG A CZ  1 
ATOM   335 N  NH1 . ARG A 1 62  ? 10.603  -14.960 7.164   1.00 98.45  ? 85  ARG A NH1 1 
ATOM   336 N  NH2 . ARG A 1 62  ? 11.984  -15.256 5.351   1.00 69.66  ? 85  ARG A NH2 1 
ATOM   337 N  N   . LYS A 1 63  ? 7.928   -9.572  9.458   1.00 32.04  ? 86  LYS A N   1 
ATOM   338 C  CA  . LYS A 1 63  ? 7.531   -9.417  10.872  1.00 39.59  ? 86  LYS A CA  1 
ATOM   339 C  C   . LYS A 1 63  ? 6.072   -8.981  11.107  1.00 38.04  ? 86  LYS A C   1 
ATOM   340 O  O   . LYS A 1 63  ? 5.463   -9.352  12.101  1.00 36.27  ? 86  LYS A O   1 
ATOM   341 C  CB  . LYS A 1 63  ? 8.482   -8.429  11.562  1.00 45.09  ? 86  LYS A CB  1 
ATOM   342 C  CG  . LYS A 1 63  ? 9.900   -8.959  11.673  1.00 54.49  ? 86  LYS A CG  1 
ATOM   343 C  CD  . LYS A 1 63  ? 10.884  -7.856  12.022  1.00 68.40  ? 86  LYS A CD  1 
ATOM   344 C  CE  . LYS A 1 63  ? 12.304  -8.400  12.083  1.00 81.18  ? 86  LYS A CE  1 
ATOM   345 N  NZ  . LYS A 1 63  ? 13.306  -7.306  12.196  1.00 86.99  ? 86  LYS A NZ  1 
HETATM 346 N  N   . MSE A 1 64  ? 5.509   -8.199  10.198  1.00 32.93  ? 87  MSE A N   1 
HETATM 347 C  CA  . MSE A 1 64  ? 4.165   -7.658  10.373  1.00 31.85  ? 87  MSE A CA  1 
HETATM 348 C  C   . MSE A 1 64  ? 3.130   -8.759  10.412  1.00 35.59  ? 87  MSE A C   1 
HETATM 349 O  O   . MSE A 1 64  ? 3.138   -9.634  9.549   1.00 30.38  ? 87  MSE A O   1 
HETATM 350 C  CB  . MSE A 1 64  ? 3.903   -6.711  9.185   1.00 34.06  ? 87  MSE A CB  1 
HETATM 351 C  CG  . MSE A 1 64  ? 2.646   -5.890  9.375   1.00 33.15  ? 87  MSE A CG  1 
HETATM 352 SE SE  . MSE A 1 64  ? 2.573   -4.372  8.128   0.75 31.09  ? 87  MSE A SE  1 
HETATM 353 C  CE  . MSE A 1 64  ? 3.959   -3.185  8.834   1.00 37.44  ? 87  MSE A CE  1 
ATOM   354 N  N   . THR A 1 65  ? 2.217   -8.740  11.389  1.00 28.97  ? 88  THR A N   1 
ATOM   355 C  CA  . THR A 1 65  ? 1.075   -9.665  11.347  1.00 30.19  ? 88  THR A CA  1 
ATOM   356 C  C   . THR A 1 65  ? 0.031   -9.169  10.336  1.00 27.42  ? 88  THR A C   1 
ATOM   357 O  O   . THR A 1 65  ? 0.022   -8.004  9.945   1.00 25.96  ? 88  THR A O   1 
ATOM   358 C  CB  . THR A 1 65  ? 0.374   -9.844  12.706  1.00 34.10  ? 88  THR A CB  1 
ATOM   359 O  OG1 . THR A 1 65  ? -0.286  -8.628  13.059  1.00 31.17  ? 88  THR A OG1 1 
ATOM   360 C  CG2 . THR A 1 65  ? 1.378   -10.241 13.804  1.00 41.37  ? 88  THR A CG2 1 
ATOM   361 N  N   . ARG A 1 66  ? -0.872  -10.057 9.951   1.00 26.07  ? 89  ARG A N   1 
ATOM   362 C  CA  . ARG A 1 66  ? -1.989  -9.679  9.106   1.00 26.66  ? 89  ARG A CA  1 
ATOM   363 C  C   . ARG A 1 66  ? -2.826  -8.571  9.740   1.00 27.23  ? 89  ARG A C   1 
ATOM   364 O  O   . ARG A 1 66  ? -3.237  -7.655  9.065   1.00 23.89  ? 89  ARG A O   1 
ATOM   365 C  CB  . ARG A 1 66  ? -2.892  -10.872 8.800   1.00 29.61  ? 89  ARG A CB  1 
ATOM   366 C  CG  . ARG A 1 66  ? -3.854  -10.567 7.659   1.00 32.88  ? 89  ARG A CG  1 
ATOM   367 C  CD  . ARG A 1 66  ? -4.818  -11.712 7.367   1.00 39.12  ? 89  ARG A CD  1 
ATOM   368 N  NE  . ARG A 1 66  ? -5.776  -11.335 6.317   1.00 43.02  ? 89  ARG A NE  1 
ATOM   369 C  CZ  . ARG A 1 66  ? -6.849  -10.553 6.501   1.00 58.26  ? 89  ARG A CZ  1 
ATOM   370 N  NH1 . ARG A 1 66  ? -7.132  -10.050 7.711   1.00 59.65  ? 89  ARG A NH1 1 
ATOM   371 N  NH2 . ARG A 1 66  ? -7.648  -10.268 5.471   1.00 57.69  ? 89  ARG A NH2 1 
ATOM   372 N  N   . ALA A 1 67  ? -3.102  -8.686  11.039  1.00 28.28  ? 90  ALA A N   1 
ATOM   373 C  CA  . ALA A 1 67  ? -3.896  -7.670  11.756  1.00 29.40  ? 90  ALA A CA  1 
ATOM   374 C  C   . ALA A 1 67  ? -3.200  -6.320  11.736  1.00 26.05  ? 90  ALA A C   1 
ATOM   375 O  O   . ALA A 1 67  ? -3.838  -5.290  11.502  1.00 26.17  ? 90  ALA A O   1 
ATOM   376 C  CB  . ALA A 1 67  ? -4.168  -8.139  13.192  1.00 30.72  ? 90  ALA A CB  1 
ATOM   377 N  N   . GLU A 1 68  ? -1.882  -6.318  11.882  1.00 25.77  ? 91  GLU A N   1 
ATOM   378 C  CA  . GLU A 1 68  ? -1.109  -5.081  11.769  1.00 27.50  ? 91  GLU A CA  1 
ATOM   379 C  C   . GLU A 1 68  ? -1.160  -4.431  10.385  1.00 27.46  ? 91  GLU A C   1 
ATOM   380 O  O   . GLU A 1 68  ? -1.342  -3.211  10.244  1.00 23.44  ? 91  GLU A O   1 
ATOM   381 C  CB  . GLU A 1 68  ? 0.343   -5.332  12.166  1.00 32.15  ? 91  GLU A CB  1 
ATOM   382 C  CG  . GLU A 1 68  ? 0.476   -5.421  13.675  1.00 37.44  ? 91  GLU A CG  1 
ATOM   383 C  CD  . GLU A 1 68  ? 1.688   -6.164  14.164  1.00 39.19  ? 91  GLU A CD  1 
ATOM   384 O  OE1 . GLU A 1 68  ? 2.550   -6.574  13.362  1.00 36.96  ? 91  GLU A OE1 1 
ATOM   385 O  OE2 . GLU A 1 68  ? 1.744   -6.347  15.397  1.00 37.09  ? 91  GLU A OE2 1 
ATOM   386 N  N   . PHE A 1 69  ? -0.947  -5.252  9.366   1.00 22.86  ? 92  PHE A N   1 
ATOM   387 C  CA  . PHE A 1 69  ? -1.057  -4.787  8.009   1.00 22.66  ? 92  PHE A CA  1 
ATOM   388 C  C   . PHE A 1 69  ? -2.465  -4.326  7.699   1.00 20.53  ? 92  PHE A C   1 
ATOM   389 O  O   . PHE A 1 69  ? -2.666  -3.305  7.041   1.00 21.68  ? 92  PHE A O   1 
ATOM   390 C  CB  . PHE A 1 69  ? -0.654  -5.852  6.990   1.00 22.19  ? 92  PHE A CB  1 
ATOM   391 C  CG  . PHE A 1 69  ? -0.779  -5.355  5.588   1.00 19.32  ? 92  PHE A CG  1 
ATOM   392 C  CD1 . PHE A 1 69  ? -0.015  -4.267  5.164   1.00 19.05  ? 92  PHE A CD1 1 
ATOM   393 C  CD2 . PHE A 1 69  ? -1.694  -5.908  4.726   1.00 21.24  ? 92  PHE A CD2 1 
ATOM   394 C  CE1 . PHE A 1 69  ? -0.130  -3.763  3.888   1.00 19.93  ? 92  PHE A CE1 1 
ATOM   395 C  CE2 . PHE A 1 69  ? -1.804  -5.419  3.436   1.00 20.92  ? 92  PHE A CE2 1 
ATOM   396 C  CZ  . PHE A 1 69  ? -1.030  -4.344  3.030   1.00 18.97  ? 92  PHE A CZ  1 
ATOM   397 N  N   . SER A 1 70  ? -3.452  -5.047  8.201   1.00 22.14  ? 93  SER A N   1 
ATOM   398 C  CA  . SER A 1 70  ? -4.808  -4.692  7.887   1.00 22.44  ? 93  SER A CA  1 
ATOM   399 C  C   . SER A 1 70  ? -5.131  -3.276  8.423   1.00 22.17  ? 93  SER A C   1 
ATOM   400 O  O   . SER A 1 70  ? -5.863  -2.517  7.780   1.00 22.24  ? 93  SER A O   1 
ATOM   401 C  CB  . SER A 1 70  ? -5.754  -5.767  8.403   1.00 29.99  ? 93  SER A CB  1 
ATOM   402 O  OG  . SER A 1 70  ? -7.031  -5.231  8.606   1.00 35.30  ? 93  SER A OG  1 
ATOM   403 N  N   . ALA A 1 71  ? -4.597  -2.955  9.588   1.00 22.95  ? 94  ALA A N   1 
ATOM   404 C  CA  . ALA A 1 71  ? -4.808  -1.614  10.180  1.00 25.60  ? 94  ALA A CA  1 
ATOM   405 C  C   . ALA A 1 71  ? -4.092  -0.504  9.376   1.00 23.24  ? 94  ALA A C   1 
ATOM   406 O  O   . ALA A 1 71  ? -4.630  0.571   9.156   1.00 23.18  ? 94  ALA A O   1 
ATOM   407 C  CB  . ALA A 1 71  ? -4.370  -1.612  11.642  1.00 26.91  ? 94  ALA A CB  1 
ATOM   408 N  N   . ILE A 1 72  ? -2.865  -0.761  8.965   1.00 21.94  ? 95  ILE A N   1 
ATOM   409 C  CA  . ILE A 1 72  ? -2.087  0.169   8.155   1.00 23.10  ? 95  ILE A CA  1 
ATOM   410 C  C   . ILE A 1 72  ? -2.768  0.389   6.819   1.00 22.39  ? 95  ILE A C   1 
ATOM   411 O  O   . ILE A 1 72  ? -2.896  1.535   6.355   1.00 20.00  ? 95  ILE A O   1 
ATOM   412 C  CB  . ILE A 1 72  ? -0.661  -0.362  7.993   1.00 28.11  ? 95  ILE A CB  1 
ATOM   413 C  CG1 . ILE A 1 72  ? 0.142   -0.024  9.259   1.00 31.70  ? 95  ILE A CG1 1 
ATOM   414 C  CG2 . ILE A 1 72  ? 0.003   0.135   6.700   1.00 27.21  ? 95  ILE A CG2 1 
ATOM   415 C  CD1 . ILE A 1 72  ? 1.358   -0.934  9.402   1.00 42.91  ? 95  ILE A CD1 1 
ATOM   416 N  N   . ALA A 1 73  ? -3.251  -0.702  6.222   1.00 19.91  ? 96  ALA A N   1 
ATOM   417 C  CA  . ALA A 1 73  ? -3.926  -0.633  4.933   1.00 20.68  ? 96  ALA A CA  1 
ATOM   418 C  C   . ALA A 1 73  ? -5.235  0.116   5.029   1.00 19.45  ? 96  ALA A C   1 
ATOM   419 O  O   . ALA A 1 73  ? -5.522  0.980   4.198   1.00 19.26  ? 96  ALA A O   1 
ATOM   420 C  CB  . ALA A 1 73  ? -4.174  -2.025  4.391   1.00 22.73  ? 96  ALA A CB  1 
ATOM   421 N  N   . SER A 1 74  ? -6.005  -0.174  6.067   1.00 21.08  ? 97  SER A N   1 
ATOM   422 C  CA  . SER A 1 74  ? -7.302  0.467   6.221   1.00 23.35  ? 97  SER A CA  1 
ATOM   423 C  C   . SER A 1 74  ? -7.123  1.979   6.364   1.00 19.97  ? 97  SER A C   1 
ATOM   424 O  O   . SER A 1 74  ? -7.835  2.749   5.749   1.00 19.38  ? 97  SER A O   1 
ATOM   425 C  CB  . SER A 1 74  ? -8.020  -0.054  7.459   1.00 25.86  ? 97  SER A CB  1 
ATOM   426 O  OG  . SER A 1 74  ? -9.322  0.506   7.482   1.00 34.26  ? 97  SER A OG  1 
ATOM   427 N  N   . ARG A 1 75  ? -6.135  2.393   7.152   1.00 20.57  ? 98  ARG A N   1 
ATOM   428 C  CA  . ARG A 1 75  ? -5.913  3.838   7.366   1.00 21.62  ? 98  ARG A CA  1 
ATOM   429 C  C   . ARG A 1 75  ? -5.445  4.530   6.075   1.00 19.46  ? 98  ARG A C   1 
ATOM   430 O  O   . ARG A 1 75  ? -5.906  5.621   5.720   1.00 21.05  ? 98  ARG A O   1 
ATOM   431 C  CB  . ARG A 1 75  ? -4.871  4.067   8.465   1.00 22.62  ? 98  ARG A CB  1 
ATOM   432 C  CG  . ARG A 1 75  ? -4.472  5.533   8.547   1.00 28.11  ? 98  ARG A CG  1 
ATOM   433 C  CD  . ARG A 1 75  ? -3.520  5.828   9.677   1.00 29.19  ? 98  ARG A CD  1 
ATOM   434 N  NE  . ARG A 1 75  ? -3.178  7.245   9.677   1.00 27.84  ? 98  ARG A NE  1 
ATOM   435 C  CZ  . ARG A 1 75  ? -2.336  7.817   10.528  1.00 30.07  ? 98  ARG A CZ  1 
ATOM   436 N  NH1 . ARG A 1 75  ? -1.727  7.088   11.450  1.00 29.20  ? 98  ARG A NH1 1 
ATOM   437 N  NH2 . ARG A 1 75  ? -2.092  9.124   10.438  1.00 33.66  ? 98  ARG A NH2 1 
ATOM   438 N  N   . SER A 1 76  ? -4.524  3.875   5.359   1.00 18.85  ? 99  SER A N   1 
ATOM   439 C  CA  . SER A 1 76  ? -3.987  4.404   4.093   1.00 17.72  ? 99  SER A CA  1 
ATOM   440 C  C   . SER A 1 76  ? -5.074  4.553   3.046   1.00 18.62  ? 99  SER A C   1 
ATOM   441 O  O   . SER A 1 76  ? -5.090  5.508   2.293   1.00 19.09  ? 99  SER A O   1 
ATOM   442 C  CB  . SER A 1 76  ? -2.862  3.509   3.597   1.00 17.75  ? 99  SER A CB  1 
ATOM   443 O  OG  . SER A 1 76  ? -1.852  3.329   4.610   1.00 19.17  ? 99  SER A OG  1 
ATOM   444 N  N   . ILE A 1 77  ? -5.974  3.579   2.982   1.00 19.10  ? 100 ILE A N   1 
ATOM   445 C  CA  . ILE A 1 77  ? -7.109  3.632   2.068   1.00 20.92  ? 100 ILE A CA  1 
ATOM   446 C  C   . ILE A 1 77  ? -8.071  4.743   2.431   1.00 21.20  ? 100 ILE A C   1 
ATOM   447 O  O   . ILE A 1 77  ? -8.526  5.473   1.543   1.00 21.76  ? 100 ILE A O   1 
ATOM   448 C  CB  . ILE A 1 77  ? -7.819  2.277   2.030   1.00 23.38  ? 100 ILE A CB  1 
ATOM   449 C  CG1 . ILE A 1 77  ? -6.896  1.251   1.340   1.00 23.75  ? 100 ILE A CG1 1 
ATOM   450 C  CG2 . ILE A 1 77  ? -9.111  2.367   1.223   1.00 26.31  ? 100 ILE A CG2 1 
ATOM   451 C  CD1 . ILE A 1 77  ? -7.349  -0.182  1.540   1.00 25.99  ? 100 ILE A CD1 1 
ATOM   452 N  N   . ARG A 1 78  ? -8.371  4.901   3.718   1.00 20.40  ? 101 ARG A N   1 
ATOM   453 C  CA  . ARG A 1 78  ? -9.194  6.035   4.156   1.00 22.15  ? 101 ARG A CA  1 
ATOM   454 C  C   . ARG A 1 78  ? -8.560  7.358   3.706   1.00 22.49  ? 101 ARG A C   1 
ATOM   455 O  O   . ARG A 1 78  ? -9.219  8.222   3.118   1.00 22.48  ? 101 ARG A O   1 
ATOM   456 C  CB  . ARG A 1 78  ? -9.381  5.990   5.674   1.00 24.22  ? 101 ARG A CB  1 
ATOM   457 C  CG  . ARG A 1 78  ? -10.082 7.186   6.295   1.00 27.32  ? 101 ARG A CG  1 
ATOM   458 C  CD  . ARG A 1 78  ? -11.395 7.545   5.666   1.00 34.27  ? 101 ARG A CD  1 
ATOM   459 N  NE  . ARG A 1 78  ? -12.290 6.413   5.460   1.00 44.08  ? 101 ARG A NE  1 
ATOM   460 C  CZ  . ARG A 1 78  ? -13.250 6.377   4.529   1.00 57.82  ? 101 ARG A CZ  1 
ATOM   461 N  NH1 . ARG A 1 78  ? -13.446 7.405   3.702   1.00 63.07  ? 101 ARG A NH1 1 
ATOM   462 N  NH2 . ARG A 1 78  ? -14.014 5.300   4.410   1.00 62.88  ? 101 ARG A NH2 1 
ATOM   463 N  N   . GLU A 1 79  ? -7.269  7.505   3.976   1.00 21.59  ? 102 GLU A N   1 
ATOM   464 C  CA  . GLU A 1 79  ? -6.511  8.688   3.585   1.00 24.31  ? 102 GLU A CA  1 
ATOM   465 C  C   . GLU A 1 79  ? -6.476  8.924   2.072   1.00 22.34  ? 102 GLU A C   1 
ATOM   466 O  O   . GLU A 1 79  ? -6.629  10.064  1.592   1.00 22.24  ? 102 GLU A O   1 
ATOM   467 C  CB  . GLU A 1 79  ? -5.103  8.578   4.112   1.00 24.17  ? 102 GLU A CB  1 
ATOM   468 C  CG  . GLU A 1 79  ? -5.025  8.831   5.597   1.00 28.68  ? 102 GLU A CG  1 
ATOM   469 C  CD  . GLU A 1 79  ? -3.625  8.554   6.129   1.00 33.96  ? 102 GLU A CD  1 
ATOM   470 O  OE1 . GLU A 1 79  ? -2.907  7.716   5.530   1.00 36.07  ? 102 GLU A OE1 1 
ATOM   471 O  OE2 . GLU A 1 79  ? -3.259  9.131   7.167   1.00 36.64  ? 102 GLU A OE2 1 
ATOM   472 N  N   . LEU A 1 80  ? -6.303  7.852   1.326   1.00 22.50  ? 103 LEU A N   1 
ATOM   473 C  CA  . LEU A 1 80  ? -6.314  7.946   -0.139  1.00 22.42  ? 103 LEU A CA  1 
ATOM   474 C  C   . LEU A 1 80  ? -7.630  8.495   -0.660  1.00 22.08  ? 103 LEU A C   1 
ATOM   475 O  O   . LEU A 1 80  ? -7.664  9.420   -1.495  1.00 25.12  ? 103 LEU A O   1 
ATOM   476 C  CB  . LEU A 1 80  ? -6.058  6.553   -0.743  1.00 22.08  ? 103 LEU A CB  1 
ATOM   477 C  CG  . LEU A 1 80  ? -6.016  6.524   -2.274  1.00 23.29  ? 103 LEU A CG  1 
ATOM   478 C  CD1 . LEU A 1 80  ? -4.662  6.990   -2.778  1.00 24.02  ? 103 LEU A CD1 1 
ATOM   479 C  CD2 . LEU A 1 80  ? -6.347  5.103   -2.760  1.00 23.49  ? 103 LEU A CD2 1 
ATOM   480 N  N   . LYS A 1 81  ? -8.715  7.919   -0.166  1.00 23.19  ? 104 LYS A N   1 
ATOM   481 C  CA  . LYS A 1 81  ? -10.060 8.285   -0.586  1.00 27.90  ? 104 LYS A CA  1 
ATOM   482 C  C   . LYS A 1 81  ? -10.386 9.764   -0.310  1.00 30.48  ? 104 LYS A C   1 
ATOM   483 O  O   . LYS A 1 81  ? -10.960 10.442  -1.157  1.00 32.04  ? 104 LYS A O   1 
ATOM   484 C  CB  . LYS A 1 81  ? -11.062 7.401   0.153   1.00 31.06  ? 104 LYS A CB  1 
ATOM   485 C  CG  . LYS A 1 81  ? -11.151 5.964   -0.381  1.00 32.95  ? 104 LYS A CG  1 
ATOM   486 C  CD  . LYS A 1 81  ? -12.054 5.103   0.496   1.00 41.03  ? 104 LYS A CD  1 
ATOM   487 C  CE  . LYS A 1 81  ? -12.738 3.993   -0.317  1.00 55.08  ? 104 LYS A CE  1 
ATOM   488 N  NZ  . LYS A 1 81  ? -12.974 2.753   0.484   1.00 57.15  ? 104 LYS A NZ  1 
ATOM   489 N  N   . GLU A 1 82  ? -10.010 10.233  0.876   1.00 31.38  ? 105 GLU A N   1 
ATOM   490 C  CA  . GLU A 1 82  ? -10.290 11.596  1.330   1.00 33.23  ? 105 GLU A CA  1 
ATOM   491 C  C   . GLU A 1 82  ? -9.441  12.562  0.565   1.00 33.26  ? 105 GLU A C   1 
ATOM   492 O  O   . GLU A 1 82  ? -9.911  13.608  0.172   1.00 33.47  ? 105 GLU A O   1 
ATOM   493 C  CB  . GLU A 1 82  ? -9.957  11.779  2.826   1.00 39.19  ? 105 GLU A CB  1 
ATOM   494 C  CG  . GLU A 1 82  ? -10.736 10.910  3.803   1.00 49.10  ? 105 GLU A CG  1 
ATOM   495 C  CD  . GLU A 1 82  ? -12.154 11.374  4.097   1.00 65.42  ? 105 GLU A CD  1 
ATOM   496 O  OE1 . GLU A 1 82  ? -12.528 12.529  3.770   1.00 72.06  ? 105 GLU A OE1 1 
ATOM   497 O  OE2 . GLU A 1 82  ? -12.899 10.555  4.678   1.00 77.75  ? 105 GLU A OE2 1 
ATOM   498 N  N   . ARG A 1 83  ? -8.185  12.195  0.333   1.00 30.22  ? 106 ARG A N   1 
ATOM   499 C  CA  . ARG A 1 83  ? -7.234  13.055  -0.342  1.00 32.66  ? 106 ARG A CA  1 
ATOM   500 C  C   . ARG A 1 83  ? -7.542  13.236  -1.838  1.00 34.50  ? 106 ARG A C   1 
ATOM   501 O  O   . ARG A 1 83  ? -7.452  14.346  -2.362  1.00 30.90  ? 106 ARG A O   1 
ATOM   502 C  CB  . ARG A 1 83  ? -5.830  12.500  -0.166  1.00 36.71  ? 106 ARG A CB  1 
ATOM   503 C  CG  . ARG A 1 83  ? -4.722  13.377  -0.705  1.00 44.34  ? 106 ARG A CG  1 
ATOM   504 C  CD  . ARG A 1 83  ? -3.635  13.503  0.351   1.00 53.16  ? 106 ARG A CD  1 
ATOM   505 N  NE  . ARG A 1 83  ? -2.345  13.883  -0.209  1.00 51.16  ? 106 ARG A NE  1 
ATOM   506 C  CZ  . ARG A 1 83  ? -1.185  13.743  0.428   1.00 50.27  ? 106 ARG A CZ  1 
ATOM   507 N  NH1 . ARG A 1 83  ? -1.136  13.222  1.658   1.00 51.20  ? 106 ARG A NH1 1 
ATOM   508 N  NH2 . ARG A 1 83  ? -0.066  14.118  -0.176  1.00 53.57  ? 106 ARG A NH2 1 
ATOM   509 N  N   . PHE A 1 84  ? -7.908  12.155  -2.520  1.00 30.82  ? 107 PHE A N   1 
ATOM   510 C  CA  . PHE A 1 84  ? -8.115  12.230  -3.965  1.00 33.55  ? 107 PHE A CA  1 
ATOM   511 C  C   . PHE A 1 84  ? -9.601  12.221  -4.334  1.00 34.67  ? 107 PHE A C   1 
ATOM   512 O  O   . PHE A 1 84  ? -9.962  12.363  -5.488  1.00 35.14  ? 107 PHE A O   1 
ATOM   513 C  CB  . PHE A 1 84  ? -7.275  11.155  -4.677  1.00 30.82  ? 107 PHE A CB  1 
ATOM   514 C  CG  . PHE A 1 84  ? -5.793  11.298  -4.421  1.00 30.45  ? 107 PHE A CG  1 
ATOM   515 C  CD1 . PHE A 1 84  ? -5.010  12.165  -5.173  1.00 33.68  ? 107 PHE A CD1 1 
ATOM   516 C  CD2 . PHE A 1 84  ? -5.192  10.595  -3.408  1.00 30.50  ? 107 PHE A CD2 1 
ATOM   517 C  CE1 . PHE A 1 84  ? -3.649  12.307  -4.918  1.00 32.27  ? 107 PHE A CE1 1 
ATOM   518 C  CE2 . PHE A 1 84  ? -3.832  10.723  -3.151  1.00 32.71  ? 107 PHE A CE2 1 
ATOM   519 C  CZ  . PHE A 1 84  ? -3.063  11.581  -3.906  1.00 32.23  ? 107 PHE A CZ  1 
ATOM   520 N  N   . GLY A 1 85  ? -10.459 12.099  -3.328  1.00 35.97  ? 108 GLY A N   1 
ATOM   521 C  CA  . GLY A 1 85  ? -11.885 12.191  -3.516  1.00 35.29  ? 108 GLY A CA  1 
ATOM   522 C  C   . GLY A 1 85  ? -12.510 10.982  -4.166  1.00 35.02  ? 108 GLY A C   1 
ATOM   523 O  O   . GLY A 1 85  ? -13.535 11.101  -4.828  1.00 38.00  ? 108 GLY A O   1 
ATOM   524 N  N   . PHE A 1 86  ? -11.926 9.813   -3.964  1.00 34.65  ? 109 PHE A N   1 
ATOM   525 C  CA  . PHE A 1 86  ? -12.485 8.611   -4.535  1.00 36.02  ? 109 PHE A CA  1 
ATOM   526 C  C   . PHE A 1 86  ? -13.802 8.260   -3.883  1.00 40.59  ? 109 PHE A C   1 
ATOM   527 O  O   . PHE A 1 86  ? -13.912 8.086   -2.668  1.00 42.83  ? 109 PHE A O   1 
ATOM   528 C  CB  . PHE A 1 86  ? -11.524 7.433   -4.491  1.00 31.14  ? 109 PHE A CB  1 
ATOM   529 C  CG  . PHE A 1 86  ? -10.271 7.673   -5.265  1.00 29.82  ? 109 PHE A CG  1 
ATOM   530 C  CD1 . PHE A 1 86  ? -10.321 8.187   -6.556  1.00 29.13  ? 109 PHE A CD1 1 
ATOM   531 C  CD2 . PHE A 1 86  ? -9.031  7.364   -4.718  1.00 29.54  ? 109 PHE A CD2 1 
ATOM   532 C  CE1 . PHE A 1 86  ? -9.156  8.416   -7.265  1.00 28.76  ? 109 PHE A CE1 1 
ATOM   533 C  CE2 . PHE A 1 86  ? -7.865  7.589   -5.430  1.00 29.93  ? 109 PHE A CE2 1 
ATOM   534 C  CZ  . PHE A 1 86  ? -7.933  8.112   -6.711  1.00 28.74  ? 109 PHE A CZ  1 
ATOM   535 N  N   . ASP A 1 87  ? -14.792 8.219   -4.762  1.00 45.14  ? 110 ASP A N   1 
ATOM   536 C  CA  . ASP A 1 87  ? -16.149 7.818   -4.488  1.00 53.42  ? 110 ASP A CA  1 
ATOM   537 C  C   . ASP A 1 87  ? -16.233 6.446   -3.769  1.00 53.06  ? 110 ASP A C   1 
ATOM   538 O  O   . ASP A 1 87  ? -15.341 5.622   -3.895  1.00 45.12  ? 110 ASP A O   1 
ATOM   539 C  CB  . ASP A 1 87  ? -16.829 7.799   -5.865  1.00 57.43  ? 110 ASP A CB  1 
ATOM   540 C  CG  . ASP A 1 87  ? -18.193 7.253   -5.826  1.00 63.89  ? 110 ASP A CG  1 
ATOM   541 O  OD1 . ASP A 1 87  ? -19.112 7.982   -5.390  1.00 68.46  ? 110 ASP A OD1 1 
ATOM   542 O  OD2 . ASP A 1 87  ? -18.343 6.099   -6.273  1.00 67.64  ? 110 ASP A OD2 1 
ATOM   543 N  N   . LYS A 1 88  ? -17.307 6.205   -3.017  1.00 51.35  ? 111 LYS A N   1 
ATOM   544 C  CA  . LYS A 1 88  ? -17.500 4.914   -2.317  1.00 53.16  ? 111 LYS A CA  1 
ATOM   545 C  C   . LYS A 1 88  ? -17.569 3.670   -3.217  1.00 47.88  ? 111 LYS A C   1 
ATOM   546 O  O   . LYS A 1 88  ? -17.272 2.575   -2.755  1.00 49.30  ? 111 LYS A O   1 
ATOM   547 C  CB  . LYS A 1 88  ? -18.781 4.940   -1.471  1.00 57.41  ? 111 LYS A CB  1 
ATOM   548 C  CG  . LYS A 1 88  ? -20.068 5.143   -2.263  1.00 60.86  ? 111 LYS A CG  1 
ATOM   549 C  CD  . LYS A 1 88  ? -21.291 4.761   -1.441  1.00 66.86  ? 111 LYS A CD  1 
ATOM   550 C  CE  . LYS A 1 88  ? -22.555 5.438   -1.945  1.00 71.75  ? 111 LYS A CE  1 
ATOM   551 N  NZ  . LYS A 1 88  ? -23.006 4.931   -3.270  1.00 76.73  ? 111 LYS A NZ  1 
ATOM   552 N  N   . ASP A 1 89  ? -18.011 3.834   -4.470  1.00 43.95  ? 112 ASP A N   1 
ATOM   553 C  CA  . ASP A 1 89  ? -18.114 2.714   -5.429  1.00 44.60  ? 112 ASP A CA  1 
ATOM   554 C  C   . ASP A 1 89  ? -16.797 2.368   -6.168  1.00 38.91  ? 112 ASP A C   1 
ATOM   555 O  O   . ASP A 1 89  ? -16.794 1.511   -7.045  1.00 41.51  ? 112 ASP A O   1 
ATOM   556 C  CB  . ASP A 1 89  ? -19.227 2.990   -6.442  1.00 50.11  ? 112 ASP A CB  1 
ATOM   557 C  CG  . ASP A 1 89  ? -20.591 3.120   -5.780  1.00 55.63  ? 112 ASP A CG  1 
ATOM   558 O  OD1 . ASP A 1 89  ? -20.884 2.337   -4.852  1.00 60.48  ? 112 ASP A OD1 1 
ATOM   559 O  OD2 . ASP A 1 89  ? -21.362 4.000   -6.188  1.00 51.76  ? 112 ASP A OD2 1 
ATOM   560 N  N   . VAL A 1 90  ? -15.711 3.062   -5.842  1.00 36.33  ? 113 VAL A N   1 
ATOM   561 C  CA  . VAL A 1 90  ? -14.393 2.718   -6.374  1.00 35.59  ? 113 VAL A CA  1 
ATOM   562 C  C   . VAL A 1 90  ? -13.771 1.687   -5.423  1.00 33.56  ? 113 VAL A C   1 
ATOM   563 O  O   . VAL A 1 90  ? -13.368 2.045   -4.297  1.00 31.89  ? 113 VAL A O   1 
ATOM   564 C  CB  . VAL A 1 90  ? -13.443 3.937   -6.483  1.00 36.62  ? 113 VAL A CB  1 
ATOM   565 C  CG1 . VAL A 1 90  ? -12.080 3.492   -7.010  1.00 35.87  ? 113 VAL A CG1 1 
ATOM   566 C  CG2 . VAL A 1 90  ? -14.031 5.024   -7.373  1.00 40.89  ? 113 VAL A CG2 1 
ATOM   567 N  N   . PRO A 1 91  ? -13.662 0.416   -5.873  1.00 34.44  ? 114 PRO A N   1 
ATOM   568 C  CA  . PRO A 1 91  ? -13.044 -0.595  -5.008  1.00 33.75  ? 114 PRO A CA  1 
ATOM   569 C  C   . PRO A 1 91  ? -11.554 -0.311  -4.789  1.00 29.60  ? 114 PRO A C   1 
ATOM   570 O  O   . PRO A 1 91  ? -10.846 -0.035  -5.763  1.00 29.56  ? 114 PRO A O   1 
ATOM   571 C  CB  . PRO A 1 91  ? -13.226 -1.909  -5.791  1.00 35.63  ? 114 PRO A CB  1 
ATOM   572 C  CG  . PRO A 1 91  ? -14.204 -1.606  -6.885  1.00 40.15  ? 114 PRO A CG  1 
ATOM   573 C  CD  . PRO A 1 91  ? -14.053 -0.148  -7.177  1.00 38.59  ? 114 PRO A CD  1 
ATOM   574 N  N   . ILE A 1 92  ? -11.098 -0.393  -3.534  1.00 25.76  ? 115 ILE A N   1 
ATOM   575 C  CA  . ILE A 1 92  ? -9.708  -0.161  -3.179  1.00 26.34  ? 115 ILE A CA  1 
ATOM   576 C  C   . ILE A 1 92  ? -9.256  -1.274  -2.262  1.00 27.51  ? 115 ILE A C   1 
ATOM   577 O  O   . ILE A 1 92  ? -9.967  -1.641  -1.325  1.00 27.13  ? 115 ILE A O   1 
ATOM   578 C  CB  . ILE A 1 92  ? -9.493  1.191   -2.474  1.00 27.47  ? 115 ILE A CB  1 
ATOM   579 C  CG1 . ILE A 1 92  ? -10.069 2.311   -3.382  1.00 34.28  ? 115 ILE A CG1 1 
ATOM   580 C  CG2 . ILE A 1 92  ? -8.009  1.388   -2.236  1.00 27.16  ? 115 ILE A CG2 1 
ATOM   581 C  CD1 . ILE A 1 92  ? -9.972  3.715   -2.841  1.00 39.99  ? 115 ILE A CD1 1 
ATOM   582 N  N   . GLY A 1 93  ? -8.081  -1.800  -2.552  1.00 25.09  ? 116 GLY A N   1 
ATOM   583 C  CA  . GLY A 1 93  ? -7.484  -2.896  -1.786  1.00 27.55  ? 116 GLY A CA  1 
ATOM   584 C  C   . GLY A 1 93  ? -6.044  -2.564  -1.462  1.00 22.49  ? 116 GLY A C   1 
ATOM   585 O  O   . GLY A 1 93  ? -5.591  -1.420  -1.687  1.00 22.69  ? 116 GLY A O   1 
ATOM   586 N  N   . ALA A 1 94  ? -5.332  -3.551  -0.906  1.00 19.12  ? 117 ALA A N   1 
ATOM   587 C  CA  . ALA A 1 94  ? -3.969  -3.378  -0.474  1.00 18.46  ? 117 ALA A CA  1 
ATOM   588 C  C   . ALA A 1 94  ? -3.231  -4.722  -0.504  1.00 19.05  ? 117 ALA A C   1 
ATOM   589 O  O   . ALA A 1 94  ? -3.829  -5.811  -0.339  1.00 19.90  ? 117 ALA A O   1 
ATOM   590 C  CB  . ALA A 1 94  ? -3.895  -2.781  0.918   1.00 18.68  ? 117 ALA A CB  1 
ATOM   591 N  N   . VAL A 1 95  ? -1.931  -4.616  -0.726  1.00 19.31  ? 118 VAL A N   1 
ATOM   592 C  CA  . VAL A 1 95  ? -1.065  -5.777  -0.865  1.00 18.38  ? 118 VAL A CA  1 
ATOM   593 C  C   . VAL A 1 95  ? 0.195   -5.522  -0.037  1.00 16.98  ? 118 VAL A C   1 
ATOM   594 O  O   . VAL A 1 95  ? 0.754   -4.420  -0.047  1.00 16.99  ? 118 VAL A O   1 
ATOM   595 C  CB  . VAL A 1 95  ? -0.643  -6.009  -2.347  1.00 18.87  ? 118 VAL A CB  1 
ATOM   596 C  CG1 . VAL A 1 95  ? 0.259   -7.218  -2.471  1.00 20.85  ? 118 VAL A CG1 1 
ATOM   597 C  CG2 . VAL A 1 95  ? -1.838  -6.156  -3.279  1.00 20.26  ? 118 VAL A CG2 1 
ATOM   598 N  N   . LEU A 1 96  ? 0.627   -6.536  0.695   1.00 17.43  ? 119 LEU A N   1 
ATOM   599 C  CA  . LEU A 1 96  ? 1.915   -6.520  1.354   1.00 19.17  ? 119 LEU A CA  1 
ATOM   600 C  C   . LEU A 1 96  ? 2.815   -7.603  0.744   1.00 18.15  ? 119 LEU A C   1 
ATOM   601 O  O   . LEU A 1 96  ? 2.503   -8.782  0.817   1.00 20.59  ? 119 LEU A O   1 
ATOM   602 C  CB  . LEU A 1 96  ? 1.797   -6.786  2.851   1.00 20.92  ? 119 LEU A CB  1 
ATOM   603 C  CG  . LEU A 1 96  ? 3.174   -6.712  3.574   1.00 19.94  ? 119 LEU A CG  1 
ATOM   604 C  CD1 . LEU A 1 96  ? 3.809   -5.348  3.438   1.00 21.54  ? 119 LEU A CD1 1 
ATOM   605 C  CD2 . LEU A 1 96  ? 3.028   -7.103  5.018   1.00 22.31  ? 119 LEU A CD2 1 
ATOM   606 N  N   . ASP A 1 97  ? 3.903   -7.160  0.124   1.00 19.38  ? 120 ASP A N   1 
ATOM   607 C  CA  . ASP A 1 97  ? 4.915   -8.059  -0.472  1.00 19.73  ? 120 ASP A CA  1 
ATOM   608 C  C   . ASP A 1 97  ? 6.122   -8.056  0.448   1.00 22.52  ? 120 ASP A C   1 
ATOM   609 O  O   . ASP A 1 97  ? 6.380   -7.054  1.133   1.00 24.86  ? 120 ASP A O   1 
ATOM   610 C  CB  . ASP A 1 97  ? 5.368   -7.529  -1.826  1.00 21.24  ? 120 ASP A CB  1 
ATOM   611 C  CG  . ASP A 1 97  ? 4.423   -7.861  -2.950  1.00 24.99  ? 120 ASP A CG  1 
ATOM   612 O  OD1 . ASP A 1 97  ? 3.520   -8.700  -2.766  1.00 23.47  ? 120 ASP A OD1 1 
ATOM   613 O  OD2 . ASP A 1 97  ? 4.595   -7.247  -4.028  1.00 30.51  ? 120 ASP A OD2 1 
ATOM   614 N  N   . TYR A 1 98  ? 6.850   -9.162  0.452   1.00 20.82  ? 121 TYR A N   1 
ATOM   615 C  CA  . TYR A 1 98  ? 8.145   -9.262  1.088   1.00 21.14  ? 121 TYR A CA  1 
ATOM   616 C  C   . TYR A 1 98  ? 9.178   -9.371  -0.033  1.00 24.28  ? 121 TYR A C   1 
ATOM   617 O  O   . TYR A 1 98  ? 9.186   -10.373 -0.803  1.00 23.22  ? 121 TYR A O   1 
ATOM   618 C  CB  . TYR A 1 98  ? 8.196   -10.485 1.989   1.00 22.79  ? 121 TYR A CB  1 
ATOM   619 C  CG  . TYR A 1 98  ? 9.619   -10.942 2.361   1.00 25.15  ? 121 TYR A CG  1 
ATOM   620 C  CD1 . TYR A 1 98  ? 10.507  -10.068 2.960   1.00 25.97  ? 121 TYR A CD1 1 
ATOM   621 C  CD2 . TYR A 1 98  ? 10.028  -12.243 2.142   1.00 29.67  ? 121 TYR A CD2 1 
ATOM   622 C  CE1 . TYR A 1 98  ? 11.780  -10.474 3.322   1.00 29.93  ? 121 TYR A CE1 1 
ATOM   623 C  CE2 . TYR A 1 98  ? 11.307  -12.663 2.469   1.00 34.53  ? 121 TYR A CE2 1 
ATOM   624 C  CZ  . TYR A 1 98  ? 12.173  -11.771 3.070   1.00 33.26  ? 121 TYR A CZ  1 
ATOM   625 O  OH  . TYR A 1 98  ? 13.437  -12.173 3.416   1.00 34.68  ? 121 TYR A OH  1 
ATOM   626 N  N   . LYS A 1 99  ? 10.014  -8.344  -0.159  1.00 23.07  ? 122 LYS A N   1 
ATOM   627 C  CA  . LYS A 1 99  ? 11.149  -8.395  -1.078  1.00 24.60  ? 122 LYS A CA  1 
ATOM   628 C  C   . LYS A 1 99  ? 12.399  -7.987  -0.315  1.00 30.99  ? 122 LYS A C   1 
ATOM   629 O  O   . LYS A 1 99  ? 12.582  -6.797  -0.080  1.00 28.98  ? 122 LYS A O   1 
ATOM   630 C  CB  . LYS A 1 99  ? 10.948  -7.487  -2.283  1.00 25.79  ? 122 LYS A CB  1 
ATOM   631 C  CG  . LYS A 1 99  ? 12.015  -7.688  -3.361  1.00 28.67  ? 122 LYS A CG  1 
ATOM   632 C  CD  . LYS A 1 99  ? 11.736  -6.860  -4.583  1.00 33.97  ? 122 LYS A CD  1 
ATOM   633 C  CE  . LYS A 1 99  ? 12.350  -7.473  -5.826  1.00 40.05  ? 122 LYS A CE  1 
ATOM   634 N  NZ  . LYS A 1 99  ? 13.801  -7.652  -5.703  1.00 41.98  ? 122 LYS A NZ  1 
ATOM   635 N  N   . LYS A 1 100 ? 13.249  -8.949  0.055   1.00 31.09  ? 123 LYS A N   1 
ATOM   636 C  CA  . LYS A 1 100 ? 14.384  -8.653  0.926   1.00 35.06  ? 123 LYS A CA  1 
ATOM   637 C  C   . LYS A 1 100 ? 15.332  -7.584  0.368   1.00 34.77  ? 123 LYS A C   1 
ATOM   638 O  O   . LYS A 1 100 ? 15.722  -6.669  1.089   1.00 32.94  ? 123 LYS A O   1 
ATOM   639 C  CB  . LYS A 1 100 ? 15.142  -9.902  1.306   1.00 37.31  ? 123 LYS A CB  1 
ATOM   640 C  CG  . LYS A 1 100 ? 16.122  -9.644  2.443   1.00 47.00  ? 123 LYS A CG  1 
ATOM   641 C  CD  . LYS A 1 100 ? 16.833  -10.904 2.877   1.00 56.13  ? 123 LYS A CD  1 
ATOM   642 C  CE  . LYS A 1 100 ? 18.038  -11.186 1.997   1.00 70.98  ? 123 LYS A CE  1 
ATOM   643 N  NZ  . LYS A 1 100 ? 18.574  -12.561 2.211   1.00 77.97  ? 123 LYS A NZ  1 
ATOM   644 N  N   . ASP A 1 101 ? 15.635  -7.682  -0.922  1.00 31.17  ? 124 ASP A N   1 
ATOM   645 C  CA  . ASP A 1 101 ? 16.570  -6.809  -1.588  1.00 29.36  ? 124 ASP A CA  1 
ATOM   646 C  C   . ASP A 1 101 ? 16.537  -7.117  -3.075  1.00 29.56  ? 124 ASP A C   1 
ATOM   647 O  O   . ASP A 1 101 ? 15.762  -7.996  -3.513  1.00 27.07  ? 124 ASP A O   1 
ATOM   648 C  CB  . ASP A 1 101 ? 17.982  -7.014  -1.008  1.00 33.36  ? 124 ASP A CB  1 
ATOM   649 C  CG  . ASP A 1 101 ? 18.436  -8.483  -1.042  1.00 33.33  ? 124 ASP A CG  1 
ATOM   650 O  OD1 . ASP A 1 101 ? 18.242  -9.159  -2.088  1.00 33.08  ? 124 ASP A OD1 1 
ATOM   651 O  OD2 . ASP A 1 101 ? 19.024  -8.943  -0.033  1.00 33.75  ? 124 ASP A OD2 1 
ATOM   652 N  N   . ALA A 1 102 ? 17.372  -6.420  -3.852  1.00 30.10  ? 125 ALA A N   1 
ATOM   653 C  CA  . ALA A 1 102 ? 17.371  -6.582  -5.309  1.00 32.48  ? 125 ALA A CA  1 
ATOM   654 C  C   . ALA A 1 102 ? 17.922  -7.938  -5.805  1.00 32.12  ? 125 ALA A C   1 
ATOM   655 O  O   . ALA A 1 102 ? 17.752  -8.269  -6.978  1.00 36.10  ? 125 ALA A O   1 
ATOM   656 C  CB  . ALA A 1 102 ? 18.152  -5.442  -5.966  1.00 36.20  ? 125 ALA A CB  1 
ATOM   657 N  N   . ALA A 1 103 ? 18.557  -8.701  -4.918  1.00 31.24  ? 126 ALA A N   1 
ATOM   658 C  CA  . ALA A 1 103 ? 19.016  -10.063 -5.179  1.00 30.96  ? 126 ALA A CA  1 
ATOM   659 C  C   . ALA A 1 103 ? 17.968  -11.148 -4.899  1.00 31.12  ? 126 ALA A C   1 
ATOM   660 O  O   . ALA A 1 103 ? 18.262  -12.331 -5.083  1.00 30.68  ? 126 ALA A O   1 
ATOM   661 C  CB  . ALA A 1 103 ? 20.274  -10.360 -4.356  1.00 31.95  ? 126 ALA A CB  1 
ATOM   662 N  N   . THR A 1 104 ? 16.758  -10.759 -4.471  1.00 30.80  ? 127 THR A N   1 
ATOM   663 C  CA  . THR A 1 104 ? 15.805  -11.706 -3.940  1.00 30.22  ? 127 THR A CA  1 
ATOM   664 C  C   . THR A 1 104 ? 14.430  -11.475 -4.580  1.00 31.01  ? 127 THR A C   1 
ATOM   665 O  O   . THR A 1 104 ? 13.957  -10.346 -4.691  1.00 30.13  ? 127 THR A O   1 
ATOM   666 C  CB  . THR A 1 104 ? 15.764  -11.590 -2.392  1.00 31.02  ? 127 THR A CB  1 
ATOM   667 O  OG1 . THR A 1 104 ? 17.097  -11.644 -1.869  1.00 35.60  ? 127 THR A OG1 1 
ATOM   668 C  CG2 . THR A 1 104 ? 14.932  -12.670 -1.745  1.00 33.00  ? 127 THR A CG2 1 
ATOM   669 N  N   . ASP A 1 105 ? 13.797  -12.555 -5.021  1.00 30.86  ? 128 ASP A N   1 
ATOM   670 C  CA  . ASP A 1 105 ? 12.486  -12.445 -5.645  1.00 29.06  ? 128 ASP A CA  1 
ATOM   671 C  C   . ASP A 1 105 ? 11.410  -12.058 -4.617  1.00 26.13  ? 128 ASP A C   1 
ATOM   672 O  O   . ASP A 1 105 ? 11.482  -12.436 -3.459  1.00 27.51  ? 128 ASP A O   1 
ATOM   673 C  CB  . ASP A 1 105 ? 12.092  -13.761 -6.298  1.00 33.19  ? 128 ASP A CB  1 
ATOM   674 C  CG  . ASP A 1 105 ? 12.832  -14.011 -7.627  1.00 38.68  ? 128 ASP A CG  1 
ATOM   675 O  OD1 . ASP A 1 105 ? 13.405  -13.056 -8.216  1.00 37.70  ? 128 ASP A OD1 1 
ATOM   676 O  OD2 . ASP A 1 105 ? 12.779  -15.157 -8.081  1.00 40.79  ? 128 ASP A OD2 1 
ATOM   677 N  N   . THR A 1 106 ? 10.421  -11.312 -5.080  1.00 27.30  ? 129 THR A N   1 
ATOM   678 C  CA  . THR A 1 106 ? 9.233   -10.949 -4.291  1.00 27.11  ? 129 THR A CA  1 
ATOM   679 C  C   . THR A 1 106 ? 8.426   -12.176 -3.880  1.00 25.42  ? 129 THR A C   1 
ATOM   680 O  O   . THR A 1 106 ? 8.258   -13.110 -4.675  1.00 23.08  ? 129 THR A O   1 
ATOM   681 C  CB  . THR A 1 106 ? 8.277   -10.065 -5.126  1.00 33.73  ? 129 THR A CB  1 
ATOM   682 O  OG1 . THR A 1 106 ? 8.966   -8.872  -5.513  1.00 33.00  ? 129 THR A OG1 1 
ATOM   683 C  CG2 . THR A 1 106 ? 7.015   -9.710  -4.328  1.00 37.60  ? 129 THR A CG2 1 
ATOM   684 N  N   . ARG A 1 107 ? 7.927   -12.153 -2.645  1.00 22.69  ? 130 ARG A N   1 
ATOM   685 C  CA  . ARG A 1 107 ? 6.921   -13.084 -2.157  1.00 25.05  ? 130 ARG A CA  1 
ATOM   686 C  C   . ARG A 1 107 ? 5.793   -12.247 -1.574  1.00 25.29  ? 130 ARG A C   1 
ATOM   687 O  O   . ARG A 1 107 ? 6.023   -11.363 -0.719  1.00 25.51  ? 130 ARG A O   1 
ATOM   688 C  CB  . ARG A 1 107 ? 7.486   -13.995 -1.067  1.00 27.86  ? 130 ARG A CB  1 
ATOM   689 C  CG  . ARG A 1 107 ? 8.664   -14.878 -1.499  1.00 38.70  ? 130 ARG A CG  1 
ATOM   690 C  CD  . ARG A 1 107 ? 8.211   -16.249 -2.004  1.00 55.17  ? 130 ARG A CD  1 
ATOM   691 N  NE  . ARG A 1 107 ? 9.322   -17.038 -2.550  1.00 71.51  ? 130 ARG A NE  1 
ATOM   692 C  CZ  . ARG A 1 107 ? 9.833   -16.891 -3.776  1.00 79.23  ? 130 ARG A CZ  1 
ATOM   693 N  NH1 . ARG A 1 107 ? 9.349   -15.977 -4.621  1.00 81.50  ? 130 ARG A NH1 1 
ATOM   694 N  NH2 . ARG A 1 107 ? 10.841  -17.666 -4.167  1.00 87.68  ? 130 ARG A NH2 1 
ATOM   695 N  N   . THR A 1 108 ? 4.569   -12.534 -1.980  1.00 23.55  ? 131 THR A N   1 
ATOM   696 C  CA  . THR A 1 108 ? 3.430   -11.765 -1.499  1.00 22.17  ? 131 THR A CA  1 
ATOM   697 C  C   . THR A 1 108 ? 2.945   -12.401 -0.191  1.00 23.91  ? 131 THR A C   1 
ATOM   698 O  O   . THR A 1 108 ? 2.749   -13.624 -0.109  1.00 23.35  ? 131 THR A O   1 
ATOM   699 C  CB  . THR A 1 108 ? 2.315   -11.718 -2.544  1.00 21.99  ? 131 THR A CB  1 
ATOM   700 O  OG1 . THR A 1 108 ? 2.825   -11.077 -3.725  1.00 19.63  ? 131 THR A OG1 1 
ATOM   701 C  CG2 . THR A 1 108 ? 1.091   -10.966 -2.013  1.00 20.72  ? 131 THR A CG2 1 
ATOM   702 N  N   . ARG A 1 109 ? 2.768   -11.552 0.818   1.00 22.31  ? 132 ARG A N   1 
ATOM   703 C  CA  . ARG A 1 109 ? 2.347   -11.973 2.154   1.00 25.22  ? 132 ARG A CA  1 
ATOM   704 C  C   . ARG A 1 109 ? 0.831   -11.901 2.287   1.00 24.34  ? 132 ARG A C   1 
ATOM   705 O  O   . ARG A 1 109 ? 0.190   -12.904 2.591   1.00 24.86  ? 132 ARG A O   1 
ATOM   706 C  CB  . ARG A 1 109 ? 3.030   -11.086 3.220   1.00 23.38  ? 132 ARG A CB  1 
ATOM   707 C  CG  . ARG A 1 109 ? 4.571   -11.176 3.200   1.00 26.91  ? 132 ARG A CG  1 
ATOM   708 C  CD  . ARG A 1 109 ? 5.160   -10.605 4.480   1.00 27.80  ? 132 ARG A CD  1 
ATOM   709 N  NE  . ARG A 1 109 ? 4.714   -11.487 5.567   1.00 26.94  ? 132 ARG A NE  1 
ATOM   710 C  CZ  . ARG A 1 109 ? 4.411   -11.078 6.796   1.00 29.19  ? 132 ARG A CZ  1 
ATOM   711 N  NH1 . ARG A 1 109 ? 4.572   -9.810  7.162   1.00 29.14  ? 132 ARG A NH1 1 
ATOM   712 N  NH2 . ARG A 1 109 ? 3.949   -11.958 7.666   1.00 30.21  ? 132 ARG A NH2 1 
ATOM   713 N  N   . PHE A 1 110 ? 0.252   -10.722 2.049   1.00 22.20  ? 133 PHE A N   1 
ATOM   714 C  CA  . PHE A 1 110 ? -1.183  -10.513 2.197   1.00 22.01  ? 133 PHE A CA  1 
ATOM   715 C  C   . PHE A 1 110 ? -1.763  -9.741  1.036   1.00 20.22  ? 133 PHE A C   1 
ATOM   716 O  O   . PHE A 1 110 ? -1.159  -8.815  0.505   1.00 20.58  ? 133 PHE A O   1 
ATOM   717 C  CB  . PHE A 1 110 ? -1.502  -9.720  3.494   1.00 22.00  ? 133 PHE A CB  1 
ATOM   718 C  CG  . PHE A 1 110 ? -0.791  -10.230 4.696   1.00 22.84  ? 133 PHE A CG  1 
ATOM   719 C  CD1 . PHE A 1 110 ? -1.053  -11.501 5.172   1.00 25.54  ? 133 PHE A CD1 1 
ATOM   720 C  CD2 . PHE A 1 110 ? 0.104   -9.419  5.394   1.00 22.69  ? 133 PHE A CD2 1 
ATOM   721 C  CE1 . PHE A 1 110 ? -0.403  -11.969 6.318   1.00 26.76  ? 133 PHE A CE1 1 
ATOM   722 C  CE2 . PHE A 1 110 ? 0.770   -9.892  6.513   1.00 23.86  ? 133 PHE A CE2 1 
ATOM   723 C  CZ  . PHE A 1 110 ? 0.514   -11.169 6.971   1.00 25.47  ? 133 PHE A CZ  1 
ATOM   724 N  N   . VAL A 1 111 ? -2.979  -10.112 0.671   1.00 21.51  ? 134 VAL A N   1 
ATOM   725 C  CA  . VAL A 1 111 ? -3.749  -9.341  -0.276  1.00 24.10  ? 134 VAL A CA  1 
ATOM   726 C  C   . VAL A 1 111 ? -5.104  -9.054  0.361   1.00 23.82  ? 134 VAL A C   1 
ATOM   727 O  O   . VAL A 1 111 ? -5.858  -9.979  0.670   1.00 25.24  ? 134 VAL A O   1 
ATOM   728 C  CB  . VAL A 1 111 ? -3.953  -10.116 -1.580  1.00 24.80  ? 134 VAL A CB  1 
ATOM   729 C  CG1 . VAL A 1 111 ? -4.723  -9.249  -2.580  1.00 31.73  ? 134 VAL A CG1 1 
ATOM   730 C  CG2 . VAL A 1 111 ? -2.619  -10.500 -2.177  1.00 23.85  ? 134 VAL A CG2 1 
ATOM   731 N  N   . LEU A 1 112 ? -5.405  -7.785  0.567   1.00 23.16  ? 135 LEU A N   1 
ATOM   732 C  CA  . LEU A 1 112 ? -6.680  -7.398  1.146   1.00 27.00  ? 135 LEU A CA  1 
ATOM   733 C  C   . LEU A 1 112 ? -7.544  -6.993  -0.003  1.00 26.25  ? 135 LEU A C   1 
ATOM   734 O  O   . LEU A 1 112 ? -7.157  -6.161  -0.838  1.00 24.54  ? 135 LEU A O   1 
ATOM   735 C  CB  . LEU A 1 112 ? -6.512  -6.257  2.143   1.00 31.85  ? 135 LEU A CB  1 
ATOM   736 C  CG  . LEU A 1 112 ? -5.477  -6.548  3.251   1.00 34.82  ? 135 LEU A CG  1 
ATOM   737 C  CD1 . LEU A 1 112 ? -5.551  -5.465  4.317   1.00 40.17  ? 135 LEU A CD1 1 
ATOM   738 C  CD2 . LEU A 1 112 ? -5.636  -7.923  3.897   1.00 39.58  ? 135 LEU A CD2 1 
ATOM   739 N  N   . LYS A 1 113 ? -8.697  -7.634  -0.033  1.00 33.78  ? 136 LYS A N   1 
ATOM   740 C  CA  . LYS A 1 113 ? -9.547  -7.689  -1.207  1.00 43.17  ? 136 LYS A CA  1 
ATOM   741 C  C   . LYS A 1 113 ? -10.147 -6.337  -1.348  1.00 41.61  ? 136 LYS A C   1 
ATOM   742 O  O   . LYS A 1 113 ? -10.418 -5.646  -0.356  1.00 37.83  ? 136 LYS A O   1 
ATOM   743 C  CB  . LYS A 1 113 ? -10.660 -8.729  -1.057  1.00 40.60  ? 136 LYS A CB  1 
ATOM   744 N  N   . LEU A 1 114 ? -10.318 -5.956  -2.601  1.00 46.72  ? 137 LEU A N   1 
ATOM   745 C  CA  . LEU A 1 114 ? -10.901 -4.683  -2.942  1.00 46.86  ? 137 LEU A CA  1 
ATOM   746 C  C   . LEU A 1 114 ? -12.226 -4.508  -2.179  1.00 51.97  ? 137 LEU A C   1 
ATOM   747 O  O   . LEU A 1 114 ? -13.186 -5.279  -2.349  1.00 54.37  ? 137 LEU A O   1 
ATOM   748 C  CB  . LEU A 1 114 ? -11.125 -4.607  -4.451  1.00 42.16  ? 137 LEU A CB  1 
ATOM   749 C  CG  . LEU A 1 114 ? -9.931  -4.675  -5.412  1.00 41.74  ? 137 LEU A CG  1 
ATOM   750 C  CD1 . LEU A 1 114 ? -10.454 -5.047  -6.814  1.00 47.44  ? 137 LEU A CD1 1 
ATOM   751 C  CD2 . LEU A 1 114 ? -9.135  -3.379  -5.455  1.00 37.54  ? 137 LEU A CD2 1 
ATOM   752 N  N   . ARG A 1 115 ? -12.253 -3.479  -1.347  1.00 59.03  ? 138 ARG A N   1 
ATOM   753 C  CA  A ARG A 1 115 ? -13.388 -3.165  -0.483  0.50 59.71  ? 138 ARG A CA  1 
ATOM   754 C  CA  B ARG A 1 115 ? -13.423 -3.183  -0.518  0.50 65.04  ? 138 ARG A CA  1 
ATOM   755 C  C   . ARG A 1 115 ? -14.036 -1.864  -0.987  1.00 65.99  ? 138 ARG A C   1 
ATOM   756 O  O   . ARG A 1 115 ? -13.333 -0.935  -1.429  1.00 47.01  ? 138 ARG A O   1 
ATOM   757 C  CB  A ARG A 1 115 ? -12.928 -3.047  0.990   0.50 54.36  ? 138 ARG A CB  1 
ATOM   758 C  CB  B ARG A 1 115 ? -13.039 -3.121  0.968   0.50 67.73  ? 138 ARG A CB  1 
ATOM   759 C  CG  A ARG A 1 115 ? -11.420 -2.843  1.189   0.50 51.26  ? 138 ARG A CG  1 
ATOM   760 C  CG  B ARG A 1 115 ? -12.341 -1.834  1.390   0.50 74.99  ? 138 ARG A CG  1 
ATOM   761 C  CD  A ARG A 1 115 ? -11.087 -2.110  2.478   0.50 51.51  ? 138 ARG A CD  1 
ATOM   762 C  CD  B ARG A 1 115 ? -11.497 -2.039  2.635   0.50 77.58  ? 138 ARG A CD  1 
ATOM   763 N  NE  A ARG A 1 115 ? -11.791 -0.832  2.540   0.50 49.14  ? 138 ARG A NE  1 
ATOM   764 N  NE  B ARG A 1 115 ? -10.281 -2.791  2.345   0.50 69.96  ? 138 ARG A NE  1 
ATOM   765 C  CZ  A ARG A 1 115 ? -11.688 0.038   3.534   0.50 42.17  ? 138 ARG A CZ  1 
ATOM   766 C  CZ  B ARG A 1 115 ? -9.347  -3.070  3.245   0.50 66.23  ? 138 ARG A CZ  1 
ATOM   767 N  NH1 A ARG A 1 115 ? -10.898 -0.218  4.577   0.50 35.09  ? 138 ARG A NH1 1 
ATOM   768 N  NH1 B ARG A 1 115 ? -9.479  -2.662  4.504   0.50 70.15  ? 138 ARG A NH1 1 
ATOM   769 N  NH2 A ARG A 1 115 ? -12.395 1.160   3.478   0.50 39.41  ? 138 ARG A NH2 1 
ATOM   770 N  NH2 B ARG A 1 115 ? -8.282  -3.757  2.886   0.50 61.60  ? 138 ARG A NH2 1 
ATOM   771 O  OXT A ARG A 1 115 ? -15.262 -1.715  -0.990  0.50 70.43  ? 138 ARG A OXT 1 
ATOM   772 O  OXT B ARG A 1 115 ? -15.258 -1.691  -0.961  0.50 71.90  ? 138 ARG A OXT 1 
HETATM 773 NA NA  . NA  B 2 .   ? 6.630   4.069   -4.834  1.00 33.73  ? 201 NA  A NA  1 
HETATM 774 O  O   . HOH C 3 .   ? 0.165   12.664  -4.006  1.00 30.22  ? 301 HOH A O   1 
HETATM 775 O  O   . HOH C 3 .   ? 1.539   8.713   -9.208  1.00 31.05  ? 302 HOH A O   1 
HETATM 776 O  O   . HOH C 3 .   ? 3.935   7.987   -8.133  1.00 42.23  ? 303 HOH A O   1 
HETATM 777 O  O   . HOH C 3 .   ? 6.410   6.621   -4.640  1.00 31.34  ? 304 HOH A O   1 
HETATM 778 O  O   . HOH C 3 .   ? 1.871   5.329   -8.344  1.00 39.82  ? 305 HOH A O   1 
HETATM 779 O  O   . HOH C 3 .   ? 6.353   12.711  5.282   1.00 40.94  ? 306 HOH A O   1 
HETATM 780 O  O   . HOH C 3 .   ? 5.090   10.452  6.983   1.00 29.20  ? 307 HOH A O   1 
HETATM 781 O  O   . HOH C 3 .   ? 10.794  7.346   8.471   1.00 28.34  ? 308 HOH A O   1 
HETATM 782 O  O   . HOH C 3 .   ? 12.038  2.495   4.048   1.00 29.88  ? 309 HOH A O   1 
HETATM 783 O  O   . HOH C 3 .   ? 10.564  3.236   -2.289  1.00 28.46  ? 310 HOH A O   1 
HETATM 784 O  O   . HOH C 3 .   ? 7.919   4.102   -2.502  1.00 24.39  ? 311 HOH A O   1 
HETATM 785 O  O   . HOH C 3 .   ? 5.422   -0.599  -3.614  1.00 20.98  ? 312 HOH A O   1 
HETATM 786 O  O   . HOH C 3 .   ? 6.440   1.783   -5.134  1.00 25.71  ? 313 HOH A O   1 
HETATM 787 O  O   . HOH C 3 .   ? 6.307   -7.739  6.577   1.00 30.29  ? 314 HOH A O   1 
HETATM 788 O  O   . HOH C 3 .   ? 7.265   -5.774  8.564   1.00 30.07  ? 315 HOH A O   1 
HETATM 789 O  O   . HOH C 3 .   ? -8.474  -3.823  6.897   1.00 33.25  ? 316 HOH A O   1 
HETATM 790 O  O   . HOH C 3 .   ? -6.049  12.133  3.339   1.00 31.69  ? 317 HOH A O   1 
HETATM 791 O  O   . HOH C 3 .   ? 2.715   14.013  -5.994  1.00 34.68  ? 318 HOH A O   1 
HETATM 792 O  O   . HOH C 3 .   ? 7.836   4.232   10.767  1.00 39.67  ? 319 HOH A O   1 
HETATM 793 O  O   . HOH C 3 .   ? 5.089   -1.959  -5.881  1.00 36.39  ? 320 HOH A O   1 
HETATM 794 O  O   . HOH C 3 .   ? 2.920   -1.621  -7.591  1.00 30.17  ? 321 HOH A O   1 
HETATM 795 O  O   . HOH C 3 .   ? 5.290   -5.293  -5.650  1.00 36.42  ? 322 HOH A O   1 
HETATM 796 O  O   . HOH C 3 .   ? 8.933   -4.574  -5.515  1.00 41.10  ? 323 HOH A O   1 
HETATM 797 O  O   . HOH C 3 .   ? 7.738   -6.673  -4.624  1.00 34.93  ? 324 HOH A O   1 
HETATM 798 O  O   . HOH C 3 .   ? 10.683  -4.343  10.601  1.00 40.86  ? 325 HOH A O   1 
HETATM 799 O  O   . HOH C 3 .   ? 7.124   -4.654  11.224  1.00 51.51  ? 326 HOH A O   1 
HETATM 800 O  O   . HOH C 3 .   ? 11.533  -11.528 8.637   1.00 43.83  ? 327 HOH A O   1 
HETATM 801 O  O   . HOH C 3 .   ? -7.438  -8.545  10.561  1.00 48.86  ? 328 HOH A O   1 
HETATM 802 O  O   . HOH C 3 .   ? -1.700  -9.226  15.393  1.00 38.05  ? 329 HOH A O   1 
HETATM 803 O  O   . HOH C 3 .   ? -0.693  -1.742  12.373  1.00 32.27  ? 330 HOH A O   1 
HETATM 804 O  O   . HOH C 3 .   ? -10.520 1.928   5.761   1.00 44.67  ? 331 HOH A O   1 
HETATM 805 O  O   . HOH C 3 .   ? -3.422  11.905  7.348   1.00 34.23  ? 332 HOH A O   1 
HETATM 806 O  O   . HOH C 3 .   ? -3.017  15.660  -3.612  1.00 44.52  ? 333 HOH A O   1 
HETATM 807 O  O   . HOH C 3 .   ? -0.766  14.988  -2.858  1.00 42.29  ? 334 HOH A O   1 
HETATM 808 O  O   . HOH C 3 .   ? -21.035 6.381   -6.584  1.00 33.41  ? 335 HOH A O   1 
HETATM 809 O  O   . HOH C 3 .   ? -16.008 7.201   -9.624  1.00 40.90  ? 336 HOH A O   1 
HETATM 810 O  O   . HOH C 3 .   ? -17.989 5.620   -9.051  1.00 31.12  ? 337 HOH A O   1 
HETATM 811 O  O   . HOH C 3 .   ? -6.721  -6.143  -3.549  1.00 33.55  ? 338 HOH A O   1 
HETATM 812 O  O   . HOH C 3 .   ? 1.558   -6.398  -6.853  1.00 51.98  ? 339 HOH A O   1 
HETATM 813 O  O   . HOH C 3 .   ? 2.723   -8.057  -5.871  1.00 32.94  ? 340 HOH A O   1 
HETATM 814 O  O   . HOH C 3 .   ? 11.794  -11.777 -0.718  1.00 33.80  ? 341 HOH A O   1 
HETATM 815 O  O   . HOH C 3 .   ? 1.208   -14.975 4.217   1.00 33.22  ? 342 HOH A O   1 
HETATM 816 O  O   . HOH C 3 .   ? 6.532   -14.476 2.620   1.00 44.66  ? 343 HOH A O   1 
HETATM 817 O  O   . HOH C 3 .   ? 4.864   -14.454 5.089   1.00 39.94  ? 344 HOH A O   1 
HETATM 818 O  O   . HOH C 3 .   ? -9.509  -9.276  2.202   1.00 34.31  ? 345 HOH A O   1 
HETATM 819 O  O   . HOH C 3 .   ? 5.243   4.446   -6.739  1.00 32.44  ? 346 HOH A O   1 
HETATM 820 O  O   . HOH C 3 .   ? -5.190  14.364  -8.047  1.00 46.55  ? 347 HOH A O   1 
HETATM 821 O  O   . HOH C 3 .   ? 5.683   13.705  0.533   1.00 52.67  ? 348 HOH A O   1 
HETATM 822 O  O   . HOH C 3 .   ? 12.281  -1.809  9.763   1.00 39.40  ? 349 HOH A O   1 
HETATM 823 O  O   . HOH C 3 .   ? 9.438   6.623   11.007  1.00 48.34  ? 350 HOH A O   1 
HETATM 824 O  O   . HOH C 3 .   ? -1.207  3.332   -10.935 1.00 42.04  ? 351 HOH A O   1 
HETATM 825 O  O   . HOH C 3 .   ? -1.511  -0.726  -12.304 1.00 43.39  ? 352 HOH A O   1 
HETATM 826 O  O   . HOH C 3 .   ? -3.324  3.115   -14.617 1.00 38.35  ? 353 HOH A O   1 
HETATM 827 O  O   . HOH C 3 .   ? -12.110 2.069   -14.890 1.00 45.39  ? 354 HOH A O   1 
HETATM 828 O  O   . HOH C 3 .   ? 14.129  -10.747 5.899   1.00 50.11  ? 355 HOH A O   1 
HETATM 829 O  O   . HOH C 3 .   ? -7.739  -5.882  11.182  1.00 37.14  ? 356 HOH A O   1 
HETATM 830 O  O   . HOH C 3 .   ? -1.152  3.474   10.720  1.00 36.99  ? 357 HOH A O   1 
HETATM 831 O  O   . HOH C 3 .   ? -12.138 3.578   3.973   1.00 41.17  ? 358 HOH A O   1 
HETATM 832 O  O   . HOH C 3 .   ? -3.091  12.410  3.318   1.00 51.80  ? 359 HOH A O   1 
HETATM 833 O  O   . HOH C 3 .   ? -12.226 7.756   -9.670  1.00 35.78  ? 360 HOH A O   1 
HETATM 834 O  O   . HOH C 3 .   ? -14.095 8.516   -7.908  1.00 40.10  ? 361 HOH A O   1 
HETATM 835 O  O   . HOH C 3 .   ? -4.037  -12.747 1.639   1.00 31.63  ? 362 HOH A O   1 
HETATM 836 O  O   . HOH C 3 .   ? -2.021  -2.260  14.655  1.00 31.30  ? 363 HOH A O   1 
HETATM 837 O  O   . HOH C 3 .   ? 12.581  7.305   6.481   1.00 35.12  ? 364 HOH A O   1 
HETATM 838 O  O   . HOH C 3 .   ? 8.767   4.245   -6.209  1.00 37.29  ? 365 HOH A O   1 
HETATM 839 O  O   . HOH C 3 .   ? 10.312  -5.436  -7.540  1.00 32.57  ? 366 HOH A O   1 
HETATM 840 O  O   . HOH C 3 .   ? 1.348   1.461   -10.346 1.00 44.94  ? 367 HOH A O   1 
HETATM 841 O  O   . HOH C 3 .   ? 15.175  -7.623  -8.279  1.00 32.85  ? 368 HOH A O   1 
HETATM 842 O  O   . HOH C 3 .   ? 12.592  -15.275 -2.745  1.00 48.84  ? 369 HOH A O   1 
HETATM 843 O  O   . HOH C 3 .   ? 10.021  -15.978 -7.974  1.00 44.28  ? 370 HOH A O   1 
HETATM 844 O  O   . HOH C 3 .   ? 14.885  -15.162 -4.811  1.00 37.39  ? 371 HOH A O   1 
HETATM 845 O  O   . HOH C 3 .   ? 17.644  -14.045 -7.141  1.00 41.68  ? 372 HOH A O   1 
# 
loop_
_atom_site_anisotrop.id 
_atom_site_anisotrop.type_symbol 
_atom_site_anisotrop.pdbx_label_atom_id 
_atom_site_anisotrop.pdbx_label_alt_id 
_atom_site_anisotrop.pdbx_label_comp_id 
_atom_site_anisotrop.pdbx_label_asym_id 
_atom_site_anisotrop.pdbx_label_seq_id 
_atom_site_anisotrop.pdbx_PDB_ins_code 
_atom_site_anisotrop.U[1][1] 
_atom_site_anisotrop.U[2][2] 
_atom_site_anisotrop.U[3][3] 
_atom_site_anisotrop.U[1][2] 
_atom_site_anisotrop.U[1][3] 
_atom_site_anisotrop.U[2][3] 
_atom_site_anisotrop.pdbx_auth_seq_id 
_atom_site_anisotrop.pdbx_auth_comp_id 
_atom_site_anisotrop.pdbx_auth_asym_id 
_atom_site_anisotrop.pdbx_auth_atom_id 
1   N  N   . ASP A 21  ? 1.5946 1.3017 1.2890 -0.0324 0.0449  0.1151  44  ASP A N   
2   C  CA  . ASP A 21  ? 1.5389 1.2701 1.2320 -0.0209 0.0282  0.1064  44  ASP A CA  
3   C  C   . ASP A 21  ? 1.3184 1.0835 1.0309 -0.0275 0.0350  0.0882  44  ASP A C   
4   O  O   . ASP A 21  ? 0.9898 0.7773 0.7281 -0.0218 0.0249  0.0755  44  ASP A O   
5   C  CB  . ASP A 21  ? 1.6819 1.4001 1.3291 -0.0144 0.0206  0.1189  44  ASP A CB  
6   C  CG  . ASP A 21  ? 1.6934 1.4357 1.3397 -0.0045 0.0026  0.1085  44  ASP A CG  
7   O  OD1 . ASP A 21  ? 1.3611 1.1238 1.0427 0.0011  -0.0081 0.0968  44  ASP A OD1 
8   O  OD2 . ASP A 21  ? 1.7231 1.4633 1.3329 -0.0029 -0.0003 0.1119  44  ASP A OD2 
9   N  N   . SER A 22  ? 1.1977 0.9659 0.8983 -0.0393 0.0529  0.0878  45  SER A N   
10  C  CA  . SER A 22  ? 0.9996 0.7978 0.7195 -0.0454 0.0611  0.0712  45  SER A CA  
11  C  C   . SER A 22  ? 0.8918 0.7050 0.6552 -0.0489 0.0622  0.0587  45  SER A C   
12  O  O   . SER A 22  ? 0.8308 0.6690 0.6139 -0.0479 0.0603  0.0446  45  SER A O   
13  C  CB  . SER A 22  ? 1.0209 0.8187 0.7235 -0.0574 0.0826  0.0739  45  SER A CB  
14  N  N   . ASP A 23  ? 0.8409 0.6363 0.6167 -0.0522 0.0647  0.0639  46  ASP A N   
15  C  CA  . ASP A 23  ? 0.7892 0.5952 0.6011 -0.0558 0.0658  0.0519  46  ASP A CA  
16  C  C   . ASP A 23  ? 0.6650 0.4682 0.4914 -0.0440 0.0508  0.0489  46  ASP A C   
17  O  O   . ASP A 23  ? 0.6417 0.4450 0.4912 -0.0457 0.0514  0.0412  46  ASP A O   
18  C  CB  . ASP A 23  ? 0.8479 0.6376 0.6678 -0.0695 0.0803  0.0559  46  ASP A CB  
19  C  CG  . ASP A 23  ? 0.9964 0.8004 0.8172 -0.0826 0.0977  0.0531  46  ASP A CG  
20  O  OD1 . ASP A 23  ? 0.8955 0.7285 0.7377 -0.0840 0.0987  0.0383  46  ASP A OD1 
21  O  OD2 . ASP A 23  ? 1.1131 0.8995 0.9132 -0.0907 0.1106  0.0661  46  ASP A OD2 
22  N  N   . ARG A 24  ? 0.6237 0.4263 0.4372 -0.0318 0.0374  0.0537  47  ARG A N   
23  C  CA  . ARG A 24  ? 0.6118 0.4134 0.4404 -0.0198 0.0244  0.0520  47  ARG A CA  
24  C  C   . ARG A 24  ? 0.5408 0.3637 0.3992 -0.0194 0.0246  0.0363  47  ARG A C   
25  O  O   . ARG A 24  ? 0.5151 0.3313 0.3893 -0.0149 0.0225  0.0329  47  ARG A O   
26  C  CB  . ARG A 24  ? 0.6006 0.4087 0.4176 -0.0082 0.0096  0.0560  47  ARG A CB  
27  C  CG  . ARG A 24  ? 0.5911 0.3983 0.4259 0.0049  -0.0028 0.0559  47  ARG A CG  
28  C  CD  . ARG A 24  ? 0.6159 0.4353 0.4467 0.0152  -0.0188 0.0576  47  ARG A CD  
29  N  NE  . ARG A 24  ? 0.6413 0.4632 0.4951 0.0278  -0.0289 0.0568  47  ARG A NE  
30  C  CZ  . ARG A 24  ? 0.6363 0.4736 0.5006 0.0379  -0.0435 0.0559  47  ARG A CZ  
31  N  NH1 . ARG A 24  ? 0.6112 0.4611 0.4633 0.0364  -0.0515 0.0549  47  ARG A NH1 
32  N  NH2 . ARG A 24  ? 0.6213 0.4624 0.5106 0.0494  -0.0500 0.0546  47  ARG A NH2 
33  N  N   . PHE A 25  ? 0.4687 0.3155 0.3328 -0.0231 0.0270  0.0270  48  PHE A N   
34  C  CA  . PHE A 25  ? 0.4474 0.3133 0.3349 -0.0212 0.0259  0.0141  48  PHE A CA  
35  C  C   . PHE A 25  ? 0.4286 0.3008 0.3277 -0.0312 0.0356  0.0051  48  PHE A C   
36  O  O   . PHE A 25  ? 0.4049 0.2921 0.3190 -0.0297 0.0344  -0.0051 48  PHE A O   
37  C  CB  . PHE A 25  ? 0.4192 0.3065 0.3083 -0.0171 0.0199  0.0093  48  PHE A CB  
38  C  CG  . PHE A 25  ? 0.4304 0.3166 0.3139 -0.0078 0.0081  0.0154  48  PHE A CG  
39  C  CD1 . PHE A 25  ? 0.4298 0.3152 0.3281 0.0013  0.0015  0.0160  48  PHE A CD1 
40  C  CD2 . PHE A 25  ? 0.4656 0.3530 0.3303 -0.0078 0.0032  0.0193  48  PHE A CD2 
41  C  CE1 . PHE A 25  ? 0.4386 0.3265 0.3372 0.0102  -0.0106 0.0209  48  PHE A CE1 
42  C  CE2 . PHE A 25  ? 0.4515 0.3394 0.3128 0.0008  -0.0104 0.0238  48  PHE A CE2 
43  C  CZ  . PHE A 25  ? 0.4863 0.3758 0.3670 0.0096  -0.0176 0.0247  48  PHE A CZ  
44  N  N   . THR A 26  ? 0.4792 0.3412 0.3716 -0.0415 0.0452  0.0093  49  THR A N   
45  C  CA  . THR A 26  ? 0.4571 0.3309 0.3641 -0.0520 0.0538  0.0000  49  THR A CA  
46  C  C   . THR A 26  ? 0.4429 0.3159 0.3696 -0.0522 0.0512  -0.0101 49  THR A C   
47  O  O   . THR A 26  ? 0.4159 0.3076 0.3566 -0.0530 0.0501  -0.0215 49  THR A O   
48  C  CB  . THR A 26  ? 0.5322 0.3952 0.4317 -0.0644 0.0667  0.0072  49  THR A CB  
49  O  OG1 . THR A 26  ? 0.5278 0.3913 0.4037 -0.0629 0.0693  0.0155  49  THR A OG1 
50  C  CG2 . THR A 26  ? 0.5410 0.4222 0.4615 -0.0749 0.0750  -0.0036 49  THR A CG2 
51  N  N   . ALA A 27  ? 0.4831 0.3335 0.4091 -0.0504 0.0494  -0.0062 50  ALA A N   
52  C  CA  . ALA A 27  ? 0.4990 0.3451 0.4401 -0.0503 0.0469  -0.0173 50  ALA A CA  
53  C  C   . ALA A 27  ? 0.4389 0.3029 0.3851 -0.0396 0.0397  -0.0263 50  ALA A C   
54  O  O   . ALA A 27  ? 0.4088 0.2847 0.3653 -0.0413 0.0384  -0.0383 50  ALA A O   
55  C  CB  . ALA A 27  ? 0.5667 0.3821 0.5044 -0.0479 0.0460  -0.0115 50  ALA A CB  
56  N  N   . PHE A 28  ? 0.4580 0.3249 0.3969 -0.0290 0.0349  -0.0201 51  PHE A N   
57  C  CA  . PHE A 28  ? 0.4039 0.2878 0.3477 -0.0196 0.0303  -0.0261 51  PHE A CA  
58  C  C   . PHE A 28  ? 0.3406 0.2463 0.2878 -0.0232 0.0309  -0.0325 51  PHE A C   
59  O  O   . PHE A 28  ? 0.3307 0.2461 0.2830 -0.0203 0.0293  -0.0412 51  PHE A O   
60  C  CB  . PHE A 28  ? 0.4027 0.2878 0.3425 -0.0103 0.0255  -0.0175 51  PHE A CB  
61  C  CG  . PHE A 28  ? 0.3814 0.2842 0.3285 -0.0026 0.0228  -0.0218 51  PHE A CG  
62  C  CD1 . PHE A 28  ? 0.4416 0.3437 0.3961 0.0047  0.0235  -0.0277 51  PHE A CD1 
63  C  CD2 . PHE A 28  ? 0.4186 0.3374 0.3648 -0.0031 0.0207  -0.0201 51  PHE A CD2 
64  C  CE1 . PHE A 28  ? 0.3768 0.2948 0.3373 0.0107  0.0238  -0.0303 51  PHE A CE1 
65  C  CE2 . PHE A 28  ? 0.3848 0.3178 0.3391 0.0024  0.0195  -0.0229 51  PHE A CE2 
66  C  CZ  . PHE A 28  ? 0.3597 0.2927 0.3213 0.0090  0.0218  -0.0270 51  PHE A CZ  
67  N  N   . GLU A 29  ? 0.3433 0.2557 0.2856 -0.0286 0.0334  -0.0281 52  GLU A N   
68  C  CA  . GLU A 29  ? 0.3191 0.2510 0.2658 -0.0309 0.0342  -0.0342 52  GLU A CA  
69  C  C   . GLU A 29  ? 0.3034 0.2419 0.2621 -0.0362 0.0354  -0.0446 52  GLU A C   
70  O  O   . GLU A 29  ? 0.2982 0.2503 0.2617 -0.0325 0.0317  -0.0516 52  GLU A O   
71  C  CB  . GLU A 29  ? 0.3371 0.2724 0.2758 -0.0357 0.0384  -0.0290 52  GLU A CB  
72  C  CG  . GLU A 29  ? 0.3341 0.2668 0.2601 -0.0297 0.0339  -0.0215 52  GLU A CG  
73  C  CD  . GLU A 29  ? 0.3860 0.3146 0.2965 -0.0341 0.0382  -0.0155 52  GLU A CD  
74  O  OE1 . GLU A 29  ? 0.3821 0.3077 0.2917 -0.0424 0.0472  -0.0150 52  GLU A OE1 
75  O  OE2 . GLU A 29  ? 0.3768 0.3049 0.2758 -0.0295 0.0327  -0.0115 52  GLU A OE2 
76  N  N   . GLU A 30  ? 0.3605 0.2890 0.3241 -0.0451 0.0397  -0.0453 53  GLU A N   
77  C  CA  A GLU A 30  ? 0.3586 0.2929 0.3376 -0.0523 0.0396  -0.0563 53  GLU A CA  
78  C  CA  B GLU A 30  ? 0.3668 0.3040 0.3457 -0.0515 0.0392  -0.0566 53  GLU A CA  
79  C  C   . GLU A 30  ? 0.3461 0.2790 0.3262 -0.0456 0.0319  -0.0657 53  GLU A C   
80  O  O   . GLU A 30  ? 0.3394 0.2855 0.3274 -0.0457 0.0269  -0.0764 53  GLU A O   
81  C  CB  A GLU A 30  ? 0.3892 0.3072 0.3736 -0.0641 0.0462  -0.0537 53  GLU A CB  
82  C  CB  B GLU A 30  ? 0.4135 0.3439 0.4013 -0.0649 0.0472  -0.0552 53  GLU A CB  
83  C  CG  A GLU A 30  ? 0.4338 0.3557 0.4188 -0.0737 0.0568  -0.0465 53  GLU A CG  
84  C  CG  B GLU A 30  ? 0.4328 0.3715 0.4170 -0.0699 0.0564  -0.0478 53  GLU A CG  
85  C  CD  A GLU A 30  ? 0.4840 0.3856 0.4723 -0.0860 0.0651  -0.0413 53  GLU A CD  
86  C  CD  B GLU A 30  ? 0.4587 0.4221 0.4470 -0.0650 0.0549  -0.0530 53  GLU A CD  
87  O  OE1 A GLU A 30  ? 0.5422 0.4257 0.5340 -0.0869 0.0613  -0.0442 53  GLU A OE1 
88  O  OE1 B GLU A 30  ? 0.3820 0.3481 0.3588 -0.0549 0.0495  -0.0507 53  GLU A OE1 
89  O  OE2 A GLU A 30  ? 0.5007 0.4030 0.4871 -0.0948 0.0764  -0.0340 53  GLU A OE2 
90  O  OE2 B GLU A 30  ? 0.4304 0.4105 0.4358 -0.0717 0.0597  -0.0594 53  GLU A OE2 
91  N  N   . GLU A 31  ? 0.3619 0.2783 0.3330 -0.0389 0.0308  -0.0622 54  GLU A N   
92  C  CA  A GLU A 31  ? 0.3764 0.2898 0.3440 -0.0307 0.0259  -0.0709 54  GLU A CA  
93  C  CA  B GLU A 31  ? 0.3666 0.2801 0.3345 -0.0309 0.0258  -0.0709 54  GLU A CA  
94  C  C   . GLU A 31  ? 0.3413 0.2725 0.3039 -0.0226 0.0225  -0.0727 54  GLU A C   
95  O  O   . GLU A 31  ? 0.3364 0.2730 0.2970 -0.0197 0.0178  -0.0824 54  GLU A O   
96  C  CB  A GLU A 31  ? 0.4176 0.3121 0.3787 -0.0231 0.0271  -0.0660 54  GLU A CB  
97  C  CB  B GLU A 31  ? 0.3909 0.2848 0.3525 -0.0238 0.0272  -0.0664 54  GLU A CB  
98  C  CG  A GLU A 31  ? 0.4504 0.3409 0.4068 -0.0140 0.0248  -0.0757 54  GLU A CG  
99  C  CG  B GLU A 31  ? 0.4218 0.2924 0.3873 -0.0309 0.0294  -0.0659 54  GLU A CG  
100 C  CD  A GLU A 31  ? 0.5473 0.4272 0.5006 -0.0033 0.0273  -0.0702 54  GLU A CD  
101 C  CD  B GLU A 31  ? 0.4590 0.3096 0.4193 -0.0224 0.0302  -0.0591 54  GLU A CD  
102 O  OE1 A GLU A 31  ? 0.5561 0.4241 0.5116 -0.0039 0.0285  -0.0605 54  GLU A OE1 
103 O  OE1 B GLU A 31  ? 0.4831 0.3367 0.4407 -0.0107 0.0287  -0.0620 54  GLU A OE1 
104 O  OE2 A GLU A 31  ? 0.5089 0.3933 0.4575 0.0063  0.0282  -0.0751 54  GLU A OE2 
105 O  OE2 B GLU A 31  ? 0.4661 0.2979 0.4258 -0.0269 0.0326  -0.0502 54  GLU A OE2 
106 N  N   . LEU A 32  ? 0.3216 0.2598 0.2808 -0.0190 0.0243  -0.0634 55  LEU A N   
107 C  CA  . LEU A 32  ? 0.2944 0.2460 0.2494 -0.0124 0.0222  -0.0632 55  LEU A CA  
108 C  C   . LEU A 32  ? 0.3037 0.2694 0.2637 -0.0156 0.0187  -0.0693 55  LEU A C   
109 O  O   . LEU A 32  ? 0.2880 0.2602 0.2434 -0.0102 0.0143  -0.0738 55  LEU A O   
110 C  CB  . LEU A 32  ? 0.3010 0.2560 0.2544 -0.0098 0.0240  -0.0531 55  LEU A CB  
111 C  CG  . LEU A 32  ? 0.3429 0.2903 0.2953 -0.0040 0.0253  -0.0469 55  LEU A CG  
112 C  CD1 . LEU A 32  ? 0.3373 0.2923 0.2911 -0.0023 0.0244  -0.0395 55  LEU A CD1 
113 C  CD2 . LEU A 32  ? 0.3711 0.3168 0.3210 0.0032  0.0267  -0.0516 55  LEU A CD2 
114 N  N   . LEU A 33  ? 0.3009 0.2713 0.2700 -0.0236 0.0209  -0.0689 56  LEU A N   
115 C  CA  . LEU A 33  ? 0.3016 0.2878 0.2810 -0.0261 0.0179  -0.0757 56  LEU A CA  
116 C  C   . LEU A 33  ? 0.3149 0.3036 0.2985 -0.0259 0.0106  -0.0871 56  LEU A C   
117 O  O   . LEU A 33  ? 0.3077 0.3074 0.2907 -0.0202 0.0035  -0.0921 56  LEU A O   
118 C  CB  . LEU A 33  ? 0.3279 0.3189 0.3189 -0.0358 0.0245  -0.0745 56  LEU A CB  
119 C  CG  . LEU A 33  ? 0.3443 0.3555 0.3525 -0.0381 0.0224  -0.0828 56  LEU A CG  
120 C  CD1 . LEU A 33  ? 0.3417 0.3630 0.3460 -0.0282 0.0176  -0.0825 56  LEU A CD1 
121 C  CD2 . LEU A 33  ? 0.3659 0.3824 0.3853 -0.0481 0.0327  -0.0809 56  LEU A CD2 
122 N  N   . ALA A 34  ? 0.3393 0.3165 0.3263 -0.0319 0.0114  -0.0915 57  ALA A N   
123 C  CA  . ALA A 34  ? 0.3569 0.3347 0.3475 -0.0327 0.0031  -0.1045 57  ALA A CA  
124 C  C   . ALA A 34  ? 0.3358 0.3100 0.3066 -0.0208 -0.0028 -0.1076 57  ALA A C   
125 O  O   . ALA A 34  ? 0.3800 0.3614 0.3487 -0.0178 -0.0125 -0.1174 57  ALA A O   
126 C  CB  . ALA A 34  ? 0.3829 0.3446 0.3808 -0.0420 0.0055  -0.1089 57  ALA A CB  
127 N  N   . ARG A 35  ? 0.3303 0.2944 0.2869 -0.0140 0.0029  -0.0992 58  ARG A N   
128 C  CA  . ARG A 35  ? 0.3513 0.3122 0.2886 -0.0032 0.0012  -0.1004 58  ARG A CA  
129 C  C   . ARG A 35  ? 0.3432 0.3170 0.2735 0.0030  -0.0030 -0.0971 58  ARG A C   
130 O  O   . ARG A 35  ? 0.3542 0.3277 0.2684 0.0102  -0.0082 -0.1016 58  ARG A O   
131 C  CB  . ARG A 35  ? 0.3398 0.2908 0.2704 0.0018  0.0102  -0.0914 58  ARG A CB  
132 C  CG  . ARG A 35  ? 0.4040 0.3511 0.3159 0.0122  0.0122  -0.0933 58  ARG A CG  
133 C  CD  . ARG A 35  ? 0.4550 0.3909 0.3666 0.0162  0.0204  -0.0906 58  ARG A CD  
134 N  NE  . ARG A 35  ? 0.5215 0.4638 0.4391 0.0181  0.0265  -0.0780 58  ARG A NE  
135 C  CZ  . ARG A 35  ? 0.5259 0.4636 0.4539 0.0187  0.0308  -0.0719 58  ARG A CZ  
136 N  NH1 . ARG A 35  ? 0.5924 0.5163 0.5246 0.0179  0.0308  -0.0759 58  ARG A NH1 
137 N  NH2 . ARG A 35  ? 0.5436 0.4898 0.4780 0.0201  0.0341  -0.0617 58  ARG A NH2 
138 N  N   . TYR A 36  ? 0.3281 0.3109 0.2687 0.0007  -0.0009 -0.0896 59  TYR A N   
139 C  CA  . TYR A 36  ? 0.3355 0.3261 0.2699 0.0073  -0.0039 -0.0849 59  TYR A CA  
140 C  C   . TYR A 36  ? 0.3273 0.3323 0.2754 0.0060  -0.0113 -0.0897 59  TYR A C   
141 O  O   . TYR A 36  ? 0.3528 0.3624 0.2975 0.0122  -0.0144 -0.0855 59  TYR A O   
142 C  CB  . TYR A 36  ? 0.3370 0.3252 0.2715 0.0079  0.0041  -0.0730 59  TYR A CB  
143 C  CG  . TYR A 36  ? 0.3364 0.3146 0.2611 0.0112  0.0110  -0.0681 59  TYR A CG  
144 C  CD1 . TYR A 36  ? 0.3808 0.3546 0.2883 0.0184  0.0118  -0.0689 59  TYR A CD1 
145 C  CD2 . TYR A 36  ? 0.3156 0.2896 0.2483 0.0076  0.0169  -0.0630 59  TYR A CD2 
146 C  CE1 . TYR A 36  ? 0.3997 0.3673 0.3014 0.0218  0.0203  -0.0652 59  TYR A CE1 
147 C  CE2 . TYR A 36  ? 0.3516 0.3197 0.2804 0.0117  0.0228  -0.0595 59  TYR A CE2 
148 C  CZ  . TYR A 36  ? 0.3456 0.3116 0.2608 0.0186  0.0254  -0.0609 59  TYR A CZ  
149 O  OH  . TYR A 36  ? 0.3505 0.3131 0.2646 0.0232  0.0334  -0.0581 59  TYR A OH  
150 N  N   . ALA A 37  ? 0.3530 0.3651 0.3185 -0.0018 -0.0142 -0.0986 60  ALA A N   
151 C  CA  . ALA A 37  ? 0.3464 0.3766 0.3306 -0.0029 -0.0210 -0.1048 60  ALA A CA  
152 C  C   . ALA A 37  ? 0.3832 0.4195 0.3581 0.0081  -0.0341 -0.1087 60  ALA A C   
153 O  O   . ALA A 37  ? 0.3563 0.4050 0.3416 0.0127  -0.0388 -0.1084 60  ALA A O   
154 C  CB  . ALA A 37  ? 0.3749 0.4122 0.3813 -0.0142 -0.0216 -0.1146 60  ALA A CB  
155 N  N   . ASP A 38  ? 0.3515 0.3778 0.3045 0.0135  -0.0400 -0.1117 61  ASP A N   
156 C  CA  . ASP A 38  ? 0.3946 0.4240 0.3323 0.0246  -0.0532 -0.1143 61  ASP A CA  
157 C  C   . ASP A 38  ? 0.4240 0.4471 0.3455 0.0342  -0.0502 -0.1009 61  ASP A C   
158 O  O   . ASP A 38  ? 0.4596 0.4843 0.3699 0.0442  -0.0610 -0.1001 61  ASP A O   
159 C  CB  . ASP A 38  ? 0.4889 0.5065 0.4008 0.0285  -0.0588 -0.1211 61  ASP A CB  
160 C  CG  . ASP A 38  ? 0.6517 0.6742 0.5790 0.0201  -0.0668 -0.1375 61  ASP A CG  
161 O  OD1 . ASP A 38  ? 0.6153 0.6546 0.5740 0.0127  -0.0713 -0.1439 61  ASP A OD1 
162 O  OD2 . ASP A 38  ? 0.7972 0.8067 0.7058 0.0209  -0.0679 -0.1445 61  ASP A OD2 
163 N  N   . LYS A 39  ? 0.3681 0.3825 0.2885 0.0309  -0.0365 -0.0906 62  LYS A N   
164 C  CA  . LYS A 39  ? 0.3984 0.4052 0.3079 0.0370  -0.0319 -0.0780 62  LYS A CA  
165 C  C   . LYS A 39  ? 0.3582 0.3729 0.2888 0.0350  -0.0297 -0.0754 62  LYS A C   
166 O  O   . LYS A 39  ? 0.4180 0.4246 0.3443 0.0367  -0.0238 -0.0659 62  LYS A O   
167 C  CB  . LYS A 39  ? 0.4395 0.4333 0.3361 0.0349  -0.0190 -0.0694 62  LYS A CB  
168 C  CG  . LYS A 39  ? 0.5321 0.5180 0.4061 0.0386  -0.0191 -0.0729 62  LYS A CG  
169 C  CD  . LYS A 39  ? 0.7299 0.7048 0.5898 0.0399  -0.0059 -0.0632 62  LYS A CD  
170 C  CE  . LYS A 39  ? 0.8864 0.8533 0.7194 0.0460  -0.0053 -0.0676 62  LYS A CE  
171 N  NZ  . LYS A 39  ? 1.0053 0.9656 0.8329 0.0458  0.0099  -0.0622 62  LYS A NZ  
172 N  N   . GLY A 40  ? 0.3483 0.3787 0.3020 0.0308  -0.0337 -0.0847 63  GLY A N   
173 C  CA  . GLY A 40  ? 0.3308 0.3706 0.3041 0.0306  -0.0315 -0.0847 63  GLY A CA  
174 C  C   . GLY A 40  ? 0.3114 0.3498 0.2934 0.0210  -0.0187 -0.0822 63  GLY A C   
175 O  O   . GLY A 40  ? 0.2959 0.3414 0.2915 0.0204  -0.0151 -0.0834 63  GLY A O   
176 N  N   . ILE A 41  ? 0.3251 0.3545 0.2991 0.0143  -0.0122 -0.0795 64  ILE A N   
177 C  CA  . ILE A 41  ? 0.3053 0.3321 0.2848 0.0058  -0.0020 -0.0767 64  ILE A CA  
178 C  C   . ILE A 41  ? 0.2967 0.3357 0.2951 -0.0026 0.0010  -0.0838 64  ILE A C   
179 O  O   . ILE A 41  ? 0.3274 0.3704 0.3328 -0.0068 -0.0023 -0.0905 64  ILE A O   
180 C  CB  . ILE A 41  ? 0.3029 0.3164 0.2696 0.0028  0.0028  -0.0712 64  ILE A CB  
181 C  CG1 . ILE A 41  ? 0.3247 0.3287 0.2761 0.0098  0.0026  -0.0637 64  ILE A CG1 
182 C  CG2 . ILE A 41  ? 0.2863 0.2964 0.2570 -0.0046 0.0107  -0.0677 64  ILE A CG2 
183 C  CD1 . ILE A 41  ? 0.2954 0.2978 0.2476 0.0124  0.0038  -0.0580 64  ILE A CD1 
184 N  N   . ARG A 42  ? 0.2574 0.3014 0.2637 -0.0055 0.0080  -0.0831 65  ARG A N   
185 C  CA  . ARG A 42  ? 0.2681 0.3243 0.2921 -0.0139 0.0147  -0.0885 65  ARG A CA  
186 C  C   . ARG A 42  ? 0.2875 0.3342 0.3039 -0.0225 0.0259  -0.0824 65  ARG A C   
187 O  O   . ARG A 42  ? 0.3347 0.3863 0.3615 -0.0317 0.0334  -0.0843 65  ARG A O   
188 C  CB  . ARG A 42  ? 0.2933 0.3658 0.3329 -0.0090 0.0153  -0.0940 65  ARG A CB  
189 C  CG  . ARG A 42  ? 0.3298 0.4136 0.3798 0.0004  0.0027  -0.1001 65  ARG A CG  
190 C  CD  . ARG A 42  ? 0.3211 0.4166 0.3867 -0.0042 -0.0041 -0.1083 65  ARG A CD  
191 N  NE  . ARG A 42  ? 0.3491 0.4518 0.4171 0.0071  -0.0196 -0.1129 65  ARG A NE  
192 C  CZ  . ARG A 42  ? 0.3253 0.4191 0.3770 0.0114  -0.0307 -0.1128 65  ARG A CZ  
193 N  NH1 . ARG A 42  ? 0.3509 0.4295 0.3861 0.0054  -0.0277 -0.1100 65  ARG A NH1 
194 N  NH2 . ARG A 42  ? 0.3327 0.4322 0.3833 0.0230  -0.0450 -0.1158 65  ARG A NH2 
195 N  N   . SER A 43  ? 0.2996 0.3326 0.2981 -0.0197 0.0269  -0.0745 66  SER A N   
196 C  CA  . SER A 43  ? 0.2808 0.3028 0.2684 -0.0259 0.0340  -0.0679 66  SER A CA  
197 C  C   . SER A 43  ? 0.2666 0.2744 0.2391 -0.0220 0.0300  -0.0605 66  SER A C   
198 O  O   . SER A 43  ? 0.2811 0.2883 0.2507 -0.0153 0.0249  -0.0597 66  SER A O   
199 C  CB  . SER A 43  ? 0.2907 0.3165 0.2754 -0.0280 0.0421  -0.0678 66  SER A CB  
200 O  OG  . SER A 43  ? 0.2893 0.3119 0.2651 -0.0210 0.0384  -0.0669 66  SER A OG  
201 N  N   . VAL A 44  ? 0.2963 0.2930 0.2611 -0.0264 0.0331  -0.0547 67  VAL A N   
202 C  CA  . VAL A 44  ? 0.2835 0.2691 0.2380 -0.0227 0.0296  -0.0477 67  VAL A CA  
203 C  C   . VAL A 44  ? 0.3066 0.2836 0.2500 -0.0264 0.0330  -0.0413 67  VAL A C   
204 O  O   . VAL A 44  ? 0.3244 0.2960 0.2663 -0.0325 0.0386  -0.0395 67  VAL A O   
205 C  CB  . VAL A 44  ? 0.2689 0.2475 0.2252 -0.0210 0.0273  -0.0475 67  VAL A CB  
206 C  CG1 . VAL A 44  ? 0.3061 0.2764 0.2566 -0.0166 0.0250  -0.0407 67  VAL A CG1 
207 C  CG2 . VAL A 44  ? 0.2979 0.2839 0.2593 -0.0168 0.0235  -0.0539 67  VAL A CG2 
208 N  N   . ASP A 45  ? 0.2960 0.2700 0.2309 -0.0229 0.0290  -0.0374 68  ASP A N   
209 C  CA  . ASP A 45  ? 0.3262 0.2914 0.2460 -0.0246 0.0292  -0.0312 68  ASP A CA  
210 C  C   . ASP A 45  ? 0.3201 0.2806 0.2376 -0.0195 0.0207  -0.0261 68  ASP A C   
211 O  O   . ASP A 45  ? 0.3299 0.2969 0.2545 -0.0162 0.0159  -0.0288 68  ASP A O   
212 C  CB  . ASP A 45  ? 0.3379 0.3078 0.2486 -0.0259 0.0321  -0.0348 68  ASP A CB  
213 C  CG  . ASP A 45  ? 0.4554 0.4152 0.3441 -0.0271 0.0322  -0.0288 68  ASP A CG  
214 O  OD1 . ASP A 45  ? 0.4884 0.4396 0.3679 -0.0315 0.0384  -0.0228 68  ASP A OD1 
215 O  OD2 . ASP A 45  ? 0.5966 0.5558 0.4759 -0.0239 0.0254  -0.0300 68  ASP A OD2 
216 N  N   . VAL A 46  ? 0.3279 0.2771 0.2376 -0.0189 0.0187  -0.0188 69  VAL A N   
217 C  CA  . VAL A 46  ? 0.3368 0.2837 0.2461 -0.0134 0.0092  -0.0140 69  VAL A CA  
218 C  C   . VAL A 46  ? 0.3652 0.3094 0.2560 -0.0138 0.0042  -0.0122 69  VAL A C   
219 O  O   . VAL A 46  ? 0.4036 0.3366 0.2747 -0.0157 0.0062  -0.0065 69  VAL A O   
220 C  CB  . VAL A 46  ? 0.3517 0.2869 0.2618 -0.0099 0.0072  -0.0070 69  VAL A CB  
221 C  CG1 . VAL A 46  ? 0.3495 0.2863 0.2635 -0.0028 -0.0041 -0.0028 69  VAL A CG1 
222 C  CG2 . VAL A 46  ? 0.3417 0.2777 0.2669 -0.0087 0.0118  -0.0107 69  VAL A CG2 
223 N  N   . ALA A 47  ? 0.3165 0.2694 0.2122 -0.0125 -0.0020 -0.0173 70  ALA A N   
224 C  CA  . ALA A 47  ? 0.3374 0.2889 0.2158 -0.0128 -0.0080 -0.0196 70  ALA A CA  
225 C  C   . ALA A 47  ? 0.3492 0.3015 0.2301 -0.0085 -0.0226 -0.0168 70  ALA A C   
226 O  O   . ALA A 47  ? 0.3884 0.3504 0.2889 -0.0077 -0.0287 -0.0209 70  ALA A O   
227 C  CB  . ALA A 47  ? 0.3587 0.3181 0.2433 -0.0146 -0.0060 -0.0294 70  ALA A CB  
228 N  N   . ALA A 48  ? 0.3794 0.3215 0.2414 -0.0058 -0.0284 -0.0095 71  ALA A N   
229 C  CA  . ALA A 48  ? 0.3980 0.3420 0.2628 -0.0003 -0.0452 -0.0069 71  ALA A CA  
230 C  C   . ALA A 48  ? 0.4529 0.3956 0.2961 -0.0009 -0.0553 -0.0124 71  ALA A C   
231 O  O   . ALA A 48  ? 0.4788 0.4114 0.2917 -0.0029 -0.0494 -0.0123 71  ALA A O   
232 C  CB  . ALA A 48  ? 0.4010 0.3325 0.2549 0.0052  -0.0488 0.0047  71  ALA A CB  
233 N  N   . TYR A 49  ? 0.4415 0.3945 0.3007 0.0007  -0.0701 -0.0176 72  TYR A N   
234 C  CA  . TYR A 49  ? 0.5146 0.4653 0.3533 0.0011  -0.0846 -0.0238 72  TYR A CA  
235 C  C   . TYR A 49  ? 0.5317 0.4906 0.3851 0.0066  -0.1052 -0.0218 72  TYR A C   
236 O  O   . TYR A 49  ? 0.5118 0.4763 0.3881 0.0110  -0.1060 -0.0144 72  TYR A O   
237 C  CB  . TYR A 49  ? 0.5173 0.4731 0.3627 -0.0046 -0.0821 -0.0371 72  TYR A CB  
238 C  CG  . TYR A 49  ? 0.4836 0.4516 0.3685 -0.0082 -0.0772 -0.0403 72  TYR A CG  
239 C  CD1 . TYR A 49  ? 0.4958 0.4642 0.3896 -0.0101 -0.0600 -0.0383 72  TYR A CD1 
240 C  CD2 . TYR A 49  ? 0.5296 0.5090 0.4427 -0.0101 -0.0898 -0.0456 72  TYR A CD2 
241 C  CE1 . TYR A 49  ? 0.5248 0.5017 0.4487 -0.0126 -0.0549 -0.0399 72  TYR A CE1 
242 C  CE2 . TYR A 49  ? 0.5175 0.5063 0.4645 -0.0142 -0.0824 -0.0468 72  TYR A CE2 
243 C  CZ  . TYR A 49  ? 0.5779 0.5643 0.5273 -0.0148 -0.0649 -0.0433 72  TYR A CZ  
244 O  OH  . TYR A 49  ? 0.5852 0.5778 0.5610 -0.0178 -0.0569 -0.0430 72  TYR A OH  
245 N  N   . ALA A 50  ? 0.5179 0.4779 0.3594 0.0070  -0.1227 -0.0293 73  ALA A N   
246 C  CA  . ALA A 50  ? 0.5316 0.5004 0.3860 0.0130  -0.1453 -0.0278 73  ALA A CA  
247 C  C   . ALA A 50  ? 0.5347 0.5251 0.4437 0.0118  -0.1474 -0.0295 73  ALA A C   
248 O  O   . ALA A 50  ? 0.5370 0.5354 0.4652 0.0190  -0.1557 -0.0226 73  ALA A O   
249 C  CB  . ALA A 50  ? 0.5882 0.5553 0.4208 0.0126  -0.1652 -0.0385 73  ALA A CB  
250 N  N   . LYS A 51  ? 0.5314 0.5305 0.4651 0.0033  -0.1389 -0.0381 74  LYS A N   
251 C  CA  . LYS A 51  ? 0.5491 0.5687 0.5329 0.0006  -0.1404 -0.0402 74  LYS A CA  
252 C  C   . LYS A 51  ? 0.5198 0.5432 0.5241 0.0011  -0.1201 -0.0328 74  LYS A C   
253 O  O   . LYS A 51  ? 0.5826 0.6231 0.6260 0.0013  -0.1187 -0.0317 74  LYS A O   
254 C  CB  . LYS A 51  ? 0.5479 0.5729 0.5485 -0.0096 -0.1434 -0.0527 74  LYS A CB  
255 N  N   . GLY A 52  ? 0.4285 0.4372 0.4079 0.0011  -0.1040 -0.0287 75  GLY A N   
256 C  CA  . GLY A 52  ? 0.4091 0.4200 0.4039 0.0019  -0.0865 -0.0235 75  GLY A CA  
257 C  C   . GLY A 52  ? 0.3711 0.3659 0.3374 0.0022  -0.0725 -0.0196 75  GLY A C   
258 O  O   . GLY A 52  ? 0.3735 0.3554 0.3079 0.0025  -0.0746 -0.0187 75  GLY A O   
259 N  N   . ILE A 53  ? 0.3713 0.3679 0.3504 0.0018  -0.0580 -0.0176 76  ILE A N   
260 C  CA  . ILE A 53  ? 0.3568 0.3415 0.3175 0.0012  -0.0448 -0.0151 76  ILE A CA  
261 C  C   . ILE A 53  ? 0.3591 0.3484 0.3312 -0.0029 -0.0329 -0.0192 76  ILE A C   
262 O  O   . ILE A 53  ? 0.3467 0.3460 0.3426 -0.0026 -0.0301 -0.0192 76  ILE A O   
263 C  CB  . ILE A 53  ? 0.3669 0.3468 0.3309 0.0075  -0.0412 -0.0080 76  ILE A CB  
264 C  CG1 . ILE A 53  ? 0.4085 0.3825 0.3634 0.0140  -0.0545 -0.0019 76  ILE A CG1 
265 C  CG2 . ILE A 53  ? 0.3769 0.3445 0.3248 0.0051  -0.0282 -0.0070 76  ILE A CG2 
266 C  CD1 . ILE A 53  ? 0.4086 0.3771 0.3721 0.0220  -0.0528 0.0047  76  ILE A CD1 
267 N  N   . ASP A 54  ? 0.3261 0.3081 0.2814 -0.0062 -0.0254 -0.0222 77  ASP A N   
268 C  CA  . ASP A 54  ? 0.3165 0.3009 0.2795 -0.0081 -0.0156 -0.0249 77  ASP A CA  
269 C  C   . ASP A 54  ? 0.3091 0.2877 0.2618 -0.0078 -0.0062 -0.0240 77  ASP A C   
270 O  O   . ASP A 54  ? 0.3514 0.3229 0.2877 -0.0090 -0.0053 -0.0231 77  ASP A O   
271 C  CB  . ASP A 54  ? 0.3234 0.3066 0.2816 -0.0119 -0.0163 -0.0314 77  ASP A CB  
272 C  CG  . ASP A 54  ? 0.3600 0.3483 0.3343 -0.0144 -0.0240 -0.0340 77  ASP A CG  
273 O  OD1 . ASP A 54  ? 0.4263 0.4220 0.4220 -0.0147 -0.0222 -0.0310 77  ASP A OD1 
274 O  OD2 . ASP A 54  ? 0.3772 0.3617 0.3421 -0.0166 -0.0310 -0.0399 77  ASP A OD2 
275 N  N   . ILE A 55  ? 0.2933 0.2745 0.2555 -0.0065 0.0005  -0.0243 78  ILE A N   
276 C  CA  . ILE A 55  ? 0.2828 0.2604 0.2379 -0.0072 0.0076  -0.0262 78  ILE A CA  
277 C  C   . ILE A 55  ? 0.2633 0.2439 0.2171 -0.0089 0.0098  -0.0312 78  ILE A C   
278 O  O   . ILE A 55  ? 0.2680 0.2515 0.2297 -0.0077 0.0101  -0.0315 78  ILE A O   
279 C  CB  . ILE A 55  ? 0.2956 0.2731 0.2575 -0.0037 0.0120  -0.0254 78  ILE A CB  
280 C  CG1 . ILE A 55  ? 0.3178 0.2933 0.2858 0.0003  0.0095  -0.0210 78  ILE A CG1 
281 C  CG2 . ILE A 55  ? 0.3120 0.2850 0.2669 -0.0056 0.0165  -0.0289 78  ILE A CG2 
282 C  CD1 . ILE A 55  ? 0.3115 0.2855 0.2847 0.0048  0.0150  -0.0220 78  ILE A CD1 
283 N  N   . VAL A 56  ? 0.2475 0.2266 0.1921 -0.0113 0.0119  -0.0346 79  VAL A N   
284 C  CA  . VAL A 56  ? 0.2588 0.2412 0.2037 -0.0114 0.0135  -0.0403 79  VAL A CA  
285 C  C   . VAL A 56  ? 0.2475 0.2339 0.1959 -0.0109 0.0179  -0.0435 79  VAL A C   
286 O  O   . VAL A 56  ? 0.2771 0.2639 0.2234 -0.0140 0.0216  -0.0443 79  VAL A O   
287 C  CB  . VAL A 56  ? 0.2962 0.2772 0.2305 -0.0134 0.0136  -0.0438 79  VAL A CB  
288 C  CG1 . VAL A 56  ? 0.3063 0.2910 0.2439 -0.0116 0.0158  -0.0509 79  VAL A CG1 
289 C  CG2 . VAL A 56  ? 0.3312 0.3082 0.2606 -0.0138 0.0062  -0.0422 79  VAL A CG2 
290 N  N   . PHE A 57  ? 0.2532 0.2419 0.2071 -0.0072 0.0168  -0.0448 80  PHE A N   
291 C  CA  . PHE A 57  ? 0.2545 0.2480 0.2117 -0.0051 0.0175  -0.0487 80  PHE A CA  
292 C  C   . PHE A 57  ? 0.2737 0.2722 0.2348 -0.0024 0.0166  -0.0539 80  PHE A C   
293 O  O   . PHE A 57  ? 0.2703 0.2645 0.2309 0.0004  0.0145  -0.0532 80  PHE A O   
294 C  CB  . PHE A 57  ? 0.2623 0.2534 0.2183 -0.0008 0.0160  -0.0458 80  PHE A CB  
295 C  CG  . PHE A 57  ? 0.2479 0.2355 0.2022 -0.0013 0.0179  -0.0423 80  PHE A CG  
296 C  CD1 . PHE A 57  ? 0.2616 0.2466 0.2183 -0.0018 0.0186  -0.0368 80  PHE A CD1 
297 C  CD2 . PHE A 57  ? 0.2705 0.2574 0.2226 -0.0005 0.0184  -0.0455 80  PHE A CD2 
298 C  CE1 . PHE A 57  ? 0.2941 0.2770 0.2522 -0.0003 0.0207  -0.0342 80  PHE A CE1 
299 C  CE2 . PHE A 57  ? 0.2767 0.2587 0.2274 0.0006  0.0208  -0.0435 80  PHE A CE2 
300 C  CZ  . PHE A 57  ? 0.2662 0.2467 0.2204 0.0014  0.0224  -0.0376 80  PHE A CZ  
301 N  N   . VAL A 58  ? 0.2672 0.2746 0.2346 -0.0032 0.0182  -0.0598 81  VAL A N   
302 C  CA  . VAL A 58  ? 0.2703 0.2852 0.2457 0.0014  0.0171  -0.0659 81  VAL A CA  
303 C  C   . VAL A 58  ? 0.2698 0.2925 0.2529 0.0057  0.0119  -0.0693 81  VAL A C   
304 O  O   . VAL A 58  ? 0.2740 0.3026 0.2621 0.0017  0.0122  -0.0721 81  VAL A O   
305 C  CB  . VAL A 58  ? 0.2857 0.3084 0.2654 -0.0025 0.0241  -0.0713 81  VAL A CB  
306 C  CG1 . VAL A 58  ? 0.3183 0.3518 0.3107 0.0038  0.0238  -0.0792 81  VAL A CG1 
307 C  CG2 . VAL A 58  ? 0.2951 0.3084 0.2616 -0.0054 0.0269  -0.0686 81  VAL A CG2 
308 N  N   . ALA A 59  ? 0.2553 0.2755 0.2379 0.0140  0.0060  -0.0687 82  ALA A N   
309 C  CA  . ALA A 59  ? 0.2719 0.2984 0.2583 0.0207  -0.0018 -0.0715 82  ALA A CA  
310 C  C   . ALA A 59  ? 0.3122 0.3502 0.3141 0.0274  -0.0051 -0.0786 82  ALA A C   
311 O  O   . ALA A 59  ? 0.2957 0.3312 0.3007 0.0298  -0.0018 -0.0800 82  ALA A O   
312 C  CB  . ALA A 59  ? 0.2696 0.2826 0.2411 0.0268  -0.0062 -0.0637 82  ALA A CB  
313 N  N   . ALA A 60  ? 0.3190 0.3703 0.3316 0.0309  -0.0125 -0.0845 83  ALA A N   
314 C  CA  . ALA A 60  ? 0.3193 0.3855 0.3512 0.0390  -0.0177 -0.0921 83  ALA A CA  
315 C  C   . ALA A 60  ? 0.3329 0.3902 0.3574 0.0526  -0.0288 -0.0882 83  ALA A C   
316 O  O   . ALA A 60  ? 0.3906 0.4598 0.4318 0.0621  -0.0356 -0.0942 83  ALA A O   
317 C  CB  . ALA A 60  ? 0.3670 0.4555 0.4203 0.0354  -0.0211 -0.1017 83  ALA A CB  
318 N  N   . ASP A 61  ? 0.3178 0.3543 0.3182 0.0542  -0.0301 -0.0776 84  ASP A N   
319 C  CA  . ASP A 61  ? 0.3702 0.3922 0.3573 0.0663  -0.0389 -0.0703 84  ASP A CA  
320 C  C   . ASP A 61  ? 0.3605 0.3588 0.3272 0.0634  -0.0323 -0.0582 84  ASP A C   
321 O  O   . ASP A 61  ? 0.3532 0.3487 0.3176 0.0528  -0.0228 -0.0567 84  ASP A O   
322 C  CB  . ASP A 61  ? 0.4269 0.4534 0.4045 0.0726  -0.0514 -0.0706 84  ASP A CB  
323 C  CG  . ASP A 61  ? 0.4692 0.4886 0.4266 0.0650  -0.0476 -0.0667 84  ASP A CG  
324 O  OD1 . ASP A 61  ? 0.4910 0.4920 0.4295 0.0630  -0.0403 -0.0561 84  ASP A OD1 
325 O  OD2 . ASP A 61  ? 0.4772 0.5096 0.4399 0.0611  -0.0516 -0.0749 84  ASP A OD2 
326 N  N   . ARG A 62  ? 0.3710 0.3522 0.3235 0.0726  -0.0378 -0.0493 85  ARG A N   
327 C  CA  . ARG A 62  ? 0.4069 0.3650 0.3432 0.0697  -0.0312 -0.0370 85  ARG A CA  
328 C  C   . ARG A 62  ? 0.4174 0.3637 0.3279 0.0726  -0.0325 -0.0261 85  ARG A C   
329 O  O   . ARG A 62  ? 0.4916 0.4176 0.3883 0.0735  -0.0284 -0.0140 85  ARG A O   
330 C  CB  . ARG A 62  ? 0.4689 0.4108 0.4091 0.0771  -0.0336 -0.0337 85  ARG A CB  
331 C  CG  . ARG A 62  ? 0.5408 0.4850 0.4988 0.0720  -0.0277 -0.0420 85  ARG A CG  
332 C  CD  . ARG A 62  ? 0.6802 0.6040 0.6408 0.0801  -0.0305 -0.0396 85  ARG A CD  
333 N  NE  . ARG A 62  ? 0.9261 0.8612 0.9036 0.0915  -0.0369 -0.0505 85  ARG A NE  
334 C  CZ  . ARG A 62  ? 1.1155 1.0527 1.0948 0.1059  -0.0481 -0.0497 85  ARG A CZ  
335 N  NH1 . ARG A 62  ? 1.2851 1.2111 1.2443 0.1112  -0.0551 -0.0376 85  ARG A NH1 
336 N  NH2 . ARG A 62  ? 0.8981 0.8494 0.8990 0.1160  -0.0526 -0.0612 85  ARG A NH2 
337 N  N   . LYS A 63  ? 0.4519 0.4101 0.3552 0.0733  -0.0369 -0.0306 86  LYS A N   
338 C  CA  . LYS A 63  ? 0.5609 0.5081 0.4350 0.0782  -0.0389 -0.0222 86  LYS A CA  
339 C  C   . LYS A 63  ? 0.5488 0.4870 0.4092 0.0695  -0.0248 -0.0143 86  LYS A C   
340 O  O   . LYS A 63  ? 0.5397 0.4627 0.3757 0.0731  -0.0211 -0.0031 86  LYS A O   
341 C  CB  . LYS A 63  ? 0.6265 0.5893 0.4975 0.0827  -0.0507 -0.0326 86  LYS A CB  
342 C  CG  . LYS A 63  ? 0.7382 0.7108 0.6212 0.0941  -0.0667 -0.0387 86  LYS A CG  
343 C  CD  . LYS A 63  ? 0.9041 0.8985 0.7963 0.0944  -0.0782 -0.0528 86  LYS A CD  
344 C  CE  . LYS A 63  ? 1.0548 1.0635 0.9660 0.1059  -0.0947 -0.0600 86  LYS A CE  
345 N  NZ  . LYS A 63  ? 1.1133 1.1477 1.0440 0.1031  -0.1050 -0.0759 86  LYS A NZ  
346 N  N   . MSE A 64  ? 0.4755 0.4235 0.3520 0.0587  -0.0165 -0.0198 87  MSE A N   
347 C  CA  . MSE A 64  ? 0.4656 0.4096 0.3349 0.0516  -0.0040 -0.0144 87  MSE A CA  
348 C  C   . MSE A 64  ? 0.5194 0.4473 0.3853 0.0492  0.0050  -0.0013 87  MSE A C   
349 O  O   . MSE A 64  ? 0.4500 0.3734 0.3307 0.0467  0.0045  -0.0004 87  MSE A O   
350 C  CB  . MSE A 64  ? 0.4821 0.4393 0.3725 0.0419  0.0002  -0.0229 87  MSE A CB  
351 C  CG  . MSE A 64  ? 0.4719 0.4287 0.3586 0.0366  0.0107  -0.0200 87  MSE A CG  
352 SE SE  . MSE A 64  ? 0.4346 0.4053 0.3413 0.0278  0.0122  -0.0306 87  MSE A SE  
353 C  CE  . MSE A 64  ? 0.5144 0.4932 0.4150 0.0315  0.0025  -0.0431 87  MSE A CE  
354 N  N   . THR A 65  ? 0.4449 0.3637 0.2921 0.0494  0.0143  0.0084  88  THR A N   
355 C  CA  . THR A 65  ? 0.4637 0.3697 0.3137 0.0436  0.0258  0.0208  88  THR A CA  
356 C  C   . THR A 65  ? 0.4165 0.3339 0.2914 0.0324  0.0339  0.0171  88  THR A C   
357 O  O   . THR A 65  ? 0.3907 0.3223 0.2730 0.0303  0.0330  0.0078  88  THR A O   
358 C  CB  . THR A 65  ? 0.5263 0.4199 0.3492 0.0464  0.0363  0.0336  88  THR A CB  
359 O  OG1 . THR A 65  ? 0.4865 0.3919 0.3058 0.0444  0.0448  0.0291  88  THR A OG1 
360 C  CG2 . THR A 65  ? 0.6328 0.5142 0.4249 0.0593  0.0265  0.0379  88  THR A CG2 
361 N  N   . ARG A 66  ? 0.3977 0.3074 0.2854 0.0253  0.0409  0.0246  89  ARG A N   
362 C  CA  . ARG A 66  ? 0.3935 0.3141 0.3050 0.0154  0.0473  0.0221  89  ARG A CA  
363 C  C   . ARG A 66  ? 0.3984 0.3296 0.3064 0.0150  0.0575  0.0228  89  ARG A C   
364 O  O   . ARG A 66  ? 0.3465 0.2915 0.2696 0.0118  0.0572  0.0156  89  ARG A O   
365 C  CB  . ARG A 66  ? 0.4293 0.3396 0.3559 0.0070  0.0532  0.0304  89  ARG A CB  
366 C  CG  . ARG A 66  ? 0.4567 0.3807 0.4119 -0.0026 0.0539  0.0247  89  ARG A CG  
367 C  CD  . ARG A 66  ? 0.5320 0.4477 0.5065 -0.0125 0.0588  0.0311  89  ARG A CD  
368 N  NE  . ARG A 66  ? 0.5670 0.4985 0.5691 -0.0210 0.0569  0.0245  89  ARG A NE  
369 C  CZ  . ARG A 66  ? 0.7497 0.6978 0.7662 -0.0241 0.0649  0.0257  89  ARG A CZ  
370 N  NH1 . ARG A 66  ? 0.7705 0.7211 0.7748 -0.0200 0.0776  0.0329  89  ARG A NH1 
371 N  NH2 . ARG A 66  ? 0.7291 0.6915 0.7713 -0.0303 0.0597  0.0194  89  ARG A NH2 
372 N  N   . ALA A 67  ? 0.4215 0.3449 0.3081 0.0189  0.0670  0.0317  90  ALA A N   
373 C  CA  . ALA A 67  ? 0.4346 0.3672 0.3153 0.0203  0.0787  0.0315  90  ALA A CA  
374 C  C   . ALA A 67  ? 0.3915 0.3331 0.2648 0.0260  0.0706  0.0185  90  ALA A C   
375 O  O   . ALA A 67  ? 0.3853 0.3386 0.2703 0.0248  0.0751  0.0128  90  ALA A O   
376 C  CB  . ALA A 67  ? 0.4652 0.3848 0.3173 0.0246  0.0909  0.0436  90  ALA A CB  
377 N  N   . GLU A 68  ? 0.3946 0.3316 0.2527 0.0320  0.0576  0.0134  91  GLU A N   
378 C  CA  . GLU A 68  ? 0.4146 0.3600 0.2702 0.0353  0.0488  0.0004  91  GLU A CA  
379 C  C   . GLU A 68  ? 0.4015 0.3579 0.2840 0.0289  0.0447  -0.0075 91  GLU A C   
380 O  O   . GLU A 68  ? 0.3470 0.3099 0.2337 0.0286  0.0456  -0.0148 91  GLU A O   
381 C  CB  . GLU A 68  ? 0.4803 0.4212 0.3199 0.0422  0.0349  -0.0036 91  GLU A CB  
382 C  CG  . GLU A 68  ? 0.5621 0.4930 0.3674 0.0509  0.0363  0.0007  91  GLU A CG  
383 C  CD  . GLU A 68  ? 0.5922 0.5157 0.3810 0.0590  0.0224  0.0021  91  GLU A CD  
384 O  OE1 . GLU A 68  ? 0.5566 0.4844 0.3631 0.0586  0.0116  -0.0020 91  GLU A OE1 
385 O  OE2 . GLU A 68  ? 0.5801 0.4929 0.3362 0.0669  0.0228  0.0075  91  GLU A OE2 
386 N  N   . PHE A 69  ? 0.3380 0.2944 0.2361 0.0245  0.0398  -0.0062 92  PHE A N   
387 C  CA  . PHE A 69  ? 0.3258 0.2905 0.2446 0.0186  0.0364  -0.0120 92  PHE A CA  
388 C  C   . PHE A 69  ? 0.2920 0.2627 0.2253 0.0144  0.0446  -0.0094 92  PHE A C   
389 O  O   . PHE A 69  ? 0.3012 0.2786 0.2437 0.0130  0.0429  -0.0145 92  PHE A O   
390 C  CB  . PHE A 69  ? 0.3171 0.2793 0.2468 0.0153  0.0305  -0.0119 92  PHE A CB  
391 C  CG  . PHE A 69  ? 0.2730 0.2428 0.2181 0.0099  0.0274  -0.0177 92  PHE A CG  
392 C  CD1 . PHE A 69  ? 0.2678 0.2435 0.2122 0.0102  0.0235  -0.0252 92  PHE A CD1 
393 C  CD2 . PHE A 69  ? 0.2926 0.2626 0.2517 0.0042  0.0280  -0.0153 92  PHE A CD2 
394 C  CE1 . PHE A 69  ? 0.2746 0.2545 0.2280 0.0057  0.0214  -0.0286 92  PHE A CE1 
395 C  CE2 . PHE A 69  ? 0.2838 0.2593 0.2517 0.0004  0.0237  -0.0203 92  PHE A CE2 
396 C  CZ  . PHE A 69  ? 0.2593 0.2389 0.2224 0.0016  0.0211  -0.0260 92  PHE A CZ  
397 N  N   . SER A 70  ? 0.3120 0.2805 0.2485 0.0126  0.0537  -0.0008 93  SER A N   
398 C  CA  . SER A 70  ? 0.3060 0.2840 0.2624 0.0087  0.0609  0.0012  93  SER A CA  
399 C  C   . SER A 70  ? 0.3022 0.2860 0.2541 0.0141  0.0661  -0.0035 93  SER A C   
400 O  O   . SER A 70  ? 0.2941 0.2869 0.2639 0.0132  0.0660  -0.0063 93  SER A O   
401 C  CB  . SER A 70  ? 0.4000 0.3756 0.3637 0.0046  0.0715  0.0114  93  SER A CB  
402 O  OG  . SER A 70  ? 0.4577 0.4453 0.4381 0.0034  0.0822  0.0130  93  SER A OG  
403 N  N   . ALA A 71  ? 0.3221 0.2997 0.2499 0.0204  0.0693  -0.0047 94  ALA A N   
404 C  CA  . ALA A 71  ? 0.3574 0.3374 0.2777 0.0262  0.0738  -0.0114 94  ALA A CA  
405 C  C   . ALA A 71  ? 0.3259 0.3063 0.2507 0.0261  0.0629  -0.0211 94  ALA A C   
406 O  O   . ALA A 71  ? 0.3212 0.3045 0.2549 0.0280  0.0649  -0.0254 94  ALA A O   
407 C  CB  . ALA A 71  ? 0.3873 0.3587 0.2763 0.0330  0.0785  -0.0116 94  ALA A CB  
408 N  N   . ILE A 72  ? 0.3126 0.2893 0.2315 0.0241  0.0520  -0.0242 95  ILE A N   
409 C  CA  . ILE A 72  ? 0.3256 0.3024 0.2495 0.0221  0.0435  -0.0319 95  ILE A CA  
410 C  C   . ILE A 72  ? 0.3085 0.2897 0.2524 0.0176  0.0423  -0.0297 95  ILE A C   
411 O  O   . ILE A 72  ? 0.2769 0.2567 0.2260 0.0179  0.0409  -0.0332 95  ILE A O   
412 C  CB  . ILE A 72  ? 0.3916 0.3671 0.3092 0.0207  0.0342  -0.0351 95  ILE A CB  
413 C  CG1 . ILE A 72  ? 0.4449 0.4166 0.3429 0.0262  0.0312  -0.0410 95  ILE A CG1 
414 C  CG2 . ILE A 72  ? 0.3753 0.3534 0.3051 0.0152  0.0281  -0.0394 95  ILE A CG2 
415 C  CD1 . ILE A 72  ? 0.5884 0.5607 0.4809 0.0275  0.0223  -0.0417 95  ILE A CD1 
416 N  N   . ALA A 73  ? 0.2723 0.2573 0.2268 0.0139  0.0422  -0.0236 96  ALA A N   
417 C  CA  . ALA A 73  ? 0.2750 0.2645 0.2463 0.0100  0.0385  -0.0220 96  ALA A CA  
418 C  C   . ALA A 73  ? 0.2529 0.2483 0.2377 0.0130  0.0436  -0.0203 96  ALA A C   
419 O  O   . ALA A 73  ? 0.2478 0.2438 0.2401 0.0136  0.0390  -0.0216 96  ALA A O   
420 C  CB  . ALA A 73  ? 0.2976 0.2888 0.2772 0.0053  0.0364  -0.0180 96  ALA A CB  
421 N  N   . SER A 74  ? 0.2714 0.2708 0.2587 0.0156  0.0536  -0.0174 97  SER A N   
422 C  CA  . SER A 74  ? 0.2913 0.2997 0.2960 0.0194  0.0602  -0.0164 97  SER A CA  
423 C  C   . SER A 74  ? 0.2526 0.2553 0.2509 0.0259  0.0596  -0.0226 97  SER A C   
424 O  O   . SER A 74  ? 0.2387 0.2450 0.2524 0.0289  0.0571  -0.0231 97  SER A O   
425 C  CB  . SER A 74  ? 0.3214 0.3346 0.3263 0.0212  0.0747  -0.0124 97  SER A CB  
426 O  OG  . SER A 74  ? 0.4159 0.4418 0.4440 0.0249  0.0818  -0.0122 97  SER A OG  
427 N  N   . ARG A 75  ? 0.2709 0.2636 0.2470 0.0283  0.0604  -0.0279 98  ARG A N   
428 C  CA  . ARG A 75  ? 0.2891 0.2731 0.2590 0.0335  0.0597  -0.0353 98  ARG A CA  
429 C  C   . ARG A 75  ? 0.2620 0.2399 0.2375 0.0301  0.0492  -0.0359 98  ARG A C   
430 O  O   . ARG A 75  ? 0.2814 0.2542 0.2643 0.0343  0.0482  -0.0373 98  ARG A O   
431 C  CB  . ARG A 75  ? 0.3130 0.2879 0.2585 0.0353  0.0603  -0.0425 98  ARG A CB  
432 C  CG  . ARG A 75  ? 0.3881 0.3512 0.3287 0.0384  0.0573  -0.0516 98  ARG A CG  
433 C  CD  . ARG A 75  ? 0.4120 0.3670 0.3298 0.0402  0.0561  -0.0611 98  ARG A CD  
434 N  NE  . ARG A 75  ? 0.3997 0.3417 0.3164 0.0415  0.0527  -0.0708 98  ARG A NE  
435 C  CZ  . ARG A 75  ? 0.4365 0.3692 0.3367 0.0424  0.0491  -0.0821 98  ARG A CZ  
436 N  NH1 . ARG A 75  ? 0.4308 0.3667 0.3121 0.0434  0.0471  -0.0846 98  ARG A NH1 
437 N  NH2 . ARG A 75  ? 0.4859 0.4048 0.3882 0.0424  0.0462  -0.0911 98  ARG A NH2 
438 N  N   . SER A 76  ? 0.2561 0.2332 0.2269 0.0230  0.0422  -0.0342 99  SER A N   
439 C  CA  . SER A 76  ? 0.2434 0.2143 0.2152 0.0187  0.0344  -0.0335 99  SER A CA  
440 C  C   . SER A 76  ? 0.2488 0.2236 0.2350 0.0202  0.0309  -0.0277 99  SER A C   
441 O  O   . SER A 76  ? 0.2575 0.2238 0.2438 0.0211  0.0267  -0.0264 99  SER A O   
442 C  CB  . SER A 76  ? 0.2456 0.2181 0.2106 0.0120  0.0302  -0.0335 99  SER A CB  
443 O  OG  . SER A 76  ? 0.2677 0.2388 0.2216 0.0120  0.0312  -0.0391 99  SER A OG  
444 N  N   . ILE A 77  ? 0.2466 0.2336 0.2454 0.0201  0.0316  -0.0239 100 ILE A N   
445 C  CA  . ILE A 77  ? 0.2614 0.2557 0.2774 0.0219  0.0261  -0.0195 100 ILE A CA  
446 C  C   . ILE A 77  ? 0.2606 0.2559 0.2890 0.0310  0.0291  -0.0200 100 ILE A C   
447 O  O   . ILE A 77  ? 0.2666 0.2587 0.3014 0.0346  0.0215  -0.0174 100 ILE A O   
448 C  CB  . ILE A 77  ? 0.2833 0.2913 0.3136 0.0180  0.0264  -0.0169 100 ILE A CB  
449 C  CG1 . ILE A 77  ? 0.2932 0.2974 0.3116 0.0104  0.0207  -0.0171 100 ILE A CG1 
450 C  CG2 . ILE A 77  ? 0.3089 0.3284 0.3622 0.0204  0.0193  -0.0141 100 ILE A CG2 
451 C  CD1 . ILE A 77  ? 0.3151 0.3275 0.3446 0.0056  0.0225  -0.0155 100 ILE A CD1 
452 N  N   . ARG A 78  ? 0.2488 0.2470 0.2791 0.0356  0.0402  -0.0235 101 ARG A N   
453 C  CA  . ARG A 78  ? 0.2676 0.2653 0.3086 0.0459  0.0448  -0.0262 101 ARG A CA  
454 C  C   . ARG A 78  ? 0.2825 0.2602 0.3117 0.0485  0.0388  -0.0284 101 ARG A C   
455 O  O   . ARG A 78  ? 0.2800 0.2537 0.3202 0.0554  0.0339  -0.0262 101 ARG A O   
456 C  CB  . ARG A 78  ? 0.2942 0.2951 0.3308 0.0501  0.0592  -0.0311 101 ARG A CB  
457 C  CG  . ARG A 78  ? 0.3319 0.3301 0.3757 0.0618  0.0663  -0.0367 101 ARG A CG  
458 C  CD  . ARG A 78  ? 0.4054 0.4164 0.4801 0.0691  0.0638  -0.0336 101 ARG A CD  
459 N  NE  . ARG A 78  ? 0.5139 0.5483 0.6124 0.0651  0.0658  -0.0281 101 ARG A NE  
460 C  CZ  . ARG A 78  ? 0.6737 0.7222 0.8008 0.0674  0.0569  -0.0241 101 ARG A CZ  
461 N  NH1 . ARG A 78  ? 0.7412 0.7815 0.8735 0.0750  0.0454  -0.0236 101 ARG A NH1 
462 N  NH2 . ARG A 78  ? 0.7226 0.7928 0.8733 0.0617  0.0585  -0.0206 101 ARG A NH2 
463 N  N   . GLU A 79  ? 0.2825 0.2472 0.2906 0.0429  0.0389  -0.0322 102 GLU A N   
464 C  CA  . GLU A 79  ? 0.3273 0.2715 0.3248 0.0423  0.0347  -0.0342 102 GLU A CA  
465 C  C   . GLU A 79  ? 0.3042 0.2421 0.3022 0.0393  0.0250  -0.0259 102 GLU A C   
466 O  O   . GLU A 79  ? 0.3084 0.2303 0.3061 0.0437  0.0215  -0.0236 102 GLU A O   
467 C  CB  . GLU A 79  ? 0.3337 0.2708 0.3137 0.0347  0.0359  -0.0402 102 GLU A CB  
468 C  CG  . GLU A 79  ? 0.3939 0.3293 0.3663 0.0395  0.0431  -0.0498 102 GLU A CG  
469 C  CD  . GLU A 79  ? 0.4670 0.3992 0.4238 0.0323  0.0413  -0.0560 102 GLU A CD  
470 O  OE1 . GLU A 79  ? 0.4922 0.4307 0.4473 0.0248  0.0371  -0.0520 102 GLU A OE1 
471 O  OE2 . GLU A 79  ? 0.5071 0.4315 0.4536 0.0351  0.0434  -0.0659 102 GLU A OE2 
472 N  N   . LEU A 80  ? 0.3034 0.2514 0.3000 0.0327  0.0206  -0.0214 103 LEU A N   
473 C  CA  . LEU A 80  ? 0.3056 0.2481 0.2979 0.0305  0.0113  -0.0139 103 LEU A CA  
474 C  C   . LEU A 80  ? 0.2960 0.2401 0.3025 0.0403  0.0046  -0.0088 103 LEU A C   
475 O  O   . LEU A 80  ? 0.3421 0.2704 0.3416 0.0435  -0.0017 -0.0030 103 LEU A O   
476 C  CB  . LEU A 80  ? 0.2982 0.2531 0.2872 0.0233  0.0079  -0.0124 103 LEU A CB  
477 C  CG  . LEU A 80  ? 0.3188 0.2682 0.2976 0.0208  -0.0014 -0.0060 103 LEU A CG  
478 C  CD1 . LEU A 80  ? 0.3400 0.2741 0.2985 0.0140  0.0017  -0.0050 103 LEU A CD1 
479 C  CD2 . LEU A 80  ? 0.3149 0.2795 0.2982 0.0172  -0.0065 -0.0066 103 LEU A CD2 
480 N  N   . LYS A 81  ? 0.2967 0.2601 0.3241 0.0452  0.0059  -0.0104 104 LYS A N   
481 C  CA  . LYS A 81  ? 0.3463 0.3182 0.3952 0.0551  -0.0012 -0.0070 104 LYS A CA  
482 C  C   . LYS A 81  ? 0.3831 0.3396 0.4353 0.0664  0.0000  -0.0073 104 LYS A C   
483 O  O   . LYS A 81  ? 0.4037 0.3534 0.4603 0.0742  -0.0105 -0.0013 104 LYS A O   
484 C  CB  . LYS A 81  ? 0.3692 0.3666 0.4442 0.0567  0.0045  -0.0102 104 LYS A CB  
485 C  CG  . LYS A 81  ? 0.3865 0.3990 0.4661 0.0473  -0.0007 -0.0087 104 LYS A CG  
486 C  CD  . LYS A 81  ? 0.4726 0.5078 0.5785 0.0466  0.0082  -0.0111 104 LYS A CD  
487 C  CE  . LYS A 81  ? 0.6387 0.6909 0.7630 0.0407  -0.0019 -0.0094 104 LYS A CE  
488 N  NZ  . LYS A 81  ? 0.6559 0.7219 0.7935 0.0327  0.0087  -0.0108 104 LYS A NZ  
489 N  N   . GLU A 82  ? 0.3979 0.3475 0.4466 0.0680  0.0118  -0.0147 105 GLU A N   
490 C  CA  . GLU A 82  ? 0.4258 0.3589 0.4778 0.0790  0.0148  -0.0180 105 GLU A CA  
491 C  C   . GLU A 82  ? 0.4426 0.3464 0.4747 0.0761  0.0087  -0.0133 105 GLU A C   
492 O  O   . GLU A 82  ? 0.4491 0.3371 0.4853 0.0857  0.0035  -0.0096 105 GLU A O   
493 C  CB  . GLU A 82  ? 0.5034 0.4347 0.5509 0.0799  0.0286  -0.0293 105 GLU A CB  
494 C  CG  . GLU A 82  ? 0.6153 0.5722 0.6780 0.0828  0.0392  -0.0336 105 GLU A CG  
495 C  CD  . GLU A 82  ? 0.8083 0.7779 0.8993 0.0972  0.0433  -0.0355 105 GLU A CD  
496 O  OE1 . GLU A 82  ? 0.8948 0.8503 0.9925 0.1080  0.0385  -0.0356 105 GLU A OE1 
497 O  OE2 . GLU A 82  ? 0.9506 0.9447 1.0586 0.0978  0.0522  -0.0366 105 GLU A OE2 
498 N  N   . ARG A 83  ? 0.4133 0.3098 0.4250 0.0628  0.0097  -0.0128 106 ARG A N   
499 C  CA  . ARG A 83  ? 0.4592 0.3289 0.4527 0.0569  0.0072  -0.0082 106 ARG A CA  
500 C  C   . ARG A 83  ? 0.4878 0.3490 0.4740 0.0586  -0.0038 0.0051  106 ARG A C   
501 O  O   . ARG A 83  ? 0.4537 0.2889 0.4315 0.0618  -0.0069 0.0116  106 ARG A O   
502 C  CB  . ARG A 83  ? 0.5152 0.3854 0.4939 0.0424  0.0124  -0.0122 106 ARG A CB  
503 C  CG  . ARG A 83  ? 0.6252 0.4703 0.5890 0.0338  0.0133  -0.0090 106 ARG A CG  
504 C  CD  . ARG A 83  ? 0.7385 0.5810 0.7002 0.0258  0.0203  -0.0208 106 ARG A CD  
505 N  NE  . ARG A 83  ? 0.7211 0.5498 0.6728 0.0127  0.0224  -0.0186 106 ARG A NE  
506 C  CZ  . ARG A 83  ? 0.7086 0.5411 0.6602 0.0028  0.0264  -0.0280 106 ARG A CZ  
507 N  NH1 . ARG A 83  ? 0.7140 0.5612 0.6699 0.0054  0.0276  -0.0397 106 ARG A NH1 
508 N  NH2 . ARG A 83  ? 0.7552 0.5773 0.7026 -0.0095 0.0293  -0.0253 106 ARG A NH2 
509 N  N   . PHE A 84  ? 0.4341 0.3150 0.4218 0.0566  -0.0102 0.0090  107 PHE A N   
510 C  CA  . PHE A 84  ? 0.4757 0.3486 0.4504 0.0577  -0.0219 0.0206  107 PHE A CA  
511 C  C   . PHE A 84  ? 0.4792 0.3648 0.4731 0.0714  -0.0342 0.0242  107 PHE A C   
512 O  O   . PHE A 84  ? 0.4906 0.3699 0.4744 0.0754  -0.0470 0.0336  107 PHE A O   
513 C  CB  . PHE A 84  ? 0.4445 0.3250 0.4013 0.0451  -0.0218 0.0218  107 PHE A CB  
514 C  CG  . PHE A 84  ? 0.4487 0.3175 0.3905 0.0329  -0.0106 0.0189  107 PHE A CG  
515 C  CD1 . PHE A 84  ? 0.5049 0.3485 0.4262 0.0278  -0.0085 0.0269  107 PHE A CD1 
516 C  CD2 . PHE A 84  ? 0.4422 0.3252 0.3913 0.0266  -0.0021 0.0086  107 PHE A CD2 
517 C  CE1 . PHE A 84  ? 0.4919 0.3284 0.4058 0.0156  0.0024  0.0232  107 PHE A CE1 
518 C  CE2 . PHE A 84  ? 0.4757 0.3513 0.4155 0.0160  0.0063  0.0047  107 PHE A CE2 
519 C  CZ  . PHE A 84  ? 0.4819 0.3359 0.4066 0.0100  0.0087  0.0114  107 PHE A CZ  
520 N  N   . GLY A 85  ? 0.4802 0.3842 0.5022 0.0789  -0.0301 0.0165  108 GLY A N   
521 C  CA  . GLY A 85  ? 0.4574 0.3772 0.5060 0.0924  -0.0401 0.0181  108 GLY A CA  
522 C  C   . GLY A 85  ? 0.4416 0.3876 0.5012 0.0894  -0.0506 0.0189  108 GLY A C   
523 O  O   . GLY A 85  ? 0.4711 0.4264 0.5460 0.0992  -0.0652 0.0229  108 GLY A O   
524 N  N   . PHE A 86  ? 0.4349 0.3928 0.4886 0.0763  -0.0445 0.0143  109 PHE A N   
525 C  CA  . PHE A 86  ? 0.4410 0.4216 0.5058 0.0720  -0.0540 0.0135  109 PHE A CA  
526 C  C   . PHE A 86  ? 0.4755 0.4846 0.5820 0.0784  -0.0536 0.0086  109 PHE A C   
527 O  O   . PHE A 86  ? 0.4951 0.5146 0.6175 0.0776  -0.0383 0.0027  109 PHE A O   
528 C  CB  . PHE A 86  ? 0.3837 0.3671 0.4324 0.0573  -0.0476 0.0096  109 PHE A CB  
529 C  CG  . PHE A 86  ? 0.3870 0.3473 0.3986 0.0507  -0.0476 0.0139  109 PHE A CG  
530 C  CD1 . PHE A 86  ? 0.3899 0.3357 0.3812 0.0544  -0.0606 0.0222  109 PHE A CD1 
531 C  CD2 . PHE A 86  ? 0.3906 0.3443 0.3874 0.0409  -0.0346 0.0100  109 PHE A CD2 
532 C  CE1 . PHE A 86  ? 0.4035 0.3284 0.3605 0.0476  -0.0575 0.0268  109 PHE A CE1 
533 C  CE2 . PHE A 86  ? 0.4112 0.3469 0.3788 0.0343  -0.0328 0.0134  109 PHE A CE2 
534 C  CZ  . PHE A 86  ? 0.4077 0.3290 0.3551 0.0371  -0.0429 0.0221  109 PHE A CZ  
535 N  N   . ASP A 87  ? 0.5236 0.5450 0.6464 0.0852  -0.0713 0.0115  110 ASP A N   
536 C  CA  . ASP A 87  ? 0.6029 0.6559 0.7707 0.0906  -0.0754 0.0075  110 ASP A CA  
537 C  C   . ASP A 87  ? 0.5849 0.6603 0.7708 0.0777  -0.0640 0.0008  110 ASP A C   
538 O  O   . ASP A 87  ? 0.4949 0.5621 0.6573 0.0653  -0.0607 -0.0002 110 ASP A O   
539 C  CB  . ASP A 87  ? 0.6511 0.7092 0.8216 0.0963  -0.1012 0.0117  110 ASP A CB  
540 C  CG  . ASP A 87  ? 0.7048 0.7985 0.9240 0.0996  -0.1100 0.0068  110 ASP A CG  
541 O  OD1 . ASP A 87  ? 0.7472 0.8540 0.9998 0.1132  -0.1094 0.0063  110 ASP A OD1 
542 O  OD2 . ASP A 87  ? 0.7454 0.8538 0.9708 0.0888  -0.1180 0.0029  110 ASP A OD2 
543 N  N   . LYS A 88  ? 0.5398 0.6425 0.7684 0.0810  -0.0570 -0.0034 111 LYS A N   
544 C  CA  . LYS A 88  ? 0.5498 0.6724 0.7976 0.0685  -0.0451 -0.0077 111 LYS A CA  
545 C  C   . LYS A 88  ? 0.4793 0.6104 0.7294 0.0564  -0.0594 -0.0092 111 LYS A C   
546 O  O   . LYS A 88  ? 0.4961 0.6307 0.7465 0.0439  -0.0494 -0.0115 111 LYS A O   
547 C  CB  . LYS A 88  ? 0.5769 0.7298 0.8744 0.0744  -0.0348 -0.0110 111 LYS A CB  
548 C  CG  . LYS A 88  ? 0.5987 0.7764 0.9372 0.0830  -0.0540 -0.0117 111 LYS A CG  
549 C  CD  . LYS A 88  ? 0.6440 0.8583 1.0380 0.0835  -0.0414 -0.0161 111 LYS A CD  
550 C  CE  . LYS A 88  ? 0.6828 0.9219 1.1213 0.0985  -0.0569 -0.0175 111 LYS A CE  
551 N  NZ  . LYS A 88  ? 0.7379 0.9885 1.1887 0.0952  -0.0862 -0.0178 111 LYS A NZ  
552 N  N   . ASP A 89  ? 0.4280 0.5618 0.6799 0.0608  -0.0830 -0.0082 112 ASP A N   
553 C  CA  . ASP A 89  ? 0.4342 0.5743 0.6858 0.0504  -0.0995 -0.0117 112 ASP A CA  
554 C  C   . ASP A 89  ? 0.3888 0.5010 0.5886 0.0429  -0.1032 -0.0107 112 ASP A C   
555 O  O   . ASP A 89  ? 0.4236 0.5370 0.6166 0.0357  -0.1173 -0.0147 112 ASP A O   
556 C  CB  . ASP A 89  ? 0.4901 0.6475 0.7662 0.0590  -0.1253 -0.0125 112 ASP A CB  
557 C  CG  . ASP A 89  ? 0.5284 0.7203 0.8647 0.0650  -0.1223 -0.0154 112 ASP A CG  
558 O  OD1 . ASP A 89  ? 0.5746 0.7837 0.9396 0.0550  -0.1049 -0.0190 112 ASP A OD1 
559 O  OD2 . ASP A 89  ? 0.4701 0.6713 0.8250 0.0797  -0.1365 -0.0136 112 ASP A OD2 
560 N  N   . VAL A 90  ? 0.3757 0.4636 0.5408 0.0451  -0.0910 -0.0063 113 VAL A N   
561 C  CA  . VAL A 90  ? 0.3887 0.4535 0.5100 0.0376  -0.0897 -0.0059 113 VAL A CA  
562 C  C   . VAL A 90  ? 0.3620 0.4282 0.4846 0.0262  -0.0723 -0.0101 113 VAL A C   
563 O  O   . VAL A 90  ? 0.3423 0.4046 0.4646 0.0272  -0.0549 -0.0088 113 VAL A O   
564 C  CB  . VAL A 90  ? 0.4220 0.4607 0.5085 0.0435  -0.0844 0.0007  113 VAL A CB  
565 C  CG1 . VAL A 90  ? 0.4321 0.4517 0.4790 0.0347  -0.0808 0.0003  113 VAL A CG1 
566 C  CG2 . VAL A 90  ? 0.4798 0.5120 0.5617 0.0560  -0.1008 0.0072  113 VAL A CG2 
567 N  N   . PRO A 91  ? 0.3724 0.4417 0.4941 0.0162  -0.0778 -0.0152 114 PRO A N   
568 C  CA  . PRO A 91  ? 0.3646 0.4317 0.4856 0.0066  -0.0625 -0.0179 114 PRO A CA  
569 C  C   . PRO A 91  ? 0.3316 0.3772 0.4157 0.0061  -0.0518 -0.0163 114 PRO A C   
570 O  O   . PRO A 91  ? 0.3454 0.3773 0.4003 0.0067  -0.0589 -0.0160 114 PRO A O   
571 C  CB  . PRO A 91  ? 0.3861 0.4565 0.5111 -0.0027 -0.0742 -0.0244 114 PRO A CB  
572 C  CG  . PRO A 91  ? 0.4359 0.5169 0.5724 0.0018  -0.0959 -0.0263 114 PRO A CG  
573 C  CD  . PRO A 91  ? 0.4252 0.4974 0.5435 0.0138  -0.0988 -0.0194 114 PRO A CD  
574 N  N   . ILE A 92  ? 0.2831 0.3271 0.3685 0.0046  -0.0348 -0.0154 115 ILE A N   
575 C  CA  . ILE A 92  ? 0.3054 0.3331 0.3622 0.0039  -0.0254 -0.0150 115 ILE A CA  
576 C  C   . ILE A 92  ? 0.3196 0.3473 0.3783 -0.0023 -0.0147 -0.0168 115 ILE A C   
577 O  O   . ILE A 92  ? 0.3044 0.3422 0.3840 -0.0033 -0.0068 -0.0155 115 ILE A O   
578 C  CB  . ILE A 92  ? 0.3233 0.3452 0.3750 0.0112  -0.0171 -0.0120 115 ILE A CB  
579 C  CG1 . ILE A 92  ? 0.4104 0.4298 0.4621 0.0186  -0.0284 -0.0086 115 ILE A CG1 
580 C  CG2 . ILE A 92  ? 0.3334 0.3401 0.3583 0.0087  -0.0100 -0.0131 115 ILE A CG2 
581 C  CD1 . ILE A 92  ? 0.4870 0.4970 0.5352 0.0265  -0.0223 -0.0060 115 ILE A CD1 
582 N  N   . GLY A 93  ? 0.3000 0.3163 0.3368 -0.0060 -0.0142 -0.0194 116 GLY A N   
583 C  CA  . GLY A 93  ? 0.3331 0.3457 0.3679 -0.0103 -0.0062 -0.0208 116 GLY A CA  
584 C  C   . GLY A 93  ? 0.2801 0.2822 0.2920 -0.0084 -0.0004 -0.0219 116 GLY A C   
585 O  O   . GLY A 93  ? 0.2877 0.2859 0.2882 -0.0052 -0.0003 -0.0213 116 GLY A O   
586 N  N   . ALA A 94  ? 0.2406 0.2380 0.2476 -0.0106 0.0042  -0.0233 117 ALA A N   
587 C  CA  . ALA A 94  ? 0.2398 0.2310 0.2306 -0.0086 0.0086  -0.0252 117 ALA A CA  
588 C  C   . ALA A 94  ? 0.2505 0.2360 0.2372 -0.0104 0.0080  -0.0282 117 ALA A C   
589 O  O   . ALA A 94  ? 0.2587 0.2424 0.2551 -0.0133 0.0076  -0.0269 117 ALA A O   
590 C  CB  . ALA A 94  ? 0.2428 0.2344 0.2324 -0.0047 0.0166  -0.0226 117 ALA A CB  
591 N  N   . VAL A 95  ? 0.2590 0.2413 0.2332 -0.0089 0.0084  -0.0323 118 VAL A N   
592 C  CA  . VAL A 95  ? 0.2501 0.2274 0.2208 -0.0083 0.0075  -0.0365 118 VAL A CA  
593 C  C   . VAL A 95  ? 0.2341 0.2122 0.1986 -0.0040 0.0110  -0.0379 118 VAL A C   
594 O  O   . VAL A 95  ? 0.2341 0.2165 0.1948 -0.0038 0.0125  -0.0394 118 VAL A O   
595 C  CB  . VAL A 95  ? 0.2592 0.2348 0.2228 -0.0101 0.0033  -0.0432 118 VAL A CB  
596 C  CG1 . VAL A 95  ? 0.2868 0.2570 0.2485 -0.0080 0.0033  -0.0491 118 VAL A CG1 
597 C  CG2 . VAL A 95  ? 0.2758 0.2510 0.2429 -0.0139 -0.0035 -0.0434 118 VAL A CG2 
598 N  N   . LEU A 96  ? 0.2413 0.2146 0.2059 -0.0008 0.0111  -0.0374 119 LEU A N   
599 C  CA  . LEU A 96  ? 0.2642 0.2394 0.2246 0.0045  0.0110  -0.0402 119 LEU A CA  
600 C  C   . LEU A 96  ? 0.2516 0.2241 0.2139 0.0075  0.0085  -0.0461 119 LEU A C   
601 O  O   . LEU A 96  ? 0.2853 0.2476 0.2493 0.0087  0.0068  -0.0445 119 LEU A O   
602 C  CB  . LEU A 96  ? 0.2893 0.2602 0.2452 0.0090  0.0120  -0.0342 119 LEU A CB  
603 C  CG  . LEU A 96  ? 0.2773 0.2517 0.2287 0.0156  0.0084  -0.0380 119 LEU A CG  
604 C  CD1 . LEU A 96  ? 0.2934 0.2787 0.2462 0.0137  0.0085  -0.0439 119 LEU A CD1 
605 C  CD2 . LEU A 96  ? 0.3132 0.2804 0.2541 0.0212  0.0080  -0.0313 119 LEU A CD2 
606 N  N   . ASP A 97  ? 0.2640 0.2451 0.2273 0.0082  0.0092  -0.0532 120 ASP A N   
607 C  CA  . ASP A 97  ? 0.2670 0.2486 0.2338 0.0125  0.0085  -0.0609 120 ASP A CA  
608 C  C   . ASP A 97  ? 0.2979 0.2872 0.2705 0.0195  0.0064  -0.0631 120 ASP A C   
609 O  O   . ASP A 97  ? 0.3248 0.3220 0.2977 0.0185  0.0061  -0.0619 120 ASP A O   
610 C  CB  . ASP A 97  ? 0.2842 0.2731 0.2494 0.0087  0.0129  -0.0676 120 ASP A CB  
611 C  CG  . ASP A 97  ? 0.3372 0.3179 0.2946 0.0044  0.0122  -0.0684 120 ASP A CG  
612 O  OD1 . ASP A 97  ? 0.3210 0.2913 0.2792 0.0040  0.0079  -0.0658 120 ASP A OD1 
613 O  OD2 . ASP A 97  ? 0.4082 0.3928 0.3581 0.0008  0.0158  -0.0715 120 ASP A OD2 
614 N  N   . TYR A 98  ? 0.2753 0.2621 0.2533 0.0271  0.0037  -0.0672 121 TYR A N   
615 C  CA  . TYR A 98  ? 0.2729 0.2700 0.2601 0.0353  -0.0002 -0.0716 121 TYR A CA  
616 C  C   . TYR A 98  ? 0.3046 0.3142 0.3036 0.0365  0.0045  -0.0827 121 TYR A C   
617 O  O   . TYR A 98  ? 0.2937 0.2954 0.2928 0.0399  0.0061  -0.0874 121 TYR A O   
618 C  CB  . TYR A 98  ? 0.2990 0.2827 0.2840 0.0450  -0.0070 -0.0670 121 TYR A CB  
619 C  CG  . TYR A 98  ? 0.3213 0.3150 0.3190 0.0568  -0.0132 -0.0733 121 TYR A CG  
620 C  CD1 . TYR A 98  ? 0.3228 0.3353 0.3286 0.0584  -0.0172 -0.0770 121 TYR A CD1 
621 C  CD2 . TYR A 98  ? 0.3800 0.3638 0.3832 0.0664  -0.0161 -0.0761 121 TYR A CD2 
622 C  CE1 . TYR A 98  ? 0.3636 0.3884 0.3850 0.0696  -0.0247 -0.0833 121 TYR A CE1 
623 C  CE2 . TYR A 98  ? 0.4332 0.4275 0.4510 0.0789  -0.0226 -0.0821 121 TYR A CE2 
624 C  CZ  . TYR A 98  ? 0.4064 0.4228 0.4342 0.0805  -0.0273 -0.0855 121 TYR A CZ  
625 O  OH  . TYR A 98  ? 0.4137 0.4439 0.4599 0.0933  -0.0356 -0.0921 121 TYR A OH  
626 N  N   . LYS A 99  ? 0.2798 0.3082 0.2886 0.0332  0.0079  -0.0875 122 LYS A N   
627 C  CA  . LYS A 99  ? 0.2890 0.3331 0.3123 0.0346  0.0147  -0.0978 122 LYS A CA  
628 C  C   . LYS A 99  ? 0.3560 0.4208 0.4003 0.0387  0.0106  -0.1029 122 LYS A C   
629 O  O   . LYS A 99  ? 0.3258 0.4007 0.3744 0.0308  0.0120  -0.1025 122 LYS A O   
630 C  CB  . LYS A 99  ? 0.3051 0.3529 0.3218 0.0237  0.0258  -0.0990 122 LYS A CB  
631 C  CG  . LYS A 99  ? 0.3332 0.3953 0.3609 0.0251  0.0363  -0.1092 122 LYS A CG  
632 C  CD  . LYS A 99  ? 0.4050 0.4665 0.4191 0.0147  0.0480  -0.1081 122 LYS A CD  
633 C  CE  . LYS A 99  ? 0.4808 0.5472 0.4935 0.0178  0.0591  -0.1176 122 LYS A CE  
634 N  NZ  . LYS A 99  ? 0.4881 0.5778 0.5289 0.0232  0.0649  -0.1270 122 LYS A NZ  
635 N  N   . LYS A 100 ? 0.3506 0.4212 0.4093 0.0511  0.0044  -0.1081 123 LYS A N   
636 C  CA  . LYS A 100 ? 0.3868 0.4780 0.4670 0.0567  -0.0037 -0.1130 123 LYS A CA  
637 C  C   . LYS A 100 ? 0.3669 0.4846 0.4696 0.0478  0.0051  -0.1213 123 LYS A C   
638 O  O   . LYS A 100 ? 0.3364 0.4660 0.4489 0.0434  -0.0005 -0.1224 123 LYS A O   
639 C  CB  . LYS A 100 ? 0.4102 0.5034 0.5037 0.0732  -0.0124 -0.1173 123 LYS A CB  
640 C  CG  . LYS A 100 ? 0.5208 0.6325 0.6325 0.0807  -0.0262 -0.1205 123 LYS A CG  
641 C  CD  . LYS A 100 ? 0.6326 0.7441 0.7560 0.0995  -0.0373 -0.1231 123 LYS A CD  
642 C  CE  . LYS A 100 ? 0.8005 0.9378 0.9584 0.1050  -0.0302 -0.1369 123 LYS A CE  
643 N  NZ  . LYS A 100 ? 0.8874 1.0193 1.0555 0.1249  -0.0390 -0.1396 123 LYS A NZ  
644 N  N   . ASP A 101 ? 0.3170 0.4414 0.4256 0.0445  0.0195  -0.1269 124 ASP A N   
645 C  CA  . ASP A 101 ? 0.2786 0.4275 0.4093 0.0358  0.0316  -0.1340 124 ASP A CA  
646 C  C   . ASP A 101 ? 0.2846 0.4313 0.4073 0.0333  0.0488  -0.1374 124 ASP A C   
647 O  O   . ASP A 101 ? 0.2672 0.3931 0.3680 0.0385  0.0484  -0.1355 124 ASP A O   
648 C  CB  . ASP A 101 ? 0.3070 0.4848 0.4756 0.0442  0.0252  -0.1442 124 ASP A CB  
649 C  CG  . ASP A 101 ? 0.3031 0.4818 0.4813 0.0622  0.0206  -0.1501 124 ASP A CG  
650 O  OD1 . ASP A 101 ? 0.3059 0.4761 0.4749 0.0649  0.0321  -0.1529 124 ASP A OD1 
651 O  OD2 . ASP A 101 ? 0.3001 0.4874 0.4947 0.0743  0.0049  -0.1526 124 ASP A OD2 
652 N  N   . ALA A 102 ? 0.2787 0.4461 0.4184 0.0251  0.0641  -0.1429 125 ALA A N   
653 C  CA  . ALA A 102 ? 0.3139 0.4792 0.4409 0.0220  0.0826  -0.1458 125 ALA A CA  
654 C  C   . ALA A 102 ? 0.3047 0.4751 0.4404 0.0368  0.0864  -0.1569 125 ALA A C   
655 O  O   . ALA A 102 ? 0.3635 0.5267 0.4811 0.0366  0.0996  -0.1603 125 ALA A O   
656 C  CB  . ALA A 102 ? 0.3493 0.5346 0.4915 0.0084  0.1005  -0.1471 125 ALA A CB  
657 N  N   . ALA A 103 ? 0.2816 0.4626 0.4426 0.0503  0.0739  -0.1627 126 ALA A N   
658 C  CA  . ALA A 103 ? 0.2747 0.4563 0.4453 0.0672  0.0737  -0.1726 126 ALA A CA  
659 C  C   . ALA A 103 ? 0.2969 0.4448 0.4406 0.0760  0.0607  -0.1679 126 ALA A C   
660 O  O   . ALA A 103 ? 0.2912 0.4336 0.4406 0.0903  0.0592  -0.1759 126 ALA A O   
661 C  CB  . ALA A 103 ? 0.2633 0.4734 0.4771 0.0791  0.0653  -0.1808 126 ALA A CB  
662 N  N   . THR A 104 ? 0.3095 0.4345 0.4260 0.0674  0.0523  -0.1556 127 THR A N   
663 C  CA  . THR A 104 ? 0.3181 0.4141 0.4158 0.0741  0.0392  -0.1495 127 THR A CA  
664 C  C   . THR A 104 ? 0.3471 0.4196 0.4115 0.0628  0.0421  -0.1425 127 THR A C   
665 O  O   . THR A 104 ? 0.3387 0.4134 0.3926 0.0502  0.0457  -0.1356 127 THR A O   
666 C  CB  . THR A 104 ? 0.3265 0.4215 0.4306 0.0780  0.0223  -0.1408 127 THR A CB  
667 O  OG1 . THR A 104 ? 0.3648 0.4859 0.5018 0.0877  0.0179  -0.1483 127 THR A OG1 
668 C  CG2 . THR A 104 ? 0.3669 0.4324 0.4545 0.0859  0.0103  -0.1335 127 THR A CG2 
669 N  N   . ASP A 105 ? 0.3577 0.4075 0.4072 0.0678  0.0399  -0.1450 128 ASP A N   
670 C  CA  . ASP A 105 ? 0.3511 0.3802 0.3726 0.0580  0.0402  -0.1400 128 ASP A CA  
671 C  C   . ASP A 105 ? 0.3210 0.3378 0.3338 0.0517  0.0293  -0.1258 128 ASP A C   
672 O  O   . ASP A 105 ? 0.3368 0.3498 0.3583 0.0578  0.0200  -0.1204 128 ASP A O   
673 C  CB  . ASP A 105 ? 0.4142 0.4217 0.4252 0.0646  0.0384  -0.1482 128 ASP A CB  
674 C  CG  . ASP A 105 ? 0.4819 0.4975 0.4903 0.0685  0.0520  -0.1633 128 ASP A CG  
675 O  OD1 . ASP A 105 ? 0.4624 0.4984 0.4714 0.0627  0.0646  -0.1650 128 ASP A OD1 
676 O  OD2 . ASP A 105 ? 0.5152 0.5148 0.5195 0.0766  0.0506  -0.1731 128 ASP A OD2 
677 N  N   . THR A 106 ? 0.3438 0.3545 0.3388 0.0403  0.0312  -0.1198 129 THR A N   
678 C  CA  . THR A 106 ? 0.3480 0.3473 0.3347 0.0340  0.0232  -0.1075 129 THR A CA  
679 C  C   . THR A 106 ? 0.3350 0.3124 0.3184 0.0378  0.0149  -0.1049 129 THR A C   
680 O  O   . THR A 106 ? 0.3110 0.2761 0.2895 0.0401  0.0149  -0.1126 129 THR A O   
681 C  CB  . THR A 106 ? 0.4385 0.4348 0.4079 0.0230  0.0264  -0.1036 129 THR A CB  
682 O  OG1 . THR A 106 ? 0.4236 0.4360 0.3940 0.0182  0.0351  -0.1040 129 THR A OG1 
683 C  CG2 . THR A 106 ? 0.4922 0.4791 0.4570 0.0177  0.0192  -0.0920 129 THR A CG2 
684 N  N   . ARG A 107 ? 0.3019 0.2733 0.2869 0.0379  0.0084  -0.0942 130 ARG A N   
685 C  CA  . ARG A 107 ? 0.3402 0.2901 0.3213 0.0375  0.0027  -0.0877 130 ARG A CA  
686 C  C   . ARG A 107 ? 0.3452 0.2951 0.3204 0.0286  0.0021  -0.0764 130 ARG A C   
687 O  O   . ARG A 107 ? 0.3443 0.3047 0.3201 0.0287  0.0024  -0.0709 130 ARG A O   
688 C  CB  . ARG A 107 ? 0.3766 0.3175 0.3644 0.0484  -0.0028 -0.0841 130 ARG A CB  
689 C  CG  . ARG A 107 ? 0.5103 0.4516 0.5082 0.0603  -0.0031 -0.0954 130 ARG A CG  
690 C  CD  . ARG A 107 ? 0.7282 0.6441 0.7238 0.0627  -0.0052 -0.0997 130 ARG A CD  
691 N  NE  . ARG A 107 ? 0.9317 0.8481 0.9371 0.0752  -0.0043 -0.1128 130 ARG A NE  
692 C  CZ  . ARG A 107 ? 1.0254 0.9532 1.0314 0.0756  0.0032  -0.1269 130 ARG A CZ  
693 N  NH1 . ARG A 107 ? 1.0546 0.9924 1.0493 0.0641  0.0091  -0.1287 130 ARG A NH1 
694 N  NH2 . ARG A 107 ? 1.1287 1.0571 1.1454 0.0885  0.0051  -0.1391 130 ARG A NH2 
695 N  N   . THR A 108 ? 0.3283 0.2669 0.2994 0.0214  0.0008  -0.0740 131 THR A N   
696 C  CA  . THR A 108 ? 0.3108 0.2514 0.2800 0.0137  0.0010  -0.0643 131 THR A CA  
697 C  C   . THR A 108 ? 0.3359 0.2647 0.3076 0.0152  -0.0001 -0.0538 131 THR A C   
698 O  O   . THR A 108 ? 0.3336 0.2454 0.3081 0.0166  -0.0022 -0.0531 131 THR A O   
699 C  CB  . THR A 108 ? 0.3100 0.2478 0.2774 0.0053  -0.0009 -0.0667 131 THR A CB  
700 O  OG1 . THR A 108 ? 0.2799 0.2268 0.2391 0.0046  0.0009  -0.0749 131 THR A OG1 
701 C  CG2 . THR A 108 ? 0.2916 0.2335 0.2620 -0.0012 -0.0007 -0.0571 131 THR A CG2 
702 N  N   . ARG A 109 ? 0.3143 0.2503 0.2828 0.0151  0.0021  -0.0457 132 ARG A N   
703 C  CA  . ARG A 109 ? 0.3558 0.2816 0.3208 0.0172  0.0031  -0.0345 132 ARG A CA  
704 C  C   . ARG A 109 ? 0.3442 0.2669 0.3134 0.0080  0.0072  -0.0271 132 ARG A C   
705 O  O   . ARG A 109 ? 0.3545 0.2624 0.3274 0.0052  0.0085  -0.0211 132 ARG A O   
706 C  CB  . ARG A 109 ? 0.3319 0.2674 0.2889 0.0229  0.0031  -0.0316 132 ARG A CB  
707 C  CG  . ARG A 109 ? 0.3739 0.3163 0.3323 0.0320  -0.0021 -0.0392 132 ARG A CG  
708 C  CD  . ARG A 109 ? 0.3860 0.3341 0.3362 0.0384  -0.0053 -0.0358 132 ARG A CD  
709 N  NE  . ARG A 109 ? 0.3849 0.3150 0.3234 0.0429  -0.0060 -0.0243 132 ARG A NE  
710 C  CZ  . ARG A 109 ? 0.4194 0.3470 0.3426 0.0450  -0.0050 -0.0164 132 ARG A CZ  
711 N  NH1 . ARG A 109 ? 0.4155 0.3570 0.3346 0.0439  -0.0050 -0.0203 132 ARG A NH1 
712 N  NH2 . ARG A 109 ? 0.4428 0.3516 0.3531 0.0482  -0.0034 -0.0044 132 ARG A NH2 
713 N  N   . PHE A 110 ? 0.3120 0.2484 0.2828 0.0033  0.0095  -0.0275 133 PHE A N   
714 C  CA  . PHE A 110 ? 0.3061 0.2444 0.2853 -0.0039 0.0133  -0.0214 133 PHE A CA  
715 C  C   . PHE A 110 ? 0.2776 0.2269 0.2635 -0.0091 0.0102  -0.0271 133 PHE A C   
716 O  O   . PHE A 110 ? 0.2816 0.2392 0.2612 -0.0070 0.0086  -0.0321 133 PHE A O   
717 C  CB  . PHE A 110 ? 0.3067 0.2499 0.2793 -0.0016 0.0200  -0.0132 133 PHE A CB  
718 C  CG  . PHE A 110 ? 0.3252 0.2585 0.2840 0.0054  0.0216  -0.0075 133 PHE A CG  
719 C  CD1 . PHE A 110 ? 0.3652 0.2818 0.3234 0.0050  0.0237  0.0003  133 PHE A CD1 
720 C  CD2 . PHE A 110 ? 0.3258 0.2650 0.2715 0.0125  0.0201  -0.0094 133 PHE A CD2 
721 C  CE1 . PHE A 110 ? 0.3902 0.2951 0.3315 0.0130  0.0239  0.0075  133 PHE A CE1 
722 C  CE2 . PHE A 110 ? 0.3487 0.2788 0.2791 0.0204  0.0187  -0.0042 133 PHE A CE2 
723 C  CZ  . PHE A 110 ? 0.3760 0.2886 0.3028 0.0213  0.0206  0.0049  133 PHE A CZ  
724 N  N   . VAL A 111 ? 0.2893 0.2386 0.2892 -0.0161 0.0093  -0.0255 134 VAL A N   
725 C  CA  . VAL A 111 ? 0.3160 0.2766 0.3230 -0.0200 0.0049  -0.0290 134 VAL A CA  
726 C  C   . VAL A 111 ? 0.3042 0.2730 0.3280 -0.0240 0.0096  -0.0218 134 VAL A C   
727 O  O   . VAL A 111 ? 0.3187 0.2833 0.3570 -0.0298 0.0118  -0.0182 134 VAL A O   
728 C  CB  . VAL A 111 ? 0.3253 0.2808 0.3360 -0.0244 -0.0042 -0.0376 134 VAL A CB  
729 C  CG1 . VAL A 111 ? 0.4081 0.3750 0.4222 -0.0269 -0.0112 -0.0406 134 VAL A CG1 
730 C  CG2 . VAL A 111 ? 0.3211 0.2689 0.3160 -0.0197 -0.0063 -0.0455 134 VAL A CG2 
731 N  N   . LEU A 112 ? 0.2920 0.2721 0.3156 -0.0212 0.0120  -0.0198 135 LEU A N   
732 C  CA  . LEU A 112 ? 0.3313 0.3219 0.3728 -0.0232 0.0176  -0.0142 135 LEU A CA  
733 C  C   . LEU A 112 ? 0.3132 0.3144 0.3695 -0.0260 0.0080  -0.0184 135 LEU A C   
734 O  O   . LEU A 112 ? 0.2949 0.2974 0.3401 -0.0225 0.0010  -0.0223 135 LEU A O   
735 C  CB  . LEU A 112 ? 0.3943 0.3892 0.4266 -0.0166 0.0260  -0.0107 135 LEU A CB  
736 C  CG  . LEU A 112 ? 0.4421 0.4265 0.4543 -0.0122 0.0323  -0.0079 135 LEU A CG  
737 C  CD1 . LEU A 112 ? 0.5110 0.4998 0.5152 -0.0064 0.0404  -0.0057 135 LEU A CD1 
738 C  CD2 . LEU A 112 ? 0.5050 0.4794 0.5193 -0.0156 0.0373  -0.0017 135 LEU A CD2 
739 N  N   . LYS A 113 ? 0.3980 0.4059 0.4794 -0.0326 0.0073  -0.0171 136 LYS A N   
740 C  CA  . LYS A 113 ? 0.5082 0.5251 0.6067 -0.0367 -0.0058 -0.0227 136 LYS A CA  
741 C  C   . LYS A 113 ? 0.4815 0.5126 0.5866 -0.0307 -0.0078 -0.0212 136 LYS A C   
742 O  O   . LYS A 113 ? 0.4299 0.4676 0.5399 -0.0265 0.0034  -0.0158 136 LYS A O   
743 C  CB  . LYS A 113 ? 0.4634 0.4860 0.5932 -0.0466 -0.0053 -0.0219 136 LYS A CB  
744 N  N   . LEU A 114 ? 0.5463 0.5802 0.6484 -0.0294 -0.0224 -0.0263 137 LEU A N   
745 C  CA  . LEU A 114 ? 0.5429 0.5874 0.6501 -0.0226 -0.0278 -0.0247 137 LEU A CA  
746 C  C   . LEU A 114 ? 0.5890 0.6528 0.7325 -0.0228 -0.0219 -0.0210 137 LEU A C   
747 O  O   . LEU A 114 ? 0.6056 0.6813 0.7787 -0.0299 -0.0265 -0.0232 137 LEU A O   
748 C  CB  . LEU A 114 ? 0.4854 0.5301 0.5864 -0.0223 -0.0468 -0.0301 137 LEU A CB  
749 C  CG  . LEU A 114 ? 0.4979 0.5256 0.5621 -0.0215 -0.0522 -0.0342 137 LEU A CG  
750 C  CD1 . LEU A 114 ? 0.5706 0.5997 0.6324 -0.0234 -0.0713 -0.0411 137 LEU A CD1 
751 C  CD2 . LEU A 114 ? 0.4555 0.4757 0.4952 -0.0141 -0.0475 -0.0295 137 LEU A CD2 
752 N  N   . ARG A 115 ? 0.6778 0.7448 0.8201 -0.0152 -0.0112 -0.0166 138 ARG A N   
753 C  CA  A ARG A 115 ? 0.6698 0.7551 0.8435 -0.0132 -0.0013 -0.0135 138 ARG A CA  
754 C  CA  B ARG A 115 ? 0.7368 0.8226 0.9116 -0.0133 -0.0018 -0.0136 138 ARG A CA  
755 C  C   . ARG A 115 ? 0.7426 0.8379 0.9267 -0.0029 -0.0100 -0.0139 138 ARG A C   
756 O  O   . ARG A 115 ? 0.5153 0.5975 0.6733 0.0039  -0.0153 -0.0136 138 ARG A O   
757 C  CB  A ARG A 115 ? 0.6082 0.6874 0.7699 -0.0110 0.0191  -0.0092 138 ARG A CB  
758 C  CB  B ARG A 115 ? 0.7758 0.8566 0.9409 -0.0116 0.0189  -0.0092 138 ARG A CB  
759 C  CG  A ARG A 115 ? 0.5892 0.6471 0.7111 -0.0085 0.0210  -0.0095 138 ARG A CG  
760 C  CG  B ARG A 115 ? 0.8790 0.9502 1.0197 -0.0014 0.0234  -0.0090 138 ARG A CG  
761 C  CD  A ARG A 115 ? 0.5981 0.6520 0.7068 -0.0017 0.0358  -0.0074 138 ARG A CD  
762 C  CD  B ARG A 115 ? 0.9234 0.9828 1.0411 -0.0012 0.0383  -0.0068 138 ARG A CD  
763 N  NE  A ARG A 115 ? 0.5611 0.6242 0.6818 0.0070  0.0368  -0.0084 138 ARG A NE  
764 N  NE  B ARG A 115 ? 0.8405 0.8839 0.9336 -0.0058 0.0335  -0.0077 138 ARG A NE  
765 C  CZ  A ARG A 115 ? 0.4768 0.5370 0.5885 0.0146  0.0480  -0.0090 138 ARG A CZ  
766 C  CZ  B ARG A 115 ? 0.8048 0.8363 0.8754 -0.0051 0.0415  -0.0063 138 ARG A CZ  
767 N  NH1 A ARG A 115 ? 0.3983 0.4478 0.4869 0.0143  0.0584  -0.0084 138 ARG A NH1 
768 N  NH1 B ARG A 115 ? 0.8560 0.8882 0.9211 -0.0005 0.0547  -0.0040 138 ARG A NH1 
769 N  NH2 A ARG A 115 ? 0.4347 0.5022 0.5603 0.0233  0.0478  -0.0107 138 ARG A NH2 
770 N  NH2 B ARG A 115 ? 0.7561 0.7753 0.8092 -0.0081 0.0358  -0.0078 138 ARG A NH2 
771 O  OXT A ARG A 115 ? 0.7798 0.8962 0.9998 -0.0012 -0.0122 -0.0142 138 ARG A OXT 
772 O  OXT B ARG A 115 ? 0.7986 0.9148 1.0183 -0.0010 -0.0117 -0.0141 138 ARG A OXT 
# 
